data_7L2W
#
_entry.id   7L2W
#
_cell.length_a   1.00
_cell.length_b   1.00
_cell.length_c   1.00
_cell.angle_alpha   90.00
_cell.angle_beta   90.00
_cell.angle_gamma   90.00
#
_symmetry.space_group_name_H-M   'P 1'
#
loop_
_entity.id
_entity.type
_entity.pdbx_description
1 polymer 'Transient receptor potential cation channel subfamily V member 1'
2 non-polymer resiniferatoxin
3 non-polymer '(10R,13S)-16-amino-13-hydroxy-7,13-dioxo-8,12,14-trioxa-13lambda~5~-phosphahexadecan-10-yl hexadecanoate'
4 non-polymer 'SODIUM ION'
5 water water
#
_entity_poly.entity_id   1
_entity_poly.type   'polypeptide(L)'
_entity_poly.pdbx_seq_one_letter_code
;GAMGSRLYDRRSIFDAVAQSNCQELESLLPFLQRSKKRLTDSEFKDPETGKTCLLKAMLNLHNGQNDTIALLLDVARKTD
SLKQFVNASYTDSYYKGQTALHIAIERRNMTLVTLLVENGADVQAAANGDFFKKTKGRPGFYFGELPLSLAACTNQLAIV
KFLLQNSWQPADISARDSVGNTVLHALVEVADNTVDNTKFVTSMYNEILILGAKLHPTLKLEEITNRKGLTPLALAASSG
KIGVLAYILQREIHEPECRHLSRKFTEWAYGPVHSSLYDLSCIDTCEKNSVLEVIAYSSSETPNRHDMLLVEPLNRLLQD
KWDRFVKRIFYFNFFVYCLYMIIFTAAAYYRPVEGLPPYKLKNTVGDYFRVTGEILSVSGGVYFFFRGIQYFLQRRPSLK
SLFVDSYSEILFFVQSLFMLVSVVLYFSQRKEYVASMVFSLAMGWTNMLYYTRGFQQMGIYAVMIEKMILRDLCRFMFVY
LVFLFGFSTAVVTLIEDGKYNSLYSTCLELFKFTIGMGDLEFTENYDFKAVFIILLLAYVILTYILLLNMLIALMGETVN
KIAQESKNIWKLQRAITILDTEKSFLKCMRKAFRSGKLLQVGFTPDGKDDYRWCFRVDEVNWTTWNTNVGIINEDPG
;
_entity_poly.pdbx_strand_id   A,D,B,C
#
loop_
_chem_comp.id
_chem_comp.type
_chem_comp.name
_chem_comp.formula
6EU non-polymer resiniferatoxin 'C37 H40 O9'
6IY non-polymer '(10R,13S)-16-amino-13-hydroxy-7,13-dioxo-8,12,14-trioxa-13lambda~5~-phosphahexadecan-10-yl hexadecanoate' 'C28 H56 N O8 P'
NA non-polymer 'SODIUM ION' 'Na 1'
#
# COMPACT_ATOMS: atom_id res chain seq x y z
N SER A 89 -29.56 52.57 -3.03
CA SER A 89 -28.65 51.46 -3.26
C SER A 89 -27.22 51.81 -2.87
N TYR A 90 -26.42 50.79 -2.58
CA TYR A 90 -25.02 51.00 -2.22
C TYR A 90 -24.27 51.61 -3.40
N THR A 91 -23.43 52.61 -3.12
CA THR A 91 -22.68 53.33 -4.14
C THR A 91 -21.18 53.00 -4.16
N ASP A 92 -20.68 52.21 -3.22
CA ASP A 92 -19.26 51.92 -3.16
C ASP A 92 -18.88 50.89 -4.22
N SER A 93 -17.60 50.56 -4.28
CA SER A 93 -17.08 49.63 -5.27
C SER A 93 -17.35 48.17 -4.94
N TYR A 94 -17.83 47.87 -3.73
CA TYR A 94 -17.95 46.50 -3.23
C TYR A 94 -19.37 45.97 -3.29
N TYR A 95 -20.35 46.77 -2.86
CA TYR A 95 -21.75 46.37 -2.81
C TYR A 95 -22.58 47.03 -3.92
N LYS A 96 -21.94 47.53 -4.98
CA LYS A 96 -22.53 48.41 -5.98
C LYS A 96 -23.84 47.87 -6.56
N GLY A 97 -24.91 48.63 -6.38
CA GLY A 97 -26.19 48.29 -6.94
C GLY A 97 -27.08 47.45 -6.06
N GLN A 98 -26.58 46.97 -4.92
CA GLN A 98 -27.42 46.20 -4.01
C GLN A 98 -28.52 47.10 -3.48
N THR A 99 -29.72 46.53 -3.31
CA THR A 99 -30.88 47.26 -2.79
C THR A 99 -31.57 46.42 -1.73
N ALA A 100 -32.66 46.96 -1.20
CA ALA A 100 -33.39 46.30 -0.12
C ALA A 100 -33.99 44.98 -0.58
N LEU A 101 -34.39 44.88 -1.85
CA LEU A 101 -35.03 43.67 -2.34
C LEU A 101 -34.06 42.49 -2.31
N HIS A 102 -32.80 42.71 -2.67
CA HIS A 102 -31.81 41.65 -2.59
C HIS A 102 -31.64 41.17 -1.15
N ILE A 103 -31.59 42.10 -0.20
CA ILE A 103 -31.43 41.74 1.21
C ILE A 103 -32.65 40.95 1.68
N ALA A 104 -33.83 41.41 1.30
CA ALA A 104 -35.06 40.73 1.68
C ALA A 104 -35.10 39.31 1.15
N ILE A 105 -34.67 39.13 -0.10
CA ILE A 105 -34.69 37.80 -0.70
C ILE A 105 -33.66 36.91 -0.04
N GLU A 106 -32.49 37.48 0.28
CA GLU A 106 -31.48 36.71 1.03
C GLU A 106 -31.99 36.33 2.40
N ARG A 107 -32.71 37.24 3.05
CA ARG A 107 -33.25 36.98 4.38
C ARG A 107 -34.42 36.01 4.37
N ARG A 108 -34.90 35.58 3.21
CA ARG A 108 -36.02 34.64 3.10
C ARG A 108 -37.27 35.19 3.76
N ASN A 109 -37.47 36.50 3.62
CA ASN A 109 -38.57 37.22 4.25
C ASN A 109 -39.58 37.54 3.15
N MET A 110 -40.61 36.70 3.04
CA MET A 110 -41.61 36.87 1.99
C MET A 110 -42.34 38.19 2.13
N THR A 111 -42.55 38.65 3.37
CA THR A 111 -43.36 39.84 3.61
C THR A 111 -42.72 41.08 3.03
N LEU A 112 -41.42 41.26 3.28
CA LEU A 112 -40.72 42.44 2.78
C LEU A 112 -40.67 42.45 1.26
N VAL A 113 -40.49 41.28 0.66
CA VAL A 113 -40.50 41.17 -0.79
C VAL A 113 -41.85 41.59 -1.34
N THR A 114 -42.92 41.12 -0.71
CA THR A 114 -44.26 41.51 -1.13
C THR A 114 -44.46 43.01 -1.01
N LEU A 115 -44.01 43.59 0.10
CA LEU A 115 -44.18 45.03 0.32
C LEU A 115 -43.39 45.84 -0.71
N LEU A 116 -42.15 45.43 -0.97
CA LEU A 116 -41.32 46.21 -1.88
C LEU A 116 -41.83 46.12 -3.31
N VAL A 117 -42.17 44.90 -3.77
CA VAL A 117 -42.71 44.74 -5.11
C VAL A 117 -44.04 45.47 -5.24
N GLU A 118 -44.83 45.49 -4.17
CA GLU A 118 -46.09 46.23 -4.17
C GLU A 118 -45.85 47.73 -4.36
N ASN A 119 -44.79 48.25 -3.77
CA ASN A 119 -44.49 49.68 -3.86
C ASN A 119 -43.72 50.05 -5.12
N GLY A 120 -43.61 49.15 -6.10
CA GLY A 120 -42.98 49.45 -7.36
C GLY A 120 -41.50 49.19 -7.40
N ALA A 121 -40.98 48.34 -6.52
CA ALA A 121 -39.56 48.04 -6.49
C ALA A 121 -39.13 47.37 -7.78
N ASP A 122 -37.93 47.73 -8.24
CA ASP A 122 -37.42 47.23 -9.52
C ASP A 122 -36.94 45.80 -9.33
N VAL A 123 -37.62 44.85 -9.98
CA VAL A 123 -37.23 43.44 -9.91
C VAL A 123 -36.13 43.08 -10.91
N GLN A 124 -35.66 44.02 -11.73
CA GLN A 124 -34.55 43.81 -12.66
C GLN A 124 -33.38 44.74 -12.36
N ALA A 125 -33.21 45.11 -11.11
CA ALA A 125 -31.98 45.80 -10.72
C ALA A 125 -30.79 44.87 -10.85
N ALA A 126 -29.62 45.45 -11.16
CA ALA A 126 -28.36 44.72 -11.27
C ALA A 126 -27.49 45.08 -10.08
N ALA A 127 -27.11 44.09 -9.29
CA ALA A 127 -26.17 44.26 -8.18
C ALA A 127 -24.81 43.76 -8.63
N ASN A 128 -23.92 44.70 -8.98
CA ASN A 128 -22.72 44.43 -9.76
C ASN A 128 -21.46 45.01 -9.12
N GLY A 129 -21.38 44.98 -7.79
CA GLY A 129 -20.13 45.26 -7.11
C GLY A 129 -19.18 44.08 -7.13
N ASP A 130 -17.97 44.30 -6.62
CA ASP A 130 -16.97 43.25 -6.60
C ASP A 130 -17.39 42.06 -5.74
N PHE A 131 -18.23 42.29 -4.74
CA PHE A 131 -18.72 41.17 -3.95
C PHE A 131 -19.60 40.24 -4.76
N PHE A 132 -20.21 40.73 -5.84
CA PHE A 132 -21.24 40.03 -6.59
C PHE A 132 -20.80 39.51 -7.95
N LYS A 133 -19.56 39.72 -8.36
CA LYS A 133 -19.05 39.26 -9.65
C LYS A 133 -18.29 37.95 -9.50
N LYS A 134 -18.10 37.28 -10.62
CA LYS A 134 -17.29 36.06 -10.66
C LYS A 134 -15.84 36.41 -10.38
N THR A 135 -15.23 35.69 -9.44
CA THR A 135 -13.84 35.93 -9.08
C THR A 135 -13.26 34.67 -8.48
N LYS A 136 -11.94 34.53 -8.63
CA LYS A 136 -11.20 33.36 -8.17
C LYS A 136 -10.47 33.62 -6.86
N GLY A 137 -9.67 34.69 -6.82
CA GLY A 137 -8.86 35.04 -5.67
C GLY A 137 -9.49 36.06 -4.76
N ARG A 138 -10.77 35.87 -4.42
CA ARG A 138 -11.43 36.77 -3.50
C ARG A 138 -12.70 36.09 -2.99
N PRO A 139 -13.00 36.12 -1.69
CA PRO A 139 -14.31 35.60 -1.28
C PRO A 139 -15.41 36.49 -1.81
N GLY A 140 -16.50 35.87 -2.22
CA GLY A 140 -17.57 36.60 -2.85
C GLY A 140 -18.76 35.68 -3.02
N PHE A 141 -19.82 36.25 -3.57
CA PHE A 141 -21.07 35.51 -3.77
C PHE A 141 -21.62 35.98 -5.10
N TYR A 142 -21.34 35.22 -6.15
CA TYR A 142 -21.91 35.47 -7.47
C TYR A 142 -23.23 34.73 -7.59
N PHE A 143 -24.24 35.42 -8.10
CA PHE A 143 -25.56 34.84 -8.30
C PHE A 143 -26.22 35.28 -9.60
N GLY A 144 -25.58 36.13 -10.41
CA GLY A 144 -26.17 36.68 -11.61
C GLY A 144 -26.71 38.09 -11.48
N GLU A 145 -26.49 38.75 -10.33
CA GLU A 145 -26.72 40.18 -10.15
C GLU A 145 -28.18 40.61 -10.10
N LEU A 146 -29.16 39.68 -10.34
CA LEU A 146 -30.58 40.02 -10.43
C LEU A 146 -31.39 39.40 -9.28
N PRO A 147 -32.48 40.04 -8.82
CA PRO A 147 -33.28 39.42 -7.73
C PRO A 147 -33.86 38.07 -8.07
N LEU A 148 -34.27 37.86 -9.33
CA LEU A 148 -34.86 36.58 -9.71
C LEU A 148 -33.83 35.46 -9.58
N SER A 149 -32.63 35.70 -10.08
CA SER A 149 -31.57 34.72 -9.94
C SER A 149 -31.20 34.49 -8.47
N LEU A 150 -31.23 35.55 -7.66
CA LEU A 150 -30.93 35.38 -6.24
C LEU A 150 -31.99 34.52 -5.56
N ALA A 151 -33.26 34.76 -5.88
CA ALA A 151 -34.34 33.98 -5.30
C ALA A 151 -34.22 32.52 -5.70
N ALA A 152 -33.89 32.25 -6.95
CA ALA A 152 -33.68 30.87 -7.37
C ALA A 152 -32.47 30.26 -6.66
N CYS A 153 -31.38 31.03 -6.56
CA CYS A 153 -30.13 30.47 -6.06
C CYS A 153 -30.21 30.10 -4.59
N THR A 154 -30.95 30.87 -3.79
CA THR A 154 -31.05 30.62 -2.36
C THR A 154 -32.07 29.55 -1.99
N ASN A 155 -32.72 28.91 -2.99
CA ASN A 155 -33.75 27.90 -2.77
C ASN A 155 -34.98 28.50 -2.12
N GLN A 156 -35.54 29.51 -2.78
CA GLN A 156 -36.82 30.11 -2.41
C GLN A 156 -37.72 30.05 -3.64
N LEU A 157 -38.41 28.92 -3.80
CA LEU A 157 -39.27 28.77 -4.97
C LEU A 157 -40.46 29.72 -4.92
N ALA A 158 -40.96 30.00 -3.71
CA ALA A 158 -42.13 30.86 -3.58
C ALA A 158 -41.85 32.26 -4.08
N ILE A 159 -40.67 32.79 -3.78
CA ILE A 159 -40.37 34.15 -4.23
C ILE A 159 -40.17 34.17 -5.73
N VAL A 160 -39.63 33.10 -6.30
CA VAL A 160 -39.51 33.02 -7.75
C VAL A 160 -40.89 33.06 -8.39
N LYS A 161 -41.81 32.27 -7.85
CA LYS A 161 -43.18 32.25 -8.39
C LYS A 161 -43.82 33.61 -8.24
N PHE A 162 -43.63 34.25 -7.09
CA PHE A 162 -44.24 35.56 -6.84
C PHE A 162 -43.65 36.61 -7.77
N LEU A 163 -42.33 36.59 -7.97
CA LEU A 163 -41.70 37.57 -8.84
C LEU A 163 -42.16 37.41 -10.28
N LEU A 164 -42.29 36.18 -10.75
CA LEU A 164 -42.69 35.96 -12.13
C LEU A 164 -44.17 36.23 -12.35
N GLN A 165 -45.02 35.83 -11.37
CA GLN A 165 -46.45 35.71 -11.58
C GLN A 165 -47.27 36.86 -10.99
N ASN A 166 -46.71 37.66 -10.08
CA ASN A 166 -47.44 38.82 -9.60
C ASN A 166 -47.50 39.90 -10.67
N SER A 167 -48.57 40.70 -10.62
CA SER A 167 -48.88 41.68 -11.66
C SER A 167 -48.30 43.06 -11.40
N TRP A 168 -47.87 43.35 -10.17
CA TRP A 168 -47.37 44.69 -9.87
C TRP A 168 -46.13 45.02 -10.68
N GLN A 169 -45.20 44.07 -10.78
CA GLN A 169 -43.97 44.27 -11.51
C GLN A 169 -43.41 42.90 -11.86
N PRO A 170 -43.84 42.28 -12.97
CA PRO A 170 -43.36 40.93 -13.28
C PRO A 170 -41.89 40.89 -13.65
N ALA A 171 -41.25 39.79 -13.31
CA ALA A 171 -39.83 39.60 -13.56
C ALA A 171 -39.60 38.95 -14.91
N ASP A 172 -38.54 39.38 -15.59
CA ASP A 172 -38.18 38.84 -16.90
C ASP A 172 -37.36 37.59 -16.68
N ILE A 173 -37.95 36.44 -17.00
CA ILE A 173 -37.26 35.16 -16.86
C ILE A 173 -36.07 35.05 -17.78
N SER A 174 -36.02 35.82 -18.87
CA SER A 174 -34.96 35.75 -19.86
C SER A 174 -33.89 36.81 -19.66
N ALA A 175 -33.89 37.51 -18.54
CA ALA A 175 -32.92 38.59 -18.34
C ALA A 175 -31.51 38.04 -18.22
N ARG A 176 -30.55 38.83 -18.71
CA ARG A 176 -29.13 38.51 -18.66
C ARG A 176 -28.38 39.60 -17.92
N ASP A 177 -27.36 39.18 -17.19
CA ASP A 177 -26.54 40.07 -16.38
C ASP A 177 -25.43 40.66 -17.25
N SER A 178 -24.43 41.26 -16.61
CA SER A 178 -23.29 41.77 -17.36
C SER A 178 -22.54 40.66 -18.06
N VAL A 179 -22.40 39.50 -17.40
CA VAL A 179 -21.73 38.35 -17.99
C VAL A 179 -22.54 37.70 -19.11
N GLY A 180 -23.80 38.09 -19.28
CA GLY A 180 -24.69 37.40 -20.17
C GLY A 180 -25.40 36.22 -19.55
N ASN A 181 -25.15 35.93 -18.27
CA ASN A 181 -25.75 34.76 -17.66
C ASN A 181 -27.21 35.00 -17.36
N THR A 182 -28.03 34.03 -17.76
CA THR A 182 -29.41 33.91 -17.36
C THR A 182 -29.46 33.19 -16.01
N VAL A 183 -30.68 32.97 -15.53
CA VAL A 183 -30.87 32.31 -14.24
C VAL A 183 -30.33 30.89 -14.30
N LEU A 184 -30.49 30.23 -15.45
CA LEU A 184 -30.05 28.85 -15.55
C LEU A 184 -28.54 28.75 -15.52
N HIS A 185 -27.85 29.70 -16.15
CA HIS A 185 -26.39 29.75 -16.03
C HIS A 185 -25.97 29.95 -14.58
N ALA A 186 -26.67 30.84 -13.89
CA ALA A 186 -26.37 31.08 -12.49
C ALA A 186 -26.56 29.82 -11.66
N LEU A 187 -27.64 29.08 -11.93
CA LEU A 187 -27.86 27.85 -11.18
C LEU A 187 -26.80 26.82 -11.49
N VAL A 188 -26.35 26.77 -12.74
CA VAL A 188 -25.28 25.84 -13.11
C VAL A 188 -24.03 26.18 -12.31
N GLU A 189 -23.71 27.47 -12.22
CA GLU A 189 -22.44 27.86 -11.62
C GLU A 189 -22.37 27.54 -10.13
N VAL A 190 -23.49 27.64 -9.41
CA VAL A 190 -23.48 27.44 -7.97
C VAL A 190 -23.69 25.97 -7.60
N ALA A 191 -23.44 25.06 -8.53
CA ALA A 191 -23.38 23.65 -8.20
C ALA A 191 -22.02 23.31 -7.61
N ASP A 192 -21.98 22.21 -6.86
CA ASP A 192 -20.72 21.68 -6.36
C ASP A 192 -20.68 20.15 -6.31
N ASN A 193 -21.57 19.47 -7.04
CA ASN A 193 -21.49 18.01 -7.24
C ASN A 193 -21.73 17.21 -5.96
N THR A 194 -22.33 17.83 -4.94
CA THR A 194 -22.74 17.11 -3.74
C THR A 194 -24.21 16.73 -3.86
N VAL A 195 -24.62 15.76 -3.02
CA VAL A 195 -25.95 15.17 -3.16
C VAL A 195 -27.03 16.20 -2.90
N ASP A 196 -26.91 16.91 -1.77
CA ASP A 196 -27.99 17.80 -1.36
C ASP A 196 -28.06 19.01 -2.29
N ASN A 197 -26.89 19.58 -2.60
CA ASN A 197 -26.84 20.69 -3.53
C ASN A 197 -27.37 20.29 -4.89
N THR A 198 -27.01 19.10 -5.35
CA THR A 198 -27.51 18.63 -6.64
C THR A 198 -29.02 18.53 -6.63
N LYS A 199 -29.60 18.04 -5.54
CA LYS A 199 -31.06 18.00 -5.43
C LYS A 199 -31.65 19.40 -5.50
N PHE A 200 -31.07 20.34 -4.74
CA PHE A 200 -31.59 21.71 -4.71
C PHE A 200 -31.55 22.33 -6.10
N VAL A 201 -30.38 22.27 -6.73
CA VAL A 201 -30.16 22.99 -7.97
C VAL A 201 -30.97 22.37 -9.08
N THR A 202 -30.99 21.04 -9.15
CA THR A 202 -31.77 20.35 -10.17
C THR A 202 -33.25 20.66 -10.03
N SER A 203 -33.76 20.62 -8.80
CA SER A 203 -35.18 20.86 -8.58
C SER A 203 -35.55 22.27 -9.00
N MET A 204 -34.76 23.26 -8.57
CA MET A 204 -35.09 24.64 -8.90
C MET A 204 -34.97 24.88 -10.40
N TYR A 205 -34.00 24.25 -11.03
CA TYR A 205 -33.86 24.30 -12.49
C TYR A 205 -35.13 23.84 -13.17
N ASN A 206 -35.62 22.67 -12.76
CA ASN A 206 -36.79 22.10 -13.41
C ASN A 206 -38.03 22.95 -13.21
N GLU A 207 -38.21 23.46 -11.99
CA GLU A 207 -39.39 24.29 -11.72
C GLU A 207 -39.33 25.59 -12.51
N ILE A 208 -38.14 26.16 -12.66
CA ILE A 208 -38.02 27.35 -13.48
C ILE A 208 -38.39 27.04 -14.92
N LEU A 209 -38.01 25.85 -15.39
CA LEU A 209 -38.34 25.49 -16.77
C LEU A 209 -39.83 25.34 -16.96
N ILE A 210 -40.52 24.73 -16.00
CA ILE A 210 -41.97 24.60 -16.09
C ILE A 210 -42.63 25.97 -16.10
N LEU A 211 -42.19 26.87 -15.21
CA LEU A 211 -42.77 28.21 -15.16
C LEU A 211 -42.52 28.97 -16.46
N GLY A 212 -41.34 28.80 -17.04
CA GLY A 212 -41.06 29.44 -18.31
C GLY A 212 -41.95 28.93 -19.41
N ALA A 213 -42.17 27.60 -19.45
CA ALA A 213 -43.02 27.03 -20.48
C ALA A 213 -44.45 27.51 -20.35
N LYS A 214 -44.95 27.62 -19.13
CA LYS A 214 -46.31 28.08 -18.94
C LYS A 214 -46.45 29.56 -19.28
N LEU A 215 -45.50 30.38 -18.82
CA LEU A 215 -45.65 31.81 -18.98
C LEU A 215 -45.30 32.25 -20.40
N HIS A 216 -44.29 31.64 -20.99
CA HIS A 216 -43.79 32.01 -22.32
C HIS A 216 -43.55 30.73 -23.11
N PRO A 217 -44.62 30.11 -23.64
CA PRO A 217 -44.44 28.86 -24.40
C PRO A 217 -43.55 28.99 -25.62
N THR A 218 -43.42 30.19 -26.18
CA THR A 218 -42.58 30.44 -27.35
C THR A 218 -41.14 30.76 -27.01
N LEU A 219 -40.75 30.65 -25.73
CA LEU A 219 -39.42 31.00 -25.26
C LEU A 219 -38.61 29.73 -25.03
N LYS A 220 -37.37 29.72 -25.49
CA LYS A 220 -36.43 28.63 -25.29
C LYS A 220 -35.27 29.14 -24.45
N LEU A 221 -35.38 28.97 -23.14
CA LEU A 221 -34.34 29.45 -22.24
C LEU A 221 -33.02 28.74 -22.46
N GLU A 222 -33.06 27.43 -22.71
CA GLU A 222 -31.84 26.65 -22.72
C GLU A 222 -30.93 26.97 -23.90
N GLU A 223 -31.45 27.62 -24.95
CA GLU A 223 -30.61 28.04 -26.06
C GLU A 223 -29.90 29.36 -25.82
N ILE A 224 -30.25 30.10 -24.78
CA ILE A 224 -29.69 31.43 -24.60
C ILE A 224 -28.24 31.29 -24.18
N THR A 225 -27.34 31.94 -24.91
CA THR A 225 -25.92 31.88 -24.64
C THR A 225 -25.47 33.10 -23.86
N ASN A 226 -24.57 32.88 -22.92
CA ASN A 226 -23.96 33.97 -22.18
C ASN A 226 -22.87 34.59 -23.06
N ARG A 227 -22.11 35.51 -22.49
CA ARG A 227 -21.19 36.31 -23.30
C ARG A 227 -20.06 35.46 -23.88
N LYS A 228 -19.71 34.37 -23.23
CA LYS A 228 -18.74 33.44 -23.79
C LYS A 228 -19.34 32.52 -24.85
N GLY A 229 -20.61 32.69 -25.20
CA GLY A 229 -21.23 31.82 -26.17
C GLY A 229 -21.71 30.51 -25.62
N LEU A 230 -21.77 30.36 -24.30
CA LEU A 230 -22.08 29.08 -23.67
C LEU A 230 -23.54 29.06 -23.25
N THR A 231 -24.21 27.98 -23.60
CA THR A 231 -25.52 27.66 -23.08
C THR A 231 -25.35 27.09 -21.68
N PRO A 232 -26.44 26.92 -20.94
CA PRO A 232 -26.32 26.24 -19.64
C PRO A 232 -25.73 24.86 -19.72
N LEU A 233 -26.03 24.11 -20.78
CA LEU A 233 -25.46 22.78 -20.89
C LEU A 233 -23.96 22.84 -21.17
N ALA A 234 -23.56 23.71 -22.10
CA ALA A 234 -22.14 23.86 -22.40
C ALA A 234 -21.39 24.36 -21.17
N LEU A 235 -21.99 25.27 -20.42
CA LEU A 235 -21.36 25.77 -19.22
C LEU A 235 -21.20 24.68 -18.18
N ALA A 236 -22.23 23.85 -18.01
CA ALA A 236 -22.15 22.78 -17.04
C ALA A 236 -21.07 21.79 -17.41
N ALA A 237 -20.96 21.47 -18.70
CA ALA A 237 -19.91 20.57 -19.16
C ALA A 237 -18.54 21.19 -18.95
N SER A 238 -18.43 22.49 -19.22
CA SER A 238 -17.16 23.19 -19.09
C SER A 238 -16.66 23.18 -17.66
N SER A 239 -17.54 23.46 -16.71
CA SER A 239 -17.09 23.56 -15.33
C SER A 239 -16.99 22.22 -14.63
N GLY A 240 -17.38 21.12 -15.26
CA GLY A 240 -17.30 19.84 -14.60
C GLY A 240 -18.43 19.52 -13.66
N LYS A 241 -19.59 20.12 -13.88
CA LYS A 241 -20.76 19.86 -13.04
C LYS A 241 -21.36 18.53 -13.49
N ILE A 242 -20.86 17.45 -12.88
CA ILE A 242 -21.32 16.11 -13.23
C ILE A 242 -22.79 15.92 -12.90
N GLY A 243 -23.25 16.46 -11.77
CA GLY A 243 -24.62 16.23 -11.37
C GLY A 243 -25.62 16.91 -12.29
N VAL A 244 -25.37 18.19 -12.59
CA VAL A 244 -26.25 18.95 -13.46
C VAL A 244 -26.24 18.36 -14.86
N LEU A 245 -25.07 17.95 -15.34
CA LEU A 245 -24.98 17.34 -16.67
C LEU A 245 -25.79 16.05 -16.71
N ALA A 246 -25.57 15.18 -15.74
CA ALA A 246 -26.27 13.90 -15.72
C ALA A 246 -27.77 14.10 -15.63
N TYR A 247 -28.19 15.12 -14.89
CA TYR A 247 -29.62 15.46 -14.87
C TYR A 247 -30.10 15.91 -16.24
N ILE A 248 -29.40 16.84 -16.88
CA ILE A 248 -29.94 17.47 -18.08
C ILE A 248 -30.02 16.45 -19.21
N LEU A 249 -28.96 15.67 -19.40
CA LEU A 249 -28.96 14.72 -20.52
C LEU A 249 -30.04 13.67 -20.38
N GLN A 250 -30.33 13.27 -19.14
CA GLN A 250 -31.28 12.20 -18.84
C GLN A 250 -32.61 12.77 -18.36
N ARG A 251 -32.99 13.94 -18.87
CA ARG A 251 -34.21 14.59 -18.41
C ARG A 251 -35.43 13.95 -19.04
N GLU A 252 -36.39 13.57 -18.19
CA GLU A 252 -37.66 13.03 -18.62
C GLU A 252 -38.72 13.59 -17.69
N ILE A 253 -39.68 14.31 -18.25
CA ILE A 253 -40.75 14.97 -17.50
C ILE A 253 -42.06 14.28 -17.86
N HIS A 254 -42.57 13.48 -16.93
CA HIS A 254 -43.83 12.76 -17.14
C HIS A 254 -44.99 13.66 -16.74
N GLU A 255 -45.29 14.60 -17.63
CA GLU A 255 -46.39 15.52 -17.45
C GLU A 255 -46.81 15.93 -18.86
N PRO A 256 -48.11 15.98 -19.17
CA PRO A 256 -48.51 16.46 -20.50
C PRO A 256 -48.31 17.96 -20.59
N GLU A 257 -48.40 18.46 -21.83
CA GLU A 257 -48.33 19.89 -22.16
C GLU A 257 -46.94 20.50 -22.01
N CYS A 258 -45.96 19.74 -21.54
CA CYS A 258 -44.58 20.20 -21.39
C CYS A 258 -43.59 19.06 -21.63
N ARG A 259 -44.00 18.02 -22.36
CA ARG A 259 -43.08 16.95 -22.71
C ARG A 259 -42.01 17.41 -23.68
N HIS A 260 -42.22 18.53 -24.37
CA HIS A 260 -41.17 19.06 -25.24
C HIS A 260 -39.94 19.51 -24.45
N LEU A 261 -40.05 19.71 -23.14
CA LEU A 261 -38.89 19.97 -22.31
C LEU A 261 -38.12 18.71 -21.96
N SER A 262 -38.64 17.52 -22.27
CA SER A 262 -37.86 16.32 -22.02
C SER A 262 -36.77 16.18 -23.08
N ARG A 263 -35.76 15.40 -22.72
CA ARG A 263 -34.76 14.93 -23.67
C ARG A 263 -34.69 13.42 -23.76
N LYS A 264 -35.04 12.71 -22.70
CA LYS A 264 -35.09 11.25 -22.69
C LYS A 264 -36.53 10.83 -22.90
N PHE A 265 -36.74 9.83 -23.76
CA PHE A 265 -38.08 9.39 -24.15
C PHE A 265 -38.14 7.88 -24.08
N THR A 266 -38.60 7.34 -22.97
CA THR A 266 -38.61 5.90 -22.77
C THR A 266 -39.66 5.30 -23.67
N GLU A 267 -39.24 4.62 -24.75
CA GLU A 267 -40.22 4.02 -25.63
C GLU A 267 -40.81 2.75 -25.05
N TRP A 268 -40.01 1.88 -24.44
CA TRP A 268 -40.61 0.69 -23.85
C TRP A 268 -39.68 0.09 -22.82
N ALA A 269 -40.22 -0.88 -22.09
CA ALA A 269 -39.46 -1.59 -21.08
C ALA A 269 -39.96 -3.01 -20.97
N TYR A 270 -39.02 -3.92 -20.76
CA TYR A 270 -39.22 -5.31 -20.36
C TYR A 270 -38.55 -5.43 -19.01
N GLY A 271 -38.38 -6.67 -18.53
CA GLY A 271 -37.91 -6.93 -17.18
C GLY A 271 -36.64 -6.21 -16.76
N PRO A 272 -35.50 -6.60 -17.33
CA PRO A 272 -34.25 -5.88 -17.08
C PRO A 272 -33.87 -4.84 -18.14
N VAL A 273 -34.55 -4.85 -19.28
CA VAL A 273 -34.18 -4.04 -20.44
C VAL A 273 -35.16 -2.88 -20.54
N HIS A 274 -34.69 -1.75 -21.07
CA HIS A 274 -35.60 -0.70 -21.50
C HIS A 274 -34.94 0.12 -22.59
N SER A 275 -35.77 0.62 -23.51
CA SER A 275 -35.32 1.37 -24.67
C SER A 275 -35.88 2.77 -24.62
N SER A 276 -35.00 3.74 -24.80
CA SER A 276 -35.37 5.14 -24.85
C SER A 276 -34.66 5.81 -26.01
N LEU A 277 -35.12 7.00 -26.34
CA LEU A 277 -34.46 7.88 -27.28
C LEU A 277 -33.92 9.09 -26.53
N TYR A 278 -32.71 9.51 -26.90
CA TYR A 278 -32.08 10.69 -26.32
C TYR A 278 -31.98 11.79 -27.36
N ASP A 279 -32.16 13.02 -26.90
CA ASP A 279 -32.42 14.12 -27.82
C ASP A 279 -31.23 14.43 -28.71
N LEU A 280 -30.02 14.38 -28.15
CA LEU A 280 -28.76 14.54 -28.87
C LEU A 280 -28.48 15.95 -29.38
N SER A 281 -29.42 16.88 -29.26
CA SER A 281 -29.24 18.15 -29.92
C SER A 281 -28.15 18.98 -29.24
N CYS A 282 -27.23 19.49 -30.03
CA CYS A 282 -26.06 20.23 -29.57
C CYS A 282 -25.18 19.40 -28.64
N ILE A 283 -25.12 18.09 -28.87
CA ILE A 283 -24.12 17.24 -28.24
C ILE A 283 -22.90 17.09 -29.13
N ASP A 284 -23.14 16.84 -30.43
CA ASP A 284 -22.10 16.54 -31.40
C ASP A 284 -22.07 17.54 -32.54
N THR A 285 -23.23 17.93 -33.04
CA THR A 285 -23.36 18.97 -34.07
C THR A 285 -24.12 20.13 -33.44
N CYS A 286 -23.38 21.14 -33.02
CA CYS A 286 -23.94 22.32 -32.34
C CYS A 286 -23.72 23.60 -33.11
N GLU A 287 -22.63 23.70 -33.88
CA GLU A 287 -22.24 24.85 -34.68
C GLU A 287 -21.73 26.03 -33.87
N LYS A 288 -21.75 25.97 -32.53
CA LYS A 288 -21.00 26.90 -31.70
C LYS A 288 -20.01 26.17 -30.81
N ASN A 289 -20.48 25.37 -29.85
CA ASN A 289 -19.56 24.76 -28.87
C ASN A 289 -20.29 23.56 -28.26
N SER A 290 -20.04 22.39 -28.82
CA SER A 290 -20.80 21.21 -28.45
C SER A 290 -20.28 20.63 -27.14
N VAL A 291 -21.04 19.66 -26.61
CA VAL A 291 -20.67 19.10 -25.32
C VAL A 291 -19.36 18.35 -25.41
N LEU A 292 -19.19 17.55 -26.45
CA LEU A 292 -18.02 16.68 -26.54
C LEU A 292 -16.76 17.50 -26.76
N GLU A 293 -16.86 18.57 -27.54
CA GLU A 293 -15.74 19.48 -27.69
C GLU A 293 -15.34 20.06 -26.36
N VAL A 294 -16.32 20.46 -25.56
CA VAL A 294 -16.01 21.13 -24.31
C VAL A 294 -15.39 20.15 -23.32
N ILE A 295 -15.90 18.91 -23.27
CA ILE A 295 -15.31 17.94 -22.36
C ILE A 295 -13.90 17.59 -22.81
N ALA A 296 -13.71 17.36 -24.12
CA ALA A 296 -12.42 16.89 -24.61
C ALA A 296 -11.35 17.94 -24.43
N TYR A 297 -11.59 19.16 -24.90
CA TYR A 297 -10.61 20.23 -24.85
C TYR A 297 -10.65 21.02 -23.55
N SER A 298 -11.18 20.42 -22.49
CA SER A 298 -11.06 21.06 -21.19
C SER A 298 -9.60 21.07 -20.76
N SER A 299 -9.29 21.92 -19.80
CA SER A 299 -7.92 22.28 -19.49
C SER A 299 -7.28 21.39 -18.45
N SER A 300 -7.79 20.18 -18.23
CA SER A 300 -7.24 19.19 -17.30
C SER A 300 -7.40 19.57 -15.84
N GLU A 301 -7.95 20.74 -15.51
CA GLU A 301 -8.22 21.18 -14.16
C GLU A 301 -9.67 20.95 -13.75
N THR A 302 -10.55 20.77 -14.73
CA THR A 302 -11.95 20.50 -14.47
C THR A 302 -12.09 19.21 -13.65
N PRO A 303 -12.84 19.21 -12.53
CA PRO A 303 -12.74 18.08 -11.61
C PRO A 303 -13.16 16.73 -12.16
N ASN A 304 -14.23 16.67 -12.92
CA ASN A 304 -14.89 15.43 -13.29
C ASN A 304 -14.72 15.19 -14.79
N ARG A 305 -13.51 15.44 -15.27
CA ARG A 305 -13.26 15.42 -16.71
C ARG A 305 -13.46 14.03 -17.28
N HIS A 306 -13.07 13.00 -16.54
CA HIS A 306 -13.24 11.64 -17.03
C HIS A 306 -14.64 11.11 -16.75
N ASP A 307 -15.18 11.45 -15.59
CA ASP A 307 -16.48 10.93 -15.20
C ASP A 307 -17.57 11.38 -16.15
N MET A 308 -17.42 12.57 -16.73
CA MET A 308 -18.46 13.11 -17.58
C MET A 308 -18.65 12.32 -18.86
N LEU A 309 -17.70 11.48 -19.25
CA LEU A 309 -17.86 10.60 -20.40
C LEU A 309 -18.52 9.29 -20.04
N LEU A 310 -18.69 8.97 -18.77
CA LEU A 310 -19.40 7.78 -18.33
C LEU A 310 -20.91 7.94 -18.38
N VAL A 311 -21.41 9.17 -18.48
CA VAL A 311 -22.85 9.41 -18.50
C VAL A 311 -23.42 8.83 -19.79
N GLU A 312 -24.46 8.00 -19.65
CA GLU A 312 -24.91 6.98 -20.62
C GLU A 312 -24.94 7.40 -22.08
N PRO A 313 -25.68 8.45 -22.47
CA PRO A 313 -25.79 8.77 -23.90
C PRO A 313 -24.47 9.08 -24.53
N LEU A 314 -23.59 9.78 -23.82
CA LEU A 314 -22.29 10.10 -24.37
C LEU A 314 -21.46 8.85 -24.60
N ASN A 315 -21.46 7.94 -23.62
CA ASN A 315 -20.65 6.75 -23.74
C ASN A 315 -21.09 5.90 -24.92
N ARG A 316 -22.40 5.76 -25.10
CA ARG A 316 -22.89 5.01 -26.24
C ARG A 316 -22.59 5.72 -27.55
N LEU A 317 -22.65 7.05 -27.56
CA LEU A 317 -22.31 7.77 -28.79
C LEU A 317 -20.88 7.54 -29.19
N LEU A 318 -19.98 7.60 -28.22
CA LEU A 318 -18.58 7.44 -28.54
C LEU A 318 -18.29 6.04 -28.99
N GLN A 319 -18.95 5.05 -28.37
CA GLN A 319 -18.77 3.69 -28.83
C GLN A 319 -19.28 3.51 -30.25
N ASP A 320 -20.40 4.14 -30.58
CA ASP A 320 -20.95 4.01 -31.93
C ASP A 320 -20.04 4.66 -32.96
N LYS A 321 -19.56 5.88 -32.66
CA LYS A 321 -18.66 6.55 -33.59
C LYS A 321 -17.36 5.77 -33.76
N TRP A 322 -16.87 5.19 -32.67
CA TRP A 322 -15.66 4.39 -32.75
C TRP A 322 -15.86 3.20 -33.67
N ASP A 323 -16.93 2.44 -33.44
CA ASP A 323 -17.11 1.22 -34.24
C ASP A 323 -17.49 1.50 -35.68
N ARG A 324 -18.17 2.61 -35.96
CA ARG A 324 -18.65 2.82 -37.31
C ARG A 324 -17.54 3.23 -38.26
N PHE A 325 -16.93 4.37 -38.02
CA PHE A 325 -15.97 4.98 -38.94
C PHE A 325 -14.59 5.18 -38.35
N VAL A 326 -14.50 5.61 -37.10
CA VAL A 326 -13.24 6.15 -36.62
C VAL A 326 -12.20 5.06 -36.46
N LYS A 327 -12.64 3.85 -36.12
CA LYS A 327 -11.69 2.75 -35.89
C LYS A 327 -10.87 2.43 -37.12
N ARG A 328 -11.53 2.25 -38.26
CA ARG A 328 -10.81 1.90 -39.48
C ARG A 328 -9.91 3.04 -39.92
N ILE A 329 -10.38 4.27 -39.81
CA ILE A 329 -9.58 5.42 -40.21
C ILE A 329 -8.35 5.53 -39.33
N PHE A 330 -8.53 5.25 -38.04
CA PHE A 330 -7.41 5.27 -37.12
C PHE A 330 -6.34 4.27 -37.52
N TYR A 331 -6.75 3.03 -37.78
CA TYR A 331 -5.76 2.03 -38.16
C TYR A 331 -5.09 2.39 -39.47
N PHE A 332 -5.84 2.97 -40.40
CA PHE A 332 -5.26 3.39 -41.67
C PHE A 332 -4.20 4.46 -41.44
N ASN A 333 -4.50 5.42 -40.58
CA ASN A 333 -3.51 6.46 -40.26
C ASN A 333 -2.27 5.87 -39.62
N PHE A 334 -2.45 4.92 -38.72
CA PHE A 334 -1.31 4.33 -38.06
C PHE A 334 -0.44 3.56 -39.05
N PHE A 335 -1.07 2.82 -39.95
CA PHE A 335 -0.34 2.11 -40.98
C PHE A 335 0.43 3.08 -41.87
N VAL A 336 -0.19 4.19 -42.24
CA VAL A 336 0.49 5.13 -43.12
C VAL A 336 1.67 5.75 -42.41
N TYR A 337 1.53 6.04 -41.12
CA TYR A 337 2.66 6.58 -40.37
C TYR A 337 3.78 5.57 -40.30
N CYS A 338 3.46 4.30 -40.14
CA CYS A 338 4.50 3.27 -40.16
C CYS A 338 5.22 3.22 -41.49
N LEU A 339 4.49 3.32 -42.59
CA LEU A 339 5.15 3.33 -43.89
C LEU A 339 6.03 4.55 -44.05
N TYR A 340 5.55 5.69 -43.57
CA TYR A 340 6.36 6.90 -43.64
C TYR A 340 7.65 6.75 -42.88
N MET A 341 7.59 6.18 -41.68
CA MET A 341 8.81 6.03 -40.91
C MET A 341 9.75 5.02 -41.52
N ILE A 342 9.23 3.97 -42.14
CA ILE A 342 10.12 3.01 -42.80
C ILE A 342 10.83 3.68 -43.97
N ILE A 343 10.10 4.47 -44.75
CA ILE A 343 10.71 5.16 -45.88
C ILE A 343 11.76 6.13 -45.39
N PHE A 344 11.46 6.85 -44.33
CA PHE A 344 12.42 7.81 -43.79
C PHE A 344 13.67 7.12 -43.27
N THR A 345 13.51 5.99 -42.56
CA THR A 345 14.67 5.29 -42.05
C THR A 345 15.55 4.79 -43.18
N ALA A 346 14.94 4.20 -44.20
CA ALA A 346 15.73 3.70 -45.32
C ALA A 346 16.41 4.83 -46.07
N ALA A 347 15.72 5.95 -46.25
CA ALA A 347 16.32 7.09 -46.92
C ALA A 347 17.49 7.63 -46.13
N ALA A 348 17.36 7.65 -44.81
CA ALA A 348 18.44 8.19 -43.97
C ALA A 348 19.64 7.25 -43.94
N TYR A 349 19.39 5.94 -43.92
CA TYR A 349 20.49 4.99 -43.74
C TYR A 349 21.46 5.04 -44.90
N TYR A 350 20.95 5.16 -46.11
CA TYR A 350 21.75 5.11 -47.33
C TYR A 350 22.18 6.49 -47.80
N ARG A 351 22.39 7.42 -46.89
CA ARG A 351 22.84 8.74 -47.29
C ARG A 351 24.26 8.64 -47.86
N PRO A 352 24.64 9.54 -48.76
CA PRO A 352 26.05 9.55 -49.19
C PRO A 352 26.94 10.11 -48.10
N VAL A 353 28.20 9.69 -48.14
CA VAL A 353 29.21 10.02 -47.14
C VAL A 353 30.30 10.94 -47.69
N GLU A 354 30.12 11.50 -48.88
CA GLU A 354 31.08 12.41 -49.48
C GLU A 354 30.86 13.80 -48.89
N GLY A 355 31.64 14.78 -49.34
CA GLY A 355 31.55 16.12 -48.79
C GLY A 355 30.50 16.98 -49.47
N LEU A 356 30.16 18.08 -48.80
CA LEU A 356 29.47 19.21 -49.40
C LEU A 356 28.13 18.87 -50.05
N PRO A 357 27.04 18.75 -49.29
CA PRO A 357 25.72 18.68 -49.91
C PRO A 357 25.40 19.98 -50.64
N PRO A 358 24.38 19.99 -51.49
CA PRO A 358 23.53 18.91 -51.95
C PRO A 358 24.26 18.02 -52.92
N TYR A 359 23.82 16.76 -53.04
CA TYR A 359 24.51 15.77 -53.84
C TYR A 359 23.77 15.54 -55.15
N LYS A 360 24.49 15.64 -56.24
CA LYS A 360 23.89 15.48 -57.55
C LYS A 360 23.54 14.02 -57.80
N LEU A 361 22.52 13.81 -58.61
CA LEU A 361 22.05 12.48 -58.94
C LEU A 361 22.88 11.88 -60.06
N LYS A 362 23.01 10.56 -60.03
CA LYS A 362 23.51 9.79 -61.15
C LYS A 362 22.33 9.04 -61.77
N ASN A 363 22.45 8.76 -63.07
CA ASN A 363 21.43 8.02 -63.78
C ASN A 363 21.55 6.54 -63.39
N THR A 364 21.07 6.26 -62.18
CA THR A 364 21.12 4.91 -61.63
C THR A 364 19.94 4.73 -60.70
N VAL A 365 19.57 3.47 -60.50
CA VAL A 365 18.36 3.12 -59.75
C VAL A 365 18.45 3.59 -58.31
N GLY A 366 19.62 3.40 -57.68
CA GLY A 366 19.77 3.74 -56.28
C GLY A 366 19.53 5.21 -56.01
N ASP A 367 20.03 6.08 -56.88
CA ASP A 367 19.79 7.50 -56.69
C ASP A 367 18.34 7.87 -56.86
N TYR A 368 17.64 7.24 -57.79
CA TYR A 368 16.22 7.53 -57.94
C TYR A 368 15.43 7.12 -56.71
N PHE A 369 15.73 5.95 -56.16
CA PHE A 369 15.04 5.55 -54.94
C PHE A 369 15.42 6.45 -53.77
N ARG A 370 16.68 6.83 -53.66
CA ARG A 370 17.09 7.68 -52.54
C ARG A 370 16.43 9.05 -52.62
N VAL A 371 16.43 9.67 -53.80
CA VAL A 371 15.82 10.99 -53.89
C VAL A 371 14.32 10.91 -53.73
N THR A 372 13.69 9.81 -54.17
CA THR A 372 12.28 9.62 -53.93
C THR A 372 11.98 9.55 -52.43
N GLY A 373 12.79 8.80 -51.69
CA GLY A 373 12.61 8.73 -50.26
C GLY A 373 12.83 10.07 -49.59
N GLU A 374 13.82 10.83 -50.05
CA GLU A 374 14.08 12.14 -49.47
C GLU A 374 12.90 13.07 -49.67
N ILE A 375 12.31 13.04 -50.86
CA ILE A 375 11.19 13.91 -51.15
C ILE A 375 9.99 13.54 -50.28
N LEU A 376 9.74 12.24 -50.13
CA LEU A 376 8.62 11.84 -49.28
C LEU A 376 8.83 12.21 -47.83
N SER A 377 10.06 12.04 -47.34
CA SER A 377 10.34 12.37 -45.94
C SER A 377 10.15 13.85 -45.68
N VAL A 378 10.64 14.70 -46.57
CA VAL A 378 10.50 16.14 -46.36
C VAL A 378 9.04 16.54 -46.46
N SER A 379 8.29 15.90 -47.37
CA SER A 379 6.86 16.17 -47.46
C SER A 379 6.15 15.86 -46.17
N GLY A 380 6.47 14.72 -45.56
CA GLY A 380 5.85 14.39 -44.28
C GLY A 380 6.19 15.40 -43.21
N GLY A 381 7.43 15.87 -43.19
CA GLY A 381 7.80 16.89 -42.23
C GLY A 381 7.00 18.16 -42.39
N VAL A 382 6.83 18.60 -43.64
CA VAL A 382 6.04 19.80 -43.91
C VAL A 382 4.60 19.61 -43.44
N TYR A 383 4.05 18.42 -43.70
CA TYR A 383 2.68 18.14 -43.30
C TYR A 383 2.51 18.25 -41.79
N PHE A 384 3.43 17.65 -41.03
CA PHE A 384 3.31 17.74 -39.58
C PHE A 384 3.51 19.16 -39.08
N PHE A 385 4.37 19.93 -39.75
CA PHE A 385 4.56 21.32 -39.38
C PHE A 385 3.26 22.09 -39.48
N PHE A 386 2.57 21.96 -40.61
CA PHE A 386 1.35 22.72 -40.77
C PHE A 386 0.23 22.20 -39.87
N ARG A 387 0.16 20.91 -39.61
CA ARG A 387 -0.84 20.42 -38.67
C ARG A 387 -0.60 20.97 -37.28
N GLY A 388 0.65 21.08 -36.87
CA GLY A 388 0.93 21.68 -35.57
C GLY A 388 0.53 23.13 -35.50
N ILE A 389 0.78 23.88 -36.57
CA ILE A 389 0.41 25.30 -36.55
C ILE A 389 -1.10 25.44 -36.49
N GLN A 390 -1.83 24.64 -37.26
CA GLN A 390 -3.28 24.71 -37.21
C GLN A 390 -3.80 24.38 -35.82
N TYR A 391 -3.16 23.42 -35.15
CA TYR A 391 -3.56 23.09 -33.78
C TYR A 391 -3.38 24.29 -32.86
N PHE A 392 -2.20 24.91 -32.90
CA PHE A 392 -1.94 25.98 -31.93
C PHE A 392 -2.79 27.20 -32.24
N LEU A 393 -3.14 27.43 -33.51
CA LEU A 393 -4.07 28.51 -33.79
C LEU A 393 -5.48 28.19 -33.34
N GLN A 394 -5.95 26.96 -33.55
CA GLN A 394 -7.33 26.66 -33.23
C GLN A 394 -7.56 26.61 -31.73
N ARG A 395 -6.58 26.12 -30.97
CA ARG A 395 -6.76 25.94 -29.54
C ARG A 395 -6.33 27.13 -28.72
N ARG A 396 -5.28 27.84 -29.14
CA ARG A 396 -4.72 28.97 -28.42
C ARG A 396 -4.39 28.61 -26.97
N PRO A 397 -3.54 27.60 -26.76
CA PRO A 397 -3.27 27.17 -25.39
C PRO A 397 -2.38 28.15 -24.66
N SER A 398 -2.67 28.35 -23.37
CA SER A 398 -1.88 29.25 -22.56
C SER A 398 -0.56 28.60 -22.18
N LEU A 399 0.38 29.43 -21.74
CA LEU A 399 1.72 28.93 -21.46
C LEU A 399 1.73 27.97 -20.29
N LYS A 400 0.91 28.24 -19.28
CA LYS A 400 0.93 27.42 -18.06
C LYS A 400 0.53 25.99 -18.35
N SER A 401 -0.50 25.80 -19.17
CA SER A 401 -0.99 24.49 -19.55
C SER A 401 -0.52 24.08 -20.93
N LEU A 402 0.56 24.69 -21.43
CA LEU A 402 1.02 24.35 -22.76
C LEU A 402 1.48 22.90 -22.82
N PHE A 403 2.21 22.45 -21.80
CA PHE A 403 2.72 21.09 -21.74
C PHE A 403 1.79 20.13 -21.00
N VAL A 404 0.97 20.64 -20.09
CA VAL A 404 0.11 19.77 -19.30
C VAL A 404 -0.86 19.03 -20.20
N ASP A 405 -1.44 19.75 -21.15
CA ASP A 405 -2.14 19.18 -22.29
C ASP A 405 -1.29 19.39 -23.52
N SER A 406 -1.69 18.83 -24.65
CA SER A 406 -1.01 19.04 -25.93
C SER A 406 0.43 18.58 -25.92
N TYR A 407 0.77 17.61 -25.08
CA TYR A 407 2.13 17.07 -25.10
C TYR A 407 2.42 16.43 -26.46
N SER A 408 1.47 15.69 -26.98
CA SER A 408 1.68 14.96 -28.21
C SER A 408 1.89 15.88 -29.39
N GLU A 409 1.09 16.95 -29.48
CA GLU A 409 1.25 17.88 -30.59
C GLU A 409 2.58 18.58 -30.52
N ILE A 410 3.05 18.85 -29.31
CA ILE A 410 4.34 19.50 -29.15
C ILE A 410 5.44 18.61 -29.69
N LEU A 411 5.40 17.32 -29.37
CA LEU A 411 6.47 16.46 -29.85
C LEU A 411 6.42 16.26 -31.35
N PHE A 412 5.23 16.12 -31.93
CA PHE A 412 5.15 16.01 -33.38
C PHE A 412 5.63 17.29 -34.04
N PHE A 413 5.30 18.45 -33.46
CA PHE A 413 5.75 19.70 -34.03
C PHE A 413 7.26 19.83 -33.97
N VAL A 414 7.86 19.41 -32.86
CA VAL A 414 9.30 19.54 -32.72
C VAL A 414 10.01 18.63 -33.72
N GLN A 415 9.45 17.45 -33.96
CA GLN A 415 9.99 16.57 -35.00
C GLN A 415 10.01 17.29 -36.34
N SER A 416 8.90 17.93 -36.69
CA SER A 416 8.87 18.62 -37.98
C SER A 416 9.84 19.78 -38.01
N LEU A 417 10.07 20.45 -36.89
CA LEU A 417 11.04 21.54 -36.87
C LEU A 417 12.44 21.02 -37.14
N PHE A 418 12.80 19.89 -36.55
CA PHE A 418 14.11 19.30 -36.85
C PHE A 418 14.22 18.94 -38.31
N MET A 419 13.15 18.43 -38.90
CA MET A 419 13.20 18.13 -40.33
C MET A 419 13.43 19.37 -41.17
N LEU A 420 12.72 20.46 -40.86
CA LEU A 420 12.88 21.65 -41.68
C LEU A 420 14.26 22.27 -41.53
N VAL A 421 14.78 22.30 -40.30
CA VAL A 421 16.12 22.81 -40.08
C VAL A 421 17.12 21.96 -40.84
N SER A 422 16.88 20.65 -40.89
CA SER A 422 17.75 19.78 -41.68
C SER A 422 17.71 20.15 -43.15
N VAL A 423 16.53 20.45 -43.70
CA VAL A 423 16.45 20.82 -45.11
C VAL A 423 17.21 22.11 -45.35
N VAL A 424 17.04 23.08 -44.45
CA VAL A 424 17.67 24.38 -44.62
C VAL A 424 19.19 24.23 -44.61
N LEU A 425 19.72 23.43 -43.67
CA LEU A 425 21.16 23.20 -43.68
C LEU A 425 21.59 22.38 -44.89
N TYR A 426 20.72 21.50 -45.38
CA TYR A 426 21.10 20.67 -46.51
C TYR A 426 21.35 21.51 -47.75
N PHE A 427 20.38 22.35 -48.11
CA PHE A 427 20.61 23.17 -49.30
C PHE A 427 21.61 24.28 -49.04
N SER A 428 21.84 24.66 -47.79
CA SER A 428 22.84 25.64 -47.44
C SER A 428 24.26 25.09 -47.42
N GLN A 429 24.47 23.85 -47.84
CA GLN A 429 25.82 23.30 -48.02
C GLN A 429 26.55 23.21 -46.68
N ARG A 430 25.97 22.47 -45.76
CA ARG A 430 26.61 22.13 -44.50
C ARG A 430 26.35 20.66 -44.24
N LYS A 431 27.40 19.92 -43.91
CA LYS A 431 27.23 18.53 -43.53
C LYS A 431 26.41 18.39 -42.25
N GLU A 432 26.33 19.44 -41.43
CA GLU A 432 25.66 19.36 -40.15
C GLU A 432 24.16 19.15 -40.26
N TYR A 433 23.58 19.15 -41.46
CA TYR A 433 22.21 18.71 -41.62
C TYR A 433 22.01 17.31 -41.07
N VAL A 434 23.04 16.45 -41.14
CA VAL A 434 22.95 15.11 -40.58
C VAL A 434 22.63 15.19 -39.11
N ALA A 435 23.24 16.14 -38.39
CA ALA A 435 23.03 16.26 -36.97
C ALA A 435 21.58 16.59 -36.66
N SER A 436 20.93 17.36 -37.52
CA SER A 436 19.52 17.62 -37.28
C SER A 436 18.69 16.39 -37.63
N MET A 437 19.05 15.74 -38.74
CA MET A 437 18.20 14.71 -39.32
C MET A 437 18.01 13.56 -38.36
N VAL A 438 19.10 13.11 -37.73
CA VAL A 438 19.02 11.96 -36.85
C VAL A 438 18.12 12.23 -35.68
N PHE A 439 18.11 13.48 -35.18
CA PHE A 439 17.21 13.78 -34.07
C PHE A 439 15.78 13.60 -34.48
N SER A 440 15.44 14.07 -35.66
CA SER A 440 14.10 13.88 -36.19
C SER A 440 13.81 12.40 -36.31
N LEU A 441 14.79 11.63 -36.79
CA LEU A 441 14.61 10.21 -36.98
C LEU A 441 14.33 9.53 -35.66
N ALA A 442 15.09 9.90 -34.63
CA ALA A 442 14.86 9.30 -33.32
C ALA A 442 13.48 9.63 -32.81
N MET A 443 13.09 10.90 -32.94
CA MET A 443 11.79 11.32 -32.45
C MET A 443 10.70 10.64 -33.24
N GLY A 444 10.94 10.42 -34.53
CA GLY A 444 9.94 9.82 -35.38
C GLY A 444 9.55 8.44 -34.92
N TRP A 445 10.49 7.70 -34.34
CA TRP A 445 10.12 6.38 -33.89
C TRP A 445 9.38 6.44 -32.57
N THR A 446 9.82 7.29 -31.65
CA THR A 446 9.22 7.24 -30.34
C THR A 446 7.82 7.83 -30.33
N ASN A 447 7.50 8.68 -31.29
CA ASN A 447 6.14 9.17 -31.40
C ASN A 447 5.17 8.10 -31.87
N MET A 448 5.63 6.90 -32.21
CA MET A 448 4.72 5.77 -32.36
C MET A 448 3.91 5.54 -31.11
N LEU A 449 4.46 5.88 -29.93
CA LEU A 449 3.70 5.71 -28.70
C LEU A 449 2.46 6.58 -28.65
N TYR A 450 2.34 7.59 -29.50
CA TYR A 450 1.08 8.31 -29.59
C TYR A 450 -0.06 7.39 -29.99
N TYR A 451 0.20 6.41 -30.83
CA TYR A 451 -0.86 5.54 -31.34
C TYR A 451 -1.22 4.42 -30.39
N THR A 452 -0.49 4.22 -29.31
CA THR A 452 -0.88 3.22 -28.34
C THR A 452 -2.04 3.69 -27.49
N ARG A 453 -2.23 4.99 -27.33
CA ARG A 453 -3.39 5.47 -26.63
C ARG A 453 -4.62 5.17 -27.45
N GLY A 454 -5.76 5.08 -26.79
CA GLY A 454 -6.95 4.57 -27.42
C GLY A 454 -7.09 3.07 -27.35
N PHE A 455 -6.08 2.36 -26.86
CA PHE A 455 -6.18 0.96 -26.50
C PHE A 455 -6.32 0.89 -24.99
N GLN A 456 -7.14 -0.02 -24.50
CA GLN A 456 -7.34 -0.10 -23.07
C GLN A 456 -6.07 -0.51 -22.35
N GLN A 457 -5.34 -1.47 -22.91
CA GLN A 457 -4.18 -2.02 -22.21
C GLN A 457 -2.93 -1.19 -22.43
N MET A 458 -2.67 -0.77 -23.66
CA MET A 458 -1.36 -0.25 -24.01
C MET A 458 -1.23 1.25 -23.78
N GLY A 459 -2.32 2.01 -23.72
CA GLY A 459 -2.21 3.44 -23.54
C GLY A 459 -1.62 3.86 -22.21
N ILE A 460 -1.60 2.94 -21.24
CA ILE A 460 -1.09 3.28 -19.93
C ILE A 460 0.40 3.59 -19.98
N TYR A 461 1.14 3.00 -20.90
CA TYR A 461 2.57 3.24 -20.96
C TYR A 461 2.88 4.64 -21.46
N ALA A 462 2.17 5.09 -22.49
CA ALA A 462 2.37 6.45 -22.97
C ALA A 462 1.96 7.46 -21.93
N VAL A 463 0.87 7.20 -21.21
CA VAL A 463 0.43 8.13 -20.20
C VAL A 463 1.46 8.22 -19.08
N MET A 464 1.99 7.08 -18.66
CA MET A 464 2.97 7.09 -17.59
C MET A 464 4.24 7.81 -18.01
N ILE A 465 4.69 7.60 -19.24
CA ILE A 465 5.94 8.25 -19.66
C ILE A 465 5.77 9.75 -19.67
N GLU A 466 4.65 10.23 -20.21
CA GLU A 466 4.36 11.64 -20.21
C GLU A 466 4.40 12.21 -18.81
N LYS A 467 3.67 11.58 -17.87
CA LYS A 467 3.58 12.17 -16.55
C LYS A 467 4.90 12.10 -15.80
N MET A 468 5.65 11.02 -15.96
CA MET A 468 6.92 10.93 -15.26
C MET A 468 7.90 11.98 -15.76
N ILE A 469 7.96 12.20 -17.08
CA ILE A 469 8.85 13.24 -17.58
C ILE A 469 8.40 14.61 -17.09
N LEU A 470 7.11 14.90 -17.16
CA LEU A 470 6.67 16.27 -16.90
C LEU A 470 6.68 16.62 -15.42
N ARG A 471 6.64 15.60 -14.54
CA ARG A 471 6.53 15.91 -13.09
C ARG A 471 7.71 15.40 -12.27
N ASP A 472 8.21 14.20 -12.51
CA ASP A 472 9.23 13.67 -11.60
C ASP A 472 10.63 14.06 -12.02
N LEU A 473 10.99 13.83 -13.27
CA LEU A 473 12.32 14.22 -13.70
C LEU A 473 12.49 15.72 -13.68
N CYS A 474 11.46 16.47 -14.04
CA CYS A 474 11.64 17.91 -14.14
C CYS A 474 11.78 18.56 -12.77
N ARG A 475 11.08 18.05 -11.76
CA ARG A 475 11.35 18.53 -10.41
C ARG A 475 12.70 18.04 -9.91
N PHE A 476 13.05 16.79 -10.19
CA PHE A 476 14.27 16.21 -9.68
C PHE A 476 15.52 16.78 -10.32
N MET A 477 15.39 17.37 -11.50
CA MET A 477 16.53 17.85 -12.24
C MET A 477 17.27 18.92 -11.47
N PHE A 478 16.56 19.80 -10.81
CA PHE A 478 17.23 20.89 -10.12
C PHE A 478 18.00 20.38 -8.90
N VAL A 479 17.42 19.45 -8.16
CA VAL A 479 18.09 18.89 -7.00
C VAL A 479 19.36 18.15 -7.42
N TYR A 480 19.25 17.33 -8.45
CA TYR A 480 20.42 16.59 -8.89
C TYR A 480 21.49 17.52 -9.42
N LEU A 481 21.10 18.57 -10.13
CA LEU A 481 22.10 19.46 -10.67
C LEU A 481 22.79 20.26 -9.58
N VAL A 482 22.10 20.58 -8.50
CA VAL A 482 22.76 21.24 -7.38
C VAL A 482 23.87 20.34 -6.84
N PHE A 483 23.57 19.06 -6.64
CA PHE A 483 24.59 18.14 -6.14
C PHE A 483 25.73 17.98 -7.14
N LEU A 484 25.40 17.84 -8.42
CA LEU A 484 26.41 17.57 -9.41
C LEU A 484 27.35 18.74 -9.56
N PHE A 485 26.81 19.94 -9.69
CA PHE A 485 27.68 21.10 -9.88
C PHE A 485 28.49 21.36 -8.62
N GLY A 486 27.93 21.09 -7.45
CA GLY A 486 28.70 21.26 -6.23
C GLY A 486 29.93 20.37 -6.19
N PHE A 487 29.74 19.07 -6.34
CA PHE A 487 30.90 18.20 -6.22
C PHE A 487 31.81 18.28 -7.43
N SER A 488 31.29 18.63 -8.59
CA SER A 488 32.14 18.80 -9.76
C SER A 488 33.09 19.97 -9.58
N THR A 489 32.58 21.10 -9.11
CA THR A 489 33.44 22.24 -8.87
C THR A 489 34.44 21.98 -7.77
N ALA A 490 34.01 21.29 -6.71
CA ALA A 490 34.95 20.92 -5.65
C ALA A 490 36.09 20.08 -6.17
N VAL A 491 35.77 19.02 -6.92
CA VAL A 491 36.80 18.12 -7.42
C VAL A 491 37.73 18.84 -8.39
N VAL A 492 37.18 19.66 -9.28
CA VAL A 492 38.01 20.31 -10.29
C VAL A 492 38.94 21.32 -9.63
N THR A 493 38.45 22.03 -8.62
CA THR A 493 39.31 22.93 -7.88
C THR A 493 40.44 22.18 -7.21
N LEU A 494 40.14 21.01 -6.66
CA LEU A 494 41.16 20.28 -5.93
C LEU A 494 42.26 19.78 -6.85
N ILE A 495 41.90 19.30 -8.03
CA ILE A 495 42.85 18.67 -8.93
C ILE A 495 43.55 19.73 -9.75
N GLU A 496 44.84 19.50 -10.00
CA GLU A 496 45.68 20.31 -10.88
C GLU A 496 46.27 19.35 -11.90
N ASP A 497 45.93 19.52 -13.17
CA ASP A 497 46.52 18.74 -14.26
C ASP A 497 46.25 17.24 -14.11
N GLY A 498 45.02 16.86 -14.44
CA GLY A 498 44.67 15.46 -14.58
C GLY A 498 43.56 15.30 -15.60
N LYS A 499 42.94 14.11 -15.65
CA LYS A 499 41.70 13.98 -16.39
C LYS A 499 40.53 14.61 -15.67
N TYR A 500 40.67 14.89 -14.38
CA TYR A 500 39.64 15.55 -13.61
C TYR A 500 39.80 17.06 -13.55
N ASN A 501 40.81 17.66 -14.19
CA ASN A 501 40.92 19.12 -14.27
C ASN A 501 40.22 19.65 -15.50
N SER A 502 38.94 19.35 -15.59
CA SER A 502 38.11 19.88 -16.66
C SER A 502 36.66 19.66 -16.30
N LEU A 503 35.84 20.70 -16.39
CA LEU A 503 34.47 20.56 -15.92
C LEU A 503 33.67 19.57 -16.75
N TYR A 504 34.02 19.44 -18.02
CA TYR A 504 33.21 18.59 -18.90
C TYR A 504 33.44 17.12 -18.57
N SER A 505 34.69 16.69 -18.54
CA SER A 505 34.98 15.30 -18.22
C SER A 505 34.63 14.99 -16.78
N THR A 506 34.82 15.94 -15.87
CA THR A 506 34.47 15.68 -14.48
C THR A 506 32.96 15.53 -14.31
N CYS A 507 32.17 16.38 -14.97
CA CYS A 507 30.72 16.24 -14.89
C CYS A 507 30.28 14.92 -15.48
N LEU A 508 30.92 14.48 -16.55
CA LEU A 508 30.61 13.17 -17.11
C LEU A 508 30.88 12.07 -16.11
N GLU A 509 32.04 12.10 -15.45
CA GLU A 509 32.41 11.03 -14.54
C GLU A 509 31.46 10.96 -13.36
N LEU A 510 31.11 12.10 -12.81
CA LEU A 510 30.19 12.07 -11.70
C LEU A 510 28.81 11.63 -12.13
N PHE A 511 28.38 11.98 -13.35
CA PHE A 511 27.09 11.50 -13.81
C PHE A 511 27.08 9.99 -13.93
N LYS A 512 28.15 9.43 -14.47
CA LYS A 512 28.26 7.98 -14.55
C LYS A 512 28.19 7.35 -13.17
N PHE A 513 28.82 7.99 -12.18
CA PHE A 513 28.76 7.44 -10.83
C PHE A 513 27.34 7.42 -10.30
N THR A 514 26.53 8.41 -10.68
CA THR A 514 25.14 8.43 -10.21
C THR A 514 24.37 7.20 -10.66
N ILE A 515 24.57 6.76 -11.89
CA ILE A 515 23.81 5.65 -12.45
C ILE A 515 24.60 4.35 -12.36
N GLY A 516 25.60 4.29 -11.48
CA GLY A 516 26.21 3.04 -11.13
C GLY A 516 27.13 2.43 -12.15
N MET A 517 27.86 3.23 -12.90
CA MET A 517 28.83 2.72 -13.87
C MET A 517 30.07 3.58 -13.90
N GLY A 518 30.56 3.98 -12.74
CA GLY A 518 31.84 4.63 -12.60
C GLY A 518 32.94 3.61 -12.44
N ASP A 519 34.05 4.06 -11.85
CA ASP A 519 35.19 3.19 -11.58
C ASP A 519 35.57 3.14 -10.10
N LEU A 520 35.83 4.26 -9.45
CA LEU A 520 36.50 4.30 -8.14
C LEU A 520 37.82 3.54 -8.18
N GLU A 521 38.66 3.86 -9.15
CA GLU A 521 40.01 3.29 -9.27
C GLU A 521 41.00 4.37 -8.84
N PHE A 522 41.44 4.30 -7.58
CA PHE A 522 42.43 5.23 -7.05
C PHE A 522 43.83 4.66 -7.20
N THR A 523 44.29 4.59 -8.45
CA THR A 523 45.65 4.21 -8.77
C THR A 523 46.58 5.40 -8.97
N GLU A 524 46.05 6.60 -9.17
CA GLU A 524 46.89 7.76 -9.34
C GLU A 524 47.43 8.24 -7.99
N ASN A 525 48.52 9.00 -8.06
CA ASN A 525 49.34 9.39 -6.92
C ASN A 525 49.57 10.89 -6.95
N TYR A 526 48.47 11.60 -6.93
CA TYR A 526 48.43 13.06 -6.84
C TYR A 526 48.33 13.46 -5.37
N ASP A 527 48.47 14.75 -5.10
CA ASP A 527 48.34 15.21 -3.73
C ASP A 527 46.87 15.26 -3.36
N PHE A 528 46.61 15.35 -2.06
CA PHE A 528 45.25 15.40 -1.51
C PHE A 528 44.44 14.18 -1.91
N LYS A 529 45.06 13.01 -1.91
CA LYS A 529 44.33 11.80 -2.28
C LYS A 529 43.23 11.50 -1.29
N ALA A 530 43.47 11.74 -0.01
CA ALA A 530 42.48 11.43 1.00
C ALA A 530 41.23 12.29 0.84
N VAL A 531 41.41 13.56 0.54
CA VAL A 531 40.26 14.45 0.38
C VAL A 531 39.49 14.08 -0.87
N PHE A 532 40.20 13.73 -1.94
CA PHE A 532 39.56 13.28 -3.16
C PHE A 532 38.70 12.04 -2.89
N ILE A 533 39.24 11.09 -2.14
CA ILE A 533 38.48 9.87 -1.86
C ILE A 533 37.26 10.17 -1.02
N ILE A 534 37.39 11.03 -0.01
CA ILE A 534 36.26 11.31 0.85
C ILE A 534 35.18 12.03 0.07
N LEU A 535 35.57 12.95 -0.82
CA LEU A 535 34.59 13.63 -1.64
C LEU A 535 33.85 12.67 -2.55
N LEU A 536 34.56 11.78 -3.22
CA LEU A 536 33.87 10.87 -4.12
C LEU A 536 32.98 9.89 -3.38
N LEU A 537 33.41 9.40 -2.23
CA LEU A 537 32.55 8.46 -1.52
C LEU A 537 31.32 9.17 -0.98
N ALA A 538 31.46 10.40 -0.51
CA ALA A 538 30.28 11.13 -0.08
C ALA A 538 29.34 11.37 -1.24
N TYR A 539 29.88 11.67 -2.41
CA TYR A 539 29.04 11.83 -3.59
C TYR A 539 28.32 10.55 -3.93
N VAL A 540 29.02 9.42 -3.90
CA VAL A 540 28.42 8.17 -4.32
C VAL A 540 27.36 7.74 -3.34
N ILE A 541 27.57 7.96 -2.05
CA ILE A 541 26.52 7.61 -1.10
C ILE A 541 25.34 8.54 -1.27
N LEU A 542 25.58 9.82 -1.51
CA LEU A 542 24.47 10.76 -1.52
C LEU A 542 23.64 10.65 -2.77
N THR A 543 24.26 10.36 -3.92
CA THR A 543 23.54 10.37 -5.19
C THR A 543 23.15 8.99 -5.68
N TYR A 544 24.04 8.02 -5.66
CA TYR A 544 23.67 6.70 -6.14
C TYR A 544 22.72 6.03 -5.17
N ILE A 545 22.97 6.13 -3.88
CA ILE A 545 22.16 5.42 -2.90
C ILE A 545 20.95 6.22 -2.48
N LEU A 546 21.13 7.47 -2.09
CA LEU A 546 20.03 8.21 -1.47
C LEU A 546 19.11 8.84 -2.53
N LEU A 547 19.65 9.72 -3.37
CA LEU A 547 18.79 10.49 -4.26
C LEU A 547 18.16 9.64 -5.34
N LEU A 548 18.91 8.73 -5.92
CA LEU A 548 18.38 7.94 -7.01
C LEU A 548 17.23 7.07 -6.55
N ASN A 549 17.37 6.46 -5.38
CA ASN A 549 16.30 5.65 -4.89
C ASN A 549 15.13 6.50 -4.41
N MET A 550 15.38 7.72 -3.99
CA MET A 550 14.27 8.63 -3.73
C MET A 550 13.47 8.89 -5.01
N LEU A 551 14.17 9.15 -6.11
CA LEU A 551 13.48 9.36 -7.38
C LEU A 551 12.69 8.13 -7.78
N ILE A 552 13.27 6.96 -7.58
CA ILE A 552 12.61 5.75 -8.01
C ILE A 552 11.37 5.48 -7.16
N ALA A 553 11.43 5.79 -5.87
CA ALA A 553 10.24 5.63 -5.05
C ALA A 553 9.14 6.58 -5.47
N LEU A 554 9.48 7.82 -5.80
CA LEU A 554 8.44 8.76 -6.23
C LEU A 554 7.84 8.35 -7.56
N MET A 555 8.66 7.93 -8.51
CA MET A 555 8.15 7.43 -9.77
C MET A 555 7.30 6.20 -9.56
N GLY A 556 7.68 5.34 -8.60
CA GLY A 556 6.88 4.18 -8.33
C GLY A 556 5.50 4.53 -7.84
N GLU A 557 5.39 5.53 -6.99
CA GLU A 557 4.07 5.95 -6.53
C GLU A 557 3.27 6.58 -7.65
N THR A 558 3.91 7.34 -8.54
CA THR A 558 3.19 7.87 -9.69
C THR A 558 2.65 6.75 -10.56
N VAL A 559 3.44 5.71 -10.76
CA VAL A 559 3.00 4.57 -11.56
C VAL A 559 1.85 3.85 -10.89
N ASN A 560 1.91 3.68 -9.57
CA ASN A 560 0.80 3.02 -8.89
C ASN A 560 -0.44 3.90 -8.82
N LYS A 561 -0.26 5.21 -8.83
CA LYS A 561 -1.39 6.10 -8.70
C LYS A 561 -2.33 5.97 -9.87
N ILE A 562 -1.79 5.82 -11.07
CA ILE A 562 -2.57 5.82 -12.29
C ILE A 562 -2.63 4.42 -12.92
N ALA A 563 -2.29 3.39 -12.17
CA ALA A 563 -2.59 2.05 -12.66
C ALA A 563 -4.09 1.80 -12.64
N GLN A 564 -4.78 2.25 -11.59
CA GLN A 564 -6.19 1.95 -11.44
C GLN A 564 -7.09 2.93 -12.20
N GLU A 565 -6.56 4.07 -12.64
CA GLU A 565 -7.31 5.03 -13.45
C GLU A 565 -7.24 4.73 -14.94
N SER A 566 -6.88 3.50 -15.33
CA SER A 566 -6.59 3.21 -16.71
C SER A 566 -7.81 3.38 -17.62
N LYS A 567 -8.97 2.94 -17.15
CA LYS A 567 -10.16 2.91 -18.01
C LYS A 567 -10.58 4.32 -18.39
N ASN A 568 -10.54 5.21 -17.42
CA ASN A 568 -10.91 6.60 -17.63
C ASN A 568 -9.98 7.26 -18.63
N ILE A 569 -8.68 7.02 -18.49
CA ILE A 569 -7.69 7.65 -19.33
C ILE A 569 -7.88 7.21 -20.77
N TRP A 570 -8.10 5.90 -20.94
CA TRP A 570 -8.36 5.34 -22.26
C TRP A 570 -9.59 5.97 -22.90
N LYS A 571 -10.67 6.10 -22.15
CA LYS A 571 -11.92 6.64 -22.70
C LYS A 571 -11.73 8.06 -23.18
N LEU A 572 -11.06 8.88 -22.37
CA LEU A 572 -10.86 10.27 -22.75
C LEU A 572 -10.02 10.41 -24.01
N GLN A 573 -8.96 9.61 -24.12
CA GLN A 573 -8.12 9.73 -25.32
C GLN A 573 -8.87 9.28 -26.55
N ARG A 574 -9.68 8.24 -26.43
CA ARG A 574 -10.48 7.80 -27.56
C ARG A 574 -11.45 8.89 -28.00
N ALA A 575 -12.02 9.61 -27.04
CA ALA A 575 -12.91 10.72 -27.38
C ALA A 575 -12.18 11.79 -28.16
N ILE A 576 -10.97 12.13 -27.75
CA ILE A 576 -10.23 13.19 -28.44
C ILE A 576 -9.91 12.75 -29.85
N THR A 577 -9.54 11.48 -30.02
CA THR A 577 -9.26 10.97 -31.36
C THR A 577 -10.48 11.07 -32.25
N ILE A 578 -11.65 10.73 -31.73
CA ILE A 578 -12.86 10.76 -32.54
C ILE A 578 -13.16 12.17 -32.98
N LEU A 579 -13.02 13.13 -32.07
CA LEU A 579 -13.28 14.52 -32.44
C LEU A 579 -12.33 15.00 -33.52
N ASP A 580 -11.04 14.65 -33.41
CA ASP A 580 -10.10 15.12 -34.41
C ASP A 580 -10.37 14.49 -35.76
N THR A 581 -10.72 13.21 -35.77
CA THR A 581 -11.05 12.54 -37.02
C THR A 581 -12.26 13.17 -37.67
N GLU A 582 -13.25 13.55 -36.87
CA GLU A 582 -14.38 14.27 -37.45
C GLU A 582 -13.97 15.63 -37.99
N LYS A 583 -13.01 16.30 -37.33
CA LYS A 583 -12.63 17.62 -37.80
C LYS A 583 -11.91 17.56 -39.13
N SER A 584 -10.98 16.62 -39.29
CA SER A 584 -10.19 16.59 -40.53
C SER A 584 -10.97 15.93 -41.67
N PHE A 585 -11.22 14.64 -41.54
CA PHE A 585 -12.12 13.76 -42.31
C PHE A 585 -11.80 13.59 -43.79
N LEU A 586 -11.07 14.53 -44.42
CA LEU A 586 -10.24 14.34 -45.64
C LEU A 586 -10.91 13.58 -46.80
N LYS A 587 -12.25 13.44 -46.83
CA LYS A 587 -12.93 12.69 -47.87
C LYS A 587 -14.27 13.31 -48.25
N CYS A 588 -14.51 14.59 -47.93
CA CYS A 588 -15.75 15.29 -48.20
C CYS A 588 -16.97 14.71 -47.48
N MET A 589 -16.78 13.79 -46.55
CA MET A 589 -17.87 13.09 -45.88
C MET A 589 -18.17 13.81 -44.57
N ARG A 590 -19.44 14.03 -44.30
CA ARG A 590 -19.92 14.65 -43.08
C ARG A 590 -21.07 13.84 -42.50
N LYS A 591 -20.92 12.52 -42.53
CA LYS A 591 -21.86 11.60 -41.87
C LYS A 591 -21.44 11.45 -40.41
N ALA A 592 -21.52 12.57 -39.70
CA ALA A 592 -21.24 12.64 -38.28
C ALA A 592 -22.44 12.32 -37.41
N PHE A 593 -23.64 12.24 -38.00
CA PHE A 593 -24.84 11.94 -37.23
C PHE A 593 -24.95 10.45 -37.00
N ARG A 594 -25.70 10.09 -35.96
CA ARG A 594 -25.86 8.70 -35.55
C ARG A 594 -27.16 8.10 -36.07
N SER A 595 -28.31 8.58 -35.58
CA SER A 595 -29.62 8.07 -35.99
C SER A 595 -30.42 9.18 -36.65
N GLY A 596 -31.62 8.83 -37.05
CA GLY A 596 -32.33 9.62 -38.04
C GLY A 596 -32.87 10.91 -37.49
N LYS A 597 -33.28 11.76 -38.42
CA LYS A 597 -33.98 13.01 -38.09
C LYS A 597 -35.46 12.71 -37.91
N LEU A 598 -35.75 11.94 -36.88
CA LEU A 598 -37.09 11.39 -36.66
C LEU A 598 -37.92 12.33 -35.80
N LEU A 599 -39.24 12.24 -35.97
CA LEU A 599 -40.15 13.00 -35.12
C LEU A 599 -40.04 12.50 -33.70
N GLN A 600 -39.87 13.43 -32.77
CA GLN A 600 -39.65 13.07 -31.36
C GLN A 600 -40.98 13.04 -30.63
N VAL A 601 -41.62 14.20 -30.55
CA VAL A 601 -42.94 14.36 -29.95
C VAL A 601 -43.98 14.64 -31.02
N GLY A 602 -43.68 15.60 -31.91
CA GLY A 602 -44.63 16.07 -32.88
C GLY A 602 -45.57 17.14 -32.37
N PHE A 603 -45.51 17.45 -31.07
CA PHE A 603 -46.47 18.35 -30.41
C PHE A 603 -45.66 19.39 -29.67
N THR A 604 -45.35 20.48 -30.36
CA THR A 604 -44.77 21.65 -29.74
C THR A 604 -45.85 22.36 -28.95
N PRO A 605 -45.54 23.48 -28.28
CA PRO A 605 -46.61 24.34 -27.78
C PRO A 605 -47.58 24.78 -28.88
N ASP A 606 -47.05 25.08 -30.05
CA ASP A 606 -47.81 25.46 -31.23
C ASP A 606 -48.07 24.22 -32.11
N GLY A 607 -48.62 24.42 -33.31
CA GLY A 607 -49.06 23.36 -34.17
C GLY A 607 -48.02 22.70 -35.04
N LYS A 608 -46.73 23.00 -34.84
CA LYS A 608 -45.65 22.38 -35.59
C LYS A 608 -45.24 21.07 -34.93
N ASP A 609 -44.32 20.38 -35.60
CA ASP A 609 -43.69 19.17 -35.10
C ASP A 609 -42.18 19.37 -35.05
N ASP A 610 -41.53 18.71 -34.09
CA ASP A 610 -40.08 18.77 -33.91
C ASP A 610 -39.45 17.48 -34.39
N TYR A 611 -38.46 17.60 -35.27
CA TYR A 611 -37.53 16.53 -35.61
C TYR A 611 -36.17 16.95 -35.06
N ARG A 612 -35.56 16.08 -34.25
CA ARG A 612 -34.50 16.50 -33.35
C ARG A 612 -33.23 15.66 -33.40
N TRP A 613 -33.08 14.74 -34.37
CA TRP A 613 -31.93 13.85 -34.44
C TRP A 613 -31.79 13.03 -33.16
N CYS A 614 -32.83 12.30 -32.82
CA CYS A 614 -32.78 11.48 -31.63
C CYS A 614 -31.81 10.32 -31.83
N PHE A 615 -31.48 9.65 -30.73
CA PHE A 615 -30.56 8.51 -30.72
C PHE A 615 -31.10 7.43 -29.81
N ARG A 616 -31.30 6.24 -30.36
CA ARG A 616 -31.92 5.13 -29.62
C ARG A 616 -30.88 4.41 -28.79
N VAL A 617 -31.20 4.19 -27.52
CA VAL A 617 -30.35 3.42 -26.62
C VAL A 617 -31.23 2.46 -25.85
N ASP A 618 -30.87 1.18 -25.89
CA ASP A 618 -31.48 0.13 -25.07
C ASP A 618 -30.49 -0.27 -24.01
N GLU A 619 -30.87 -0.09 -22.75
CA GLU A 619 -30.02 -0.36 -21.60
C GLU A 619 -30.60 -1.52 -20.81
N VAL A 620 -29.71 -2.16 -20.04
CA VAL A 620 -30.03 -3.29 -19.19
C VAL A 620 -29.69 -2.92 -17.76
N ASN A 621 -30.63 -3.15 -16.84
CA ASN A 621 -30.45 -2.85 -15.43
C ASN A 621 -31.06 -3.99 -14.64
N TRP A 622 -30.24 -4.66 -13.84
CA TRP A 622 -30.67 -5.83 -13.07
C TRP A 622 -31.12 -5.46 -11.65
N THR A 623 -31.63 -4.25 -11.46
CA THR A 623 -32.21 -3.88 -10.18
C THR A 623 -33.55 -4.56 -10.02
N THR A 624 -33.68 -5.36 -8.97
CA THR A 624 -34.86 -6.20 -8.71
C THR A 624 -35.07 -7.21 -9.83
N SER B 89 -48.89 -13.45 -32.87
CA SER B 89 -47.60 -13.13 -32.24
C SER B 89 -46.77 -12.22 -33.14
N TYR B 90 -45.74 -11.60 -32.57
CA TYR B 90 -44.80 -10.80 -33.34
C TYR B 90 -44.11 -11.68 -34.37
N THR B 91 -43.97 -11.15 -35.59
CA THR B 91 -43.35 -11.86 -36.71
C THR B 91 -41.97 -11.32 -37.08
N ASP B 92 -41.46 -10.31 -36.38
CA ASP B 92 -40.20 -9.69 -36.78
C ASP B 92 -39.01 -10.54 -36.32
N SER B 93 -37.82 -10.06 -36.65
CA SER B 93 -36.59 -10.78 -36.33
C SER B 93 -36.20 -10.71 -34.87
N TYR B 94 -36.80 -9.82 -34.08
CA TYR B 94 -36.38 -9.54 -32.71
C TYR B 94 -37.32 -10.11 -31.65
N TYR B 95 -38.63 -9.97 -31.85
CA TYR B 95 -39.63 -10.40 -30.87
C TYR B 95 -40.36 -11.65 -31.29
N LYS B 96 -39.79 -12.44 -32.20
CA LYS B 96 -40.48 -13.57 -32.83
C LYS B 96 -41.05 -14.54 -31.82
N GLY B 97 -42.37 -14.76 -31.90
CA GLY B 97 -43.06 -15.70 -31.05
C GLY B 97 -43.61 -15.12 -29.77
N GLN B 98 -43.30 -13.87 -29.44
CA GLN B 98 -43.89 -13.25 -28.27
C GLN B 98 -45.40 -13.15 -28.47
N THR B 99 -46.16 -13.44 -27.41
CA THR B 99 -47.61 -13.39 -27.46
C THR B 99 -48.14 -12.66 -26.22
N ALA B 100 -49.47 -12.69 -26.08
CA ALA B 100 -50.10 -11.95 -25.00
C ALA B 100 -49.72 -12.51 -23.64
N LEU B 101 -49.57 -13.82 -23.53
CA LEU B 101 -49.34 -14.44 -22.23
C LEU B 101 -47.99 -14.05 -21.65
N HIS B 102 -46.96 -13.95 -22.51
CA HIS B 102 -45.66 -13.48 -22.04
C HIS B 102 -45.76 -12.06 -21.50
N ILE B 103 -46.52 -11.20 -22.20
CA ILE B 103 -46.68 -9.82 -21.75
C ILE B 103 -47.42 -9.77 -20.43
N ALA B 104 -48.47 -10.60 -20.30
CA ALA B 104 -49.25 -10.65 -19.07
C ALA B 104 -48.40 -11.10 -17.90
N ILE B 105 -47.57 -12.11 -18.11
CA ILE B 105 -46.72 -12.60 -17.04
C ILE B 105 -45.67 -11.56 -16.68
N GLU B 106 -45.09 -10.92 -17.70
CA GLU B 106 -44.10 -9.88 -17.48
C GLU B 106 -44.70 -8.71 -16.71
N ARG B 107 -45.92 -8.33 -17.06
CA ARG B 107 -46.58 -7.21 -16.41
C ARG B 107 -47.08 -7.54 -15.01
N ARG B 108 -46.99 -8.79 -14.57
CA ARG B 108 -47.44 -9.20 -13.24
C ARG B 108 -48.94 -8.98 -13.08
N ASN B 109 -49.70 -9.43 -14.09
CA ASN B 109 -51.16 -9.39 -14.11
C ASN B 109 -51.65 -10.82 -13.97
N MET B 110 -51.99 -11.21 -12.73
CA MET B 110 -52.53 -12.55 -12.49
C MET B 110 -53.84 -12.77 -13.23
N THR B 111 -54.70 -11.74 -13.23
CA THR B 111 -56.04 -11.87 -13.78
C THR B 111 -56.00 -12.14 -15.27
N LEU B 112 -55.19 -11.36 -15.99
CA LEU B 112 -55.12 -11.52 -17.44
C LEU B 112 -54.54 -12.88 -17.82
N VAL B 113 -53.58 -13.37 -17.03
CA VAL B 113 -53.04 -14.71 -17.26
C VAL B 113 -54.13 -15.75 -17.10
N THR B 114 -54.94 -15.62 -16.05
CA THR B 114 -56.04 -16.55 -15.84
C THR B 114 -57.03 -16.50 -17.00
N LEU B 115 -57.34 -15.29 -17.45
CA LEU B 115 -58.29 -15.12 -18.55
C LEU B 115 -57.77 -15.74 -19.83
N LEU B 116 -56.49 -15.52 -20.13
CA LEU B 116 -55.93 -16.05 -21.36
C LEU B 116 -55.88 -17.57 -21.33
N VAL B 117 -55.44 -18.15 -20.21
CA VAL B 117 -55.36 -19.61 -20.10
C VAL B 117 -56.76 -20.22 -20.16
N GLU B 118 -57.75 -19.54 -19.59
CA GLU B 118 -59.13 -20.00 -19.68
C GLU B 118 -59.61 -20.05 -21.12
N ASN B 119 -59.21 -19.06 -21.93
CA ASN B 119 -59.69 -18.97 -23.31
C ASN B 119 -58.91 -19.86 -24.27
N GLY B 120 -58.07 -20.77 -23.77
CA GLY B 120 -57.34 -21.68 -24.63
C GLY B 120 -56.01 -21.16 -25.11
N ALA B 121 -55.46 -20.14 -24.46
CA ALA B 121 -54.16 -19.60 -24.82
C ALA B 121 -53.09 -20.67 -24.64
N ASP B 122 -52.13 -20.67 -25.56
CA ASP B 122 -51.05 -21.66 -25.52
C ASP B 122 -50.08 -21.31 -24.40
N VAL B 123 -49.88 -22.24 -23.46
CA VAL B 123 -48.93 -22.03 -22.37
C VAL B 123 -47.53 -22.53 -22.70
N GLN B 124 -47.32 -23.10 -23.88
CA GLN B 124 -46.03 -23.65 -24.29
C GLN B 124 -45.58 -23.08 -25.63
N ALA B 125 -45.93 -21.83 -25.91
CA ALA B 125 -45.35 -21.12 -27.05
C ALA B 125 -43.89 -20.82 -26.77
N ALA B 126 -43.10 -20.70 -27.84
CA ALA B 126 -41.70 -20.31 -27.77
C ALA B 126 -41.56 -18.90 -28.31
N ALA B 127 -41.01 -18.00 -27.50
CA ALA B 127 -40.69 -16.62 -27.91
C ALA B 127 -39.20 -16.56 -28.18
N ASN B 128 -38.83 -16.74 -29.45
CA ASN B 128 -37.47 -17.11 -29.83
C ASN B 128 -36.87 -16.12 -30.83
N GLY B 129 -37.17 -14.83 -30.67
CA GLY B 129 -36.50 -13.80 -31.44
C GLY B 129 -35.14 -13.44 -30.85
N ASP B 130 -34.42 -12.59 -31.57
CA ASP B 130 -33.08 -12.20 -31.14
C ASP B 130 -33.08 -11.44 -29.83
N PHE B 131 -34.18 -10.77 -29.51
CA PHE B 131 -34.25 -10.10 -28.22
C PHE B 131 -34.29 -11.08 -27.06
N PHE B 132 -34.72 -12.33 -27.30
CA PHE B 132 -35.00 -13.30 -26.24
C PHE B 132 -33.99 -14.45 -26.15
N LYS B 133 -32.93 -14.45 -26.96
CA LYS B 133 -31.92 -15.50 -26.94
C LYS B 133 -30.69 -15.08 -26.12
N LYS B 134 -29.89 -16.09 -25.76
CA LYS B 134 -28.66 -15.84 -25.01
C LYS B 134 -27.68 -15.04 -25.85
N THR B 135 -27.15 -13.96 -25.28
CA THR B 135 -26.22 -13.11 -26.01
C THR B 135 -25.43 -12.26 -25.02
N LYS B 136 -24.21 -11.90 -25.44
CA LYS B 136 -23.28 -11.11 -24.64
C LYS B 136 -23.11 -9.70 -25.20
N GLY B 137 -22.95 -9.58 -26.52
CA GLY B 137 -22.77 -8.30 -27.17
C GLY B 137 -24.07 -7.68 -27.66
N ARG B 138 -25.12 -7.76 -26.86
CA ARG B 138 -26.39 -7.16 -27.24
C ARG B 138 -27.28 -7.05 -26.01
N PRO B 139 -28.05 -5.97 -25.81
CA PRO B 139 -29.05 -6.01 -24.75
C PRO B 139 -30.15 -7.01 -25.09
N GLY B 140 -30.64 -7.69 -24.07
CA GLY B 140 -31.64 -8.71 -24.29
C GLY B 140 -32.09 -9.25 -22.96
N PHE B 141 -33.00 -10.21 -23.04
CA PHE B 141 -33.57 -10.84 -21.86
C PHE B 141 -33.81 -12.30 -22.23
N TYR B 142 -32.86 -13.15 -21.89
CA TYR B 142 -33.01 -14.58 -22.06
C TYR B 142 -33.66 -15.17 -20.81
N PHE B 143 -34.70 -15.96 -21.02
CA PHE B 143 -35.45 -16.56 -19.93
C PHE B 143 -35.85 -18.01 -20.18
N GLY B 144 -35.53 -18.58 -21.34
CA GLY B 144 -35.95 -19.92 -21.71
C GLY B 144 -37.10 -19.98 -22.69
N GLU B 145 -37.58 -18.83 -23.18
CA GLU B 145 -38.50 -18.71 -24.30
C GLU B 145 -39.93 -19.15 -24.02
N LEU B 146 -40.23 -19.72 -22.82
CA LEU B 146 -41.55 -20.29 -22.52
C LEU B 146 -42.23 -19.52 -21.39
N PRO B 147 -43.57 -19.46 -21.35
CA PRO B 147 -44.23 -18.72 -20.24
C PRO B 147 -43.95 -19.29 -18.86
N LEU B 148 -43.80 -20.61 -18.75
CA LEU B 148 -43.51 -21.20 -17.44
C LEU B 148 -42.15 -20.75 -16.94
N SER B 149 -41.15 -20.78 -17.82
CA SER B 149 -39.83 -20.31 -17.46
C SER B 149 -39.84 -18.83 -17.16
N LEU B 150 -40.65 -18.04 -17.87
CA LEU B 150 -40.72 -16.62 -17.61
C LEU B 150 -41.31 -16.35 -16.23
N ALA B 151 -42.40 -17.05 -15.91
CA ALA B 151 -43.04 -16.86 -14.62
C ALA B 151 -42.12 -17.25 -13.48
N ALA B 152 -41.36 -18.33 -13.67
CA ALA B 152 -40.39 -18.71 -12.65
C ALA B 152 -39.29 -17.67 -12.54
N CYS B 153 -38.81 -17.16 -13.68
CA CYS B 153 -37.66 -16.27 -13.66
C CYS B 153 -37.98 -14.93 -13.02
N THR B 154 -39.20 -14.42 -13.18
CA THR B 154 -39.58 -13.12 -12.65
C THR B 154 -40.04 -13.18 -11.20
N ASN B 155 -39.90 -14.32 -10.53
CA ASN B 155 -40.30 -14.49 -9.12
C ASN B 155 -41.80 -14.29 -8.95
N GLN B 156 -42.57 -15.09 -9.69
CA GLN B 156 -44.03 -15.13 -9.54
C GLN B 156 -44.44 -16.59 -9.37
N LEU B 157 -44.39 -17.06 -8.12
CA LEU B 157 -44.66 -18.46 -7.84
C LEU B 157 -46.11 -18.82 -8.11
N ALA B 158 -47.03 -17.87 -7.88
CA ALA B 158 -48.44 -18.14 -8.06
C ALA B 158 -48.77 -18.50 -9.49
N ILE B 159 -48.15 -17.81 -10.45
CA ILE B 159 -48.43 -18.10 -11.85
C ILE B 159 -47.86 -19.45 -12.22
N VAL B 160 -46.70 -19.81 -11.66
CA VAL B 160 -46.13 -21.12 -11.93
C VAL B 160 -47.07 -22.21 -11.43
N LYS B 161 -47.56 -22.05 -10.20
CA LYS B 161 -48.49 -23.03 -9.64
C LYS B 161 -49.76 -23.10 -10.47
N PHE B 162 -50.25 -21.95 -10.89
CA PHE B 162 -51.46 -21.91 -11.71
C PHE B 162 -51.24 -22.61 -13.04
N LEU B 163 -50.10 -22.34 -13.70
CA LEU B 163 -49.84 -22.91 -15.01
C LEU B 163 -49.71 -24.43 -14.93
N LEU B 164 -49.04 -24.93 -13.90
CA LEU B 164 -48.86 -26.37 -13.80
C LEU B 164 -50.14 -27.08 -13.35
N GLN B 165 -50.86 -26.49 -12.39
CA GLN B 165 -51.91 -27.18 -11.66
C GLN B 165 -53.32 -26.87 -12.16
N ASN B 166 -53.52 -25.84 -12.96
CA ASN B 166 -54.85 -25.58 -13.48
C ASN B 166 -55.22 -26.65 -14.51
N SER B 167 -56.52 -26.88 -14.62
CA SER B 167 -57.09 -27.92 -15.48
C SER B 167 -57.34 -27.47 -16.91
N TRP B 168 -57.32 -26.17 -17.18
CA TRP B 168 -57.66 -25.69 -18.51
C TRP B 168 -56.63 -26.11 -19.54
N GLN B 169 -55.37 -25.87 -19.25
CA GLN B 169 -54.28 -26.24 -20.14
C GLN B 169 -53.01 -26.37 -19.32
N PRO B 170 -52.64 -27.57 -18.83
CA PRO B 170 -51.47 -27.65 -17.95
C PRO B 170 -50.17 -27.45 -18.71
N ALA B 171 -49.18 -26.91 -17.99
CA ALA B 171 -47.87 -26.65 -18.56
C ALA B 171 -46.94 -27.83 -18.36
N ASP B 172 -46.05 -28.05 -19.33
CA ASP B 172 -45.08 -29.13 -19.26
C ASP B 172 -43.86 -28.65 -18.50
N ILE B 173 -43.68 -29.17 -17.29
CA ILE B 173 -42.54 -28.82 -16.47
C ILE B 173 -41.23 -29.27 -17.09
N SER B 174 -41.25 -30.26 -17.99
CA SER B 174 -40.05 -30.82 -18.60
C SER B 174 -39.78 -30.26 -19.98
N ALA B 175 -40.45 -29.19 -20.40
CA ALA B 175 -40.23 -28.64 -21.73
C ALA B 175 -38.84 -28.04 -21.84
N ARG B 176 -38.32 -28.04 -23.07
CA ARG B 176 -37.01 -27.49 -23.39
C ARG B 176 -37.12 -26.50 -24.53
N ASP B 177 -36.30 -25.46 -24.45
CA ASP B 177 -36.30 -24.39 -25.43
C ASP B 177 -35.49 -24.82 -26.66
N SER B 178 -35.17 -23.87 -27.53
CA SER B 178 -34.30 -24.18 -28.67
C SER B 178 -32.92 -24.58 -28.20
N VAL B 179 -32.42 -23.94 -27.14
CA VAL B 179 -31.10 -24.27 -26.60
C VAL B 179 -31.10 -25.61 -25.88
N GLY B 180 -32.27 -26.20 -25.63
CA GLY B 180 -32.36 -27.37 -24.79
C GLY B 180 -32.51 -27.07 -23.33
N ASN B 181 -32.48 -25.79 -22.94
CA ASN B 181 -32.63 -25.44 -21.54
C ASN B 181 -34.06 -25.63 -21.12
N THR B 182 -34.26 -26.31 -20.00
CA THR B 182 -35.54 -26.36 -19.33
C THR B 182 -35.54 -25.28 -18.25
N VAL B 183 -36.54 -25.32 -17.36
CA VAL B 183 -36.77 -24.23 -16.43
C VAL B 183 -35.60 -24.08 -15.47
N LEU B 184 -35.06 -25.20 -15.01
CA LEU B 184 -33.98 -25.14 -14.04
C LEU B 184 -32.72 -24.55 -14.65
N HIS B 185 -32.45 -24.89 -15.91
CA HIS B 185 -31.33 -24.28 -16.62
C HIS B 185 -31.52 -22.78 -16.72
N ALA B 186 -32.75 -22.35 -17.02
CA ALA B 186 -33.03 -20.93 -17.11
C ALA B 186 -32.80 -20.23 -15.78
N LEU B 187 -33.22 -20.87 -14.69
CA LEU B 187 -33.04 -20.27 -13.37
C LEU B 187 -31.57 -20.17 -13.01
N VAL B 188 -30.79 -21.18 -13.37
CA VAL B 188 -29.35 -21.12 -13.16
C VAL B 188 -28.78 -19.96 -13.96
N GLU B 189 -29.26 -19.79 -15.20
CA GLU B 189 -28.69 -18.81 -16.10
C GLU B 189 -28.86 -17.40 -15.59
N VAL B 190 -29.99 -17.10 -14.95
CA VAL B 190 -30.31 -15.73 -14.53
C VAL B 190 -29.84 -15.45 -13.10
N ALA B 191 -28.90 -16.25 -12.59
CA ALA B 191 -28.27 -15.91 -11.33
C ALA B 191 -27.23 -14.82 -11.53
N ASP B 192 -26.88 -14.14 -10.44
CA ASP B 192 -25.83 -13.14 -10.46
C ASP B 192 -25.04 -13.07 -9.16
N ASN B 193 -25.15 -14.06 -8.28
CA ASN B 193 -24.28 -14.22 -7.11
C ASN B 193 -24.42 -13.12 -6.08
N THR B 194 -25.49 -12.33 -6.13
CA THR B 194 -25.83 -11.40 -5.07
C THR B 194 -26.74 -12.09 -4.05
N VAL B 195 -26.85 -11.49 -2.87
CA VAL B 195 -27.57 -12.10 -1.77
C VAL B 195 -29.04 -12.26 -2.11
N ASP B 196 -29.66 -11.18 -2.58
CA ASP B 196 -31.10 -11.20 -2.79
C ASP B 196 -31.45 -12.08 -3.96
N ASN B 197 -30.70 -11.95 -5.05
CA ASN B 197 -30.91 -12.80 -6.21
C ASN B 197 -30.72 -14.26 -5.86
N THR B 198 -29.70 -14.57 -5.06
CA THR B 198 -29.48 -15.94 -4.64
C THR B 198 -30.67 -16.46 -3.86
N LYS B 199 -31.22 -15.65 -2.96
CA LYS B 199 -32.41 -16.06 -2.22
C LYS B 199 -33.57 -16.36 -3.15
N PHE B 200 -33.84 -15.44 -4.09
CA PHE B 200 -34.95 -15.62 -5.02
C PHE B 200 -34.79 -16.89 -5.83
N VAL B 201 -33.61 -17.07 -6.43
CA VAL B 201 -33.43 -18.13 -7.40
C VAL B 201 -33.42 -19.47 -6.69
N THR B 202 -32.75 -19.55 -5.55
CA THR B 202 -32.75 -20.77 -4.75
C THR B 202 -34.16 -21.14 -4.33
N SER B 203 -34.92 -20.15 -3.86
CA SER B 203 -36.28 -20.40 -3.41
C SER B 203 -37.15 -20.96 -4.53
N MET B 204 -37.13 -20.29 -5.69
CA MET B 204 -37.97 -20.71 -6.80
C MET B 204 -37.55 -22.08 -7.31
N TYR B 205 -36.24 -22.33 -7.34
CA TYR B 205 -35.72 -23.63 -7.73
C TYR B 205 -36.27 -24.73 -6.84
N ASN B 206 -36.20 -24.52 -5.52
CA ASN B 206 -36.64 -25.54 -4.60
C ASN B 206 -38.14 -25.79 -4.70
N GLU B 207 -38.92 -24.72 -4.84
CA GLU B 207 -40.36 -24.89 -4.93
C GLU B 207 -40.74 -25.62 -6.22
N ILE B 208 -40.05 -25.31 -7.31
CA ILE B 208 -40.32 -26.03 -8.56
C ILE B 208 -39.98 -27.50 -8.40
N LEU B 209 -38.92 -27.81 -7.67
CA LEU B 209 -38.55 -29.22 -7.52
C LEU B 209 -39.57 -29.98 -6.70
N ILE B 210 -40.05 -29.37 -5.61
CA ILE B 210 -41.05 -30.04 -4.79
C ILE B 210 -42.33 -30.26 -5.59
N LEU B 211 -42.73 -29.24 -6.35
CA LEU B 211 -43.93 -29.38 -7.17
C LEU B 211 -43.76 -30.42 -8.25
N GLY B 212 -42.57 -30.54 -8.81
CA GLY B 212 -42.32 -31.57 -9.80
C GLY B 212 -42.41 -32.96 -9.19
N ALA B 213 -41.85 -33.13 -7.99
CA ALA B 213 -41.94 -34.42 -7.32
C ALA B 213 -43.38 -34.78 -7.01
N LYS B 214 -44.19 -33.79 -6.64
CA LYS B 214 -45.59 -34.08 -6.33
C LYS B 214 -46.38 -34.42 -7.60
N LEU B 215 -46.21 -33.62 -8.66
CA LEU B 215 -47.01 -33.83 -9.86
C LEU B 215 -46.51 -34.99 -10.71
N HIS B 216 -45.20 -35.20 -10.74
CA HIS B 216 -44.57 -36.22 -11.57
C HIS B 216 -43.55 -36.94 -10.71
N PRO B 217 -43.99 -37.86 -9.85
CA PRO B 217 -43.03 -38.58 -8.99
C PRO B 217 -42.02 -39.41 -9.75
N THR B 218 -42.30 -39.78 -10.99
CA THR B 218 -41.40 -40.58 -11.80
C THR B 218 -40.43 -39.73 -12.62
N LEU B 219 -40.46 -38.41 -12.48
CA LEU B 219 -39.69 -37.49 -13.32
C LEU B 219 -38.48 -36.99 -12.53
N LYS B 220 -37.33 -36.97 -13.18
CA LYS B 220 -36.09 -36.43 -12.63
C LYS B 220 -35.65 -35.25 -13.49
N LEU B 221 -36.05 -34.05 -13.08
CA LEU B 221 -35.72 -32.84 -13.85
C LEU B 221 -34.22 -32.60 -13.88
N GLU B 222 -33.54 -32.81 -12.77
CA GLU B 222 -32.15 -32.40 -12.65
C GLU B 222 -31.22 -33.19 -13.56
N GLU B 223 -31.64 -34.35 -14.05
CA GLU B 223 -30.86 -35.09 -15.03
C GLU B 223 -31.03 -34.58 -16.45
N ILE B 224 -31.99 -33.68 -16.70
CA ILE B 224 -32.23 -33.26 -18.07
C ILE B 224 -31.05 -32.40 -18.51
N THR B 225 -30.50 -32.73 -19.67
CA THR B 225 -29.37 -32.02 -20.25
C THR B 225 -29.86 -31.13 -21.38
N ASN B 226 -29.25 -29.96 -21.47
CA ASN B 226 -29.52 -29.05 -22.57
C ASN B 226 -28.68 -29.48 -23.77
N ARG B 227 -28.70 -28.67 -24.83
CA ARG B 227 -28.08 -29.08 -26.08
C ARG B 227 -26.57 -29.21 -25.96
N LYS B 228 -25.95 -28.50 -25.03
CA LYS B 228 -24.54 -28.70 -24.73
C LYS B 228 -24.28 -29.90 -23.83
N GLY B 229 -25.31 -30.68 -23.49
CA GLY B 229 -25.11 -31.82 -22.63
C GLY B 229 -25.01 -31.50 -21.15
N LEU B 230 -25.38 -30.28 -20.76
CA LEU B 230 -25.16 -29.82 -19.39
C LEU B 230 -26.46 -29.89 -18.59
N THR B 231 -26.36 -30.46 -17.42
CA THR B 231 -27.41 -30.44 -16.43
C THR B 231 -27.40 -29.10 -15.74
N PRO B 232 -28.44 -28.78 -14.96
CA PRO B 232 -28.40 -27.53 -14.18
C PRO B 232 -27.21 -27.42 -13.27
N LEU B 233 -26.77 -28.52 -12.67
CA LEU B 233 -25.61 -28.46 -11.81
C LEU B 233 -24.34 -28.18 -12.61
N ALA B 234 -24.17 -28.88 -13.73
CA ALA B 234 -23.01 -28.65 -14.58
C ALA B 234 -22.99 -27.24 -15.11
N LEU B 235 -24.16 -26.71 -15.48
CA LEU B 235 -24.24 -25.35 -15.98
C LEU B 235 -23.89 -24.36 -14.88
N ALA B 236 -24.37 -24.59 -13.67
CA ALA B 236 -24.04 -23.70 -12.57
C ALA B 236 -22.56 -23.67 -12.29
N ALA B 237 -21.93 -24.85 -12.33
CA ALA B 237 -20.48 -24.90 -12.16
C ALA B 237 -19.77 -24.20 -13.30
N SER B 238 -20.27 -24.39 -14.52
CA SER B 238 -19.62 -23.83 -15.70
C SER B 238 -19.62 -22.32 -15.67
N SER B 239 -20.74 -21.72 -15.31
CA SER B 239 -20.85 -20.27 -15.33
C SER B 239 -20.35 -19.61 -14.06
N GLY B 240 -19.91 -20.37 -13.07
CA GLY B 240 -19.41 -19.76 -11.85
C GLY B 240 -20.47 -19.26 -10.91
N LYS B 241 -21.67 -19.82 -10.96
CA LYS B 241 -22.75 -19.43 -10.06
C LYS B 241 -22.44 -20.06 -8.70
N ILE B 242 -21.68 -19.32 -7.89
CA ILE B 242 -21.24 -19.81 -6.59
C ILE B 242 -22.43 -20.05 -5.68
N GLY B 243 -23.43 -19.16 -5.71
CA GLY B 243 -24.56 -19.30 -4.80
C GLY B 243 -25.41 -20.50 -5.12
N VAL B 244 -25.74 -20.68 -6.40
CA VAL B 244 -26.61 -21.77 -6.81
C VAL B 244 -25.91 -23.10 -6.59
N LEU B 245 -24.62 -23.17 -6.91
CA LEU B 245 -23.86 -24.39 -6.68
C LEU B 245 -23.81 -24.73 -5.20
N ALA B 246 -23.48 -23.74 -4.37
CA ALA B 246 -23.37 -23.96 -2.94
C ALA B 246 -24.69 -24.42 -2.37
N TYR B 247 -25.79 -23.87 -2.88
CA TYR B 247 -27.11 -24.34 -2.45
C TYR B 247 -27.32 -25.79 -2.87
N ILE B 248 -27.04 -26.12 -4.14
CA ILE B 248 -27.45 -27.42 -4.66
C ILE B 248 -26.67 -28.53 -3.97
N LEU B 249 -25.36 -28.36 -3.80
CA LEU B 249 -24.52 -29.47 -3.36
C LEU B 249 -24.86 -29.94 -1.97
N GLN B 250 -25.24 -29.03 -1.08
CA GLN B 250 -25.62 -29.33 0.29
C GLN B 250 -27.08 -29.02 0.52
N ARG B 251 -27.92 -29.43 -0.43
CA ARG B 251 -29.35 -29.31 -0.30
C ARG B 251 -29.87 -30.34 0.69
N GLU B 252 -30.65 -29.86 1.67
CA GLU B 252 -31.30 -30.70 2.65
C GLU B 252 -32.72 -30.19 2.81
N ILE B 253 -33.70 -31.06 2.58
CA ILE B 253 -35.12 -30.72 2.68
C ILE B 253 -35.70 -31.48 3.86
N HIS B 254 -36.15 -30.75 4.87
CA HIS B 254 -36.74 -31.33 6.07
C HIS B 254 -38.26 -31.35 5.91
N GLU B 255 -38.73 -32.28 5.08
CA GLU B 255 -40.14 -32.45 4.81
C GLU B 255 -40.29 -33.92 4.45
N PRO B 256 -41.25 -34.65 5.02
CA PRO B 256 -41.42 -36.05 4.62
C PRO B 256 -42.00 -36.13 3.23
N GLU B 257 -41.96 -37.34 2.68
CA GLU B 257 -42.53 -37.71 1.38
C GLU B 257 -41.75 -37.15 0.19
N CYS B 258 -40.72 -36.33 0.41
CA CYS B 258 -39.90 -35.77 -0.66
C CYS B 258 -38.44 -35.66 -0.23
N ARG B 259 -38.01 -36.48 0.74
CA ARG B 259 -36.61 -36.47 1.14
C ARG B 259 -35.70 -36.99 0.05
N HIS B 260 -36.22 -37.73 -0.93
CA HIS B 260 -35.38 -38.20 -2.02
C HIS B 260 -34.83 -37.06 -2.88
N LEU B 261 -35.40 -35.86 -2.78
CA LEU B 261 -34.82 -34.69 -3.41
C LEU B 261 -33.64 -34.11 -2.65
N SER B 262 -33.36 -34.57 -1.44
CA SER B 262 -32.20 -34.09 -0.73
C SER B 262 -30.93 -34.70 -1.31
N ARG B 263 -29.83 -33.96 -1.18
CA ARG B 263 -28.49 -34.46 -1.41
C ARG B 263 -27.68 -34.59 -0.15
N LYS B 264 -27.90 -33.70 0.81
CA LYS B 264 -27.29 -33.77 2.12
C LYS B 264 -28.25 -34.47 3.08
N PHE B 265 -27.72 -35.36 3.89
CA PHE B 265 -28.51 -36.10 4.87
C PHE B 265 -27.69 -36.14 6.16
N THR B 266 -28.15 -35.41 7.16
CA THR B 266 -27.42 -35.28 8.41
C THR B 266 -27.66 -36.50 9.26
N GLU B 267 -26.59 -37.28 9.54
CA GLU B 267 -26.79 -38.44 10.40
C GLU B 267 -26.84 -38.06 11.86
N TRP B 268 -25.97 -37.17 12.33
CA TRP B 268 -26.11 -36.76 13.73
C TRP B 268 -25.39 -35.45 13.99
N ALA B 269 -25.59 -34.92 15.19
CA ALA B 269 -24.93 -33.71 15.63
C ALA B 269 -24.70 -33.76 17.13
N TYR B 270 -23.55 -33.23 17.54
CA TYR B 270 -23.20 -32.96 18.93
C TYR B 270 -22.97 -31.45 18.99
N GLY B 271 -22.39 -30.97 20.10
CA GLY B 271 -22.27 -29.56 20.37
C GLY B 271 -21.65 -28.72 19.26
N PRO B 272 -20.36 -28.88 19.00
CA PRO B 272 -19.71 -28.13 17.92
C PRO B 272 -19.62 -28.87 16.60
N VAL B 273 -19.87 -30.18 16.60
CA VAL B 273 -19.51 -31.08 15.50
C VAL B 273 -20.77 -31.81 15.06
N HIS B 274 -20.88 -32.05 13.76
CA HIS B 274 -21.98 -32.84 13.22
C HIS B 274 -21.54 -33.57 11.97
N SER B 275 -22.15 -34.74 11.74
CA SER B 275 -21.78 -35.65 10.68
C SER B 275 -22.95 -35.84 9.74
N SER B 276 -22.67 -35.73 8.45
CA SER B 276 -23.66 -35.88 7.40
C SER B 276 -23.08 -36.69 6.28
N LEU B 277 -23.95 -37.10 5.38
CA LEU B 277 -23.58 -37.75 4.14
C LEU B 277 -24.00 -36.85 2.99
N TYR B 278 -23.10 -36.66 2.02
CA TYR B 278 -23.36 -35.89 0.82
C TYR B 278 -23.50 -36.84 -0.36
N ASP B 279 -24.33 -36.45 -1.32
CA ASP B 279 -24.78 -37.37 -2.35
C ASP B 279 -23.63 -37.84 -3.23
N LEU B 280 -22.79 -36.92 -3.68
CA LEU B 280 -21.62 -37.19 -4.53
C LEU B 280 -21.97 -37.61 -5.95
N SER B 281 -23.24 -37.79 -6.28
CA SER B 281 -23.56 -38.31 -7.60
C SER B 281 -23.28 -37.27 -8.68
N CYS B 282 -22.53 -37.66 -9.70
CA CYS B 282 -22.12 -36.80 -10.80
C CYS B 282 -21.29 -35.62 -10.31
N ILE B 283 -20.49 -35.82 -9.27
CA ILE B 283 -19.45 -34.87 -8.90
C ILE B 283 -18.11 -35.26 -9.50
N ASP B 284 -17.78 -36.55 -9.44
CA ASP B 284 -16.48 -37.07 -9.84
C ASP B 284 -16.58 -38.05 -11.00
N THR B 285 -17.50 -38.99 -10.93
CA THR B 285 -17.80 -39.91 -12.02
C THR B 285 -19.22 -39.65 -12.48
N CYS B 286 -19.35 -39.03 -13.65
CA CYS B 286 -20.64 -38.62 -14.20
C CYS B 286 -20.87 -39.20 -15.59
N GLU B 287 -19.79 -39.43 -16.33
CA GLU B 287 -19.76 -40.01 -17.66
C GLU B 287 -20.22 -39.05 -18.75
N LYS B 288 -20.62 -37.82 -18.43
CA LYS B 288 -20.74 -36.76 -19.42
C LYS B 288 -19.83 -35.59 -19.09
N ASN B 289 -20.06 -34.87 -18.00
CA ASN B 289 -19.28 -33.68 -17.70
C ASN B 289 -19.46 -33.37 -16.20
N SER B 290 -18.54 -33.88 -15.39
CA SER B 290 -18.71 -33.83 -13.96
C SER B 290 -18.41 -32.43 -13.44
N VAL B 291 -18.70 -32.21 -12.16
CA VAL B 291 -18.52 -30.89 -11.59
C VAL B 291 -17.05 -30.51 -11.56
N LEU B 292 -16.20 -31.44 -11.15
CA LEU B 292 -14.78 -31.12 -10.96
C LEU B 292 -14.10 -30.89 -12.29
N GLU B 293 -14.48 -31.65 -13.31
CA GLU B 293 -13.99 -31.38 -14.66
C GLU B 293 -14.37 -29.98 -15.10
N VAL B 294 -15.61 -29.60 -14.84
CA VAL B 294 -16.11 -28.33 -15.32
C VAL B 294 -15.42 -27.18 -14.61
N ILE B 295 -15.19 -27.32 -13.31
CA ILE B 295 -14.50 -26.26 -12.58
C ILE B 295 -13.04 -26.18 -13.03
N ALA B 296 -12.38 -27.34 -13.15
CA ALA B 296 -10.95 -27.34 -13.44
C ALA B 296 -10.66 -26.77 -14.83
N TYR B 297 -11.33 -27.29 -15.85
CA TYR B 297 -11.07 -26.88 -17.23
C TYR B 297 -11.90 -25.67 -17.63
N SER B 298 -12.32 -24.86 -16.67
CA SER B 298 -12.93 -23.59 -17.02
C SER B 298 -11.87 -22.66 -17.61
N SER B 299 -12.34 -21.64 -18.32
CA SER B 299 -11.48 -20.86 -19.18
C SER B 299 -10.85 -19.66 -18.49
N SER B 300 -10.75 -19.67 -17.16
CA SER B 300 -10.11 -18.60 -16.39
C SER B 300 -10.89 -17.29 -16.35
N GLU B 301 -12.02 -17.21 -17.06
CA GLU B 301 -12.90 -16.05 -17.09
C GLU B 301 -14.10 -16.23 -16.18
N THR B 302 -14.41 -17.46 -15.80
CA THR B 302 -15.48 -17.76 -14.87
C THR B 302 -15.22 -17.02 -13.55
N PRO B 303 -16.16 -16.22 -13.04
CA PRO B 303 -15.80 -15.28 -11.96
C PRO B 303 -15.31 -15.92 -10.68
N ASN B 304 -15.91 -17.02 -10.25
CA ASN B 304 -15.70 -17.59 -8.93
C ASN B 304 -15.00 -18.93 -9.06
N ARG B 305 -14.04 -19.00 -9.98
CA ARG B 305 -13.35 -20.25 -10.26
C ARG B 305 -12.62 -20.77 -9.04
N HIS B 306 -12.09 -19.85 -8.23
CA HIS B 306 -11.33 -20.24 -7.05
C HIS B 306 -12.22 -20.50 -5.85
N ASP B 307 -13.29 -19.75 -5.72
CA ASP B 307 -14.16 -19.92 -4.57
C ASP B 307 -14.92 -21.24 -4.64
N MET B 308 -15.18 -21.74 -5.85
CA MET B 308 -16.07 -22.88 -5.99
C MET B 308 -15.46 -24.14 -5.42
N LEU B 309 -14.14 -24.22 -5.30
CA LEU B 309 -13.52 -25.39 -4.69
C LEU B 309 -13.54 -25.34 -3.17
N LEU B 310 -13.87 -24.20 -2.57
CA LEU B 310 -13.97 -24.10 -1.13
C LEU B 310 -15.28 -24.63 -0.58
N VAL B 311 -16.27 -24.89 -1.44
CA VAL B 311 -17.55 -25.43 -1.00
C VAL B 311 -17.30 -26.82 -0.43
N GLU B 312 -17.92 -27.10 0.71
CA GLU B 312 -17.52 -28.15 1.65
C GLU B 312 -17.31 -29.54 1.06
N PRO B 313 -18.32 -30.15 0.40
CA PRO B 313 -18.12 -31.51 -0.09
C PRO B 313 -17.00 -31.62 -1.07
N LEU B 314 -16.83 -30.63 -1.94
CA LEU B 314 -15.75 -30.67 -2.90
C LEU B 314 -14.40 -30.57 -2.21
N ASN B 315 -14.29 -29.67 -1.23
CA ASN B 315 -13.00 -29.46 -0.59
C ASN B 315 -12.55 -30.72 0.15
N ARG B 316 -13.47 -31.34 0.89
CA ARG B 316 -13.11 -32.59 1.55
C ARG B 316 -12.85 -33.69 0.53
N LEU B 317 -13.59 -33.68 -0.58
CA LEU B 317 -13.42 -34.70 -1.59
C LEU B 317 -12.02 -34.65 -2.18
N LEU B 318 -11.57 -33.46 -2.50
CA LEU B 318 -10.24 -33.30 -3.08
C LEU B 318 -9.17 -33.60 -2.06
N GLN B 319 -9.37 -33.19 -0.81
CA GLN B 319 -8.38 -33.51 0.22
C GLN B 319 -8.25 -35.01 0.41
N ASP B 320 -9.36 -35.73 0.38
CA ASP B 320 -9.31 -37.18 0.52
C ASP B 320 -8.62 -37.83 -0.67
N LYS B 321 -8.95 -37.38 -1.89
CA LYS B 321 -8.31 -37.94 -3.07
C LYS B 321 -6.83 -37.67 -3.07
N TRP B 322 -6.42 -36.49 -2.61
CA TRP B 322 -5.00 -36.17 -2.53
C TRP B 322 -4.30 -37.07 -1.52
N ASP B 323 -4.81 -37.13 -0.29
CA ASP B 323 -4.12 -37.88 0.74
C ASP B 323 -4.13 -39.37 0.51
N ARG B 324 -5.15 -39.89 -0.17
CA ARG B 324 -5.27 -41.34 -0.25
C ARG B 324 -4.20 -41.92 -1.14
N PHE B 325 -4.25 -41.61 -2.43
CA PHE B 325 -3.39 -42.25 -3.43
C PHE B 325 -2.75 -41.30 -4.42
N VAL B 326 -3.25 -40.10 -4.64
CA VAL B 326 -2.69 -39.24 -5.68
C VAL B 326 -1.33 -38.71 -5.26
N LYS B 327 -1.15 -38.42 -3.98
CA LYS B 327 0.07 -37.76 -3.50
C LYS B 327 1.32 -38.60 -3.79
N ARG B 328 1.25 -39.90 -3.51
CA ARG B 328 2.37 -40.77 -3.78
C ARG B 328 2.67 -40.82 -5.26
N ILE B 329 1.64 -40.88 -6.09
CA ILE B 329 1.83 -40.95 -7.53
C ILE B 329 2.49 -39.69 -8.04
N PHE B 330 2.10 -38.55 -7.48
CA PHE B 330 2.71 -37.28 -7.86
C PHE B 330 4.19 -37.29 -7.55
N TYR B 331 4.56 -37.70 -6.34
CA TYR B 331 5.99 -37.70 -6.01
C TYR B 331 6.75 -38.69 -6.86
N PHE B 332 6.13 -39.82 -7.20
CA PHE B 332 6.78 -40.78 -8.07
C PHE B 332 7.04 -40.19 -9.44
N ASN B 333 6.06 -39.46 -9.97
CA ASN B 333 6.24 -38.81 -11.26
C ASN B 333 7.35 -37.78 -11.21
N PHE B 334 7.40 -37.00 -10.13
CA PHE B 334 8.42 -35.99 -10.01
C PHE B 334 9.81 -36.61 -9.94
N PHE B 335 9.94 -37.69 -9.18
CA PHE B 335 11.21 -38.38 -9.09
C PHE B 335 11.63 -38.95 -10.43
N VAL B 336 10.70 -39.52 -11.18
CA VAL B 336 11.06 -40.07 -12.48
C VAL B 336 11.49 -38.96 -13.43
N TYR B 337 10.83 -37.81 -13.36
CA TYR B 337 11.24 -36.71 -14.21
C TYR B 337 12.65 -36.25 -13.85
N CYS B 338 12.97 -36.22 -12.56
CA CYS B 338 14.32 -35.86 -12.16
C CYS B 338 15.34 -36.85 -12.70
N LEU B 339 15.03 -38.14 -12.64
CA LEU B 339 15.94 -39.13 -13.21
C LEU B 339 16.10 -38.94 -14.70
N TYR B 340 15.01 -38.64 -15.39
CA TYR B 340 15.07 -38.42 -16.82
C TYR B 340 15.97 -37.25 -17.15
N MET B 341 15.83 -36.16 -16.42
CA MET B 341 16.65 -35.00 -16.72
C MET B 341 18.10 -35.25 -16.39
N ILE B 342 18.39 -36.02 -15.35
CA ILE B 342 19.79 -36.32 -15.05
C ILE B 342 20.40 -37.15 -16.16
N ILE B 343 19.66 -38.14 -16.64
CA ILE B 343 20.18 -38.98 -17.73
C ILE B 343 20.39 -38.14 -18.97
N PHE B 344 19.45 -37.26 -19.28
CA PHE B 344 19.59 -36.43 -20.47
C PHE B 344 20.79 -35.50 -20.35
N THR B 345 20.98 -34.89 -19.18
CA THR B 345 22.11 -33.98 -19.01
C THR B 345 23.43 -34.73 -19.17
N ALA B 346 23.54 -35.90 -18.56
CA ALA B 346 24.78 -36.66 -18.66
C ALA B 346 25.02 -37.13 -20.07
N ALA B 347 23.97 -37.55 -20.77
CA ALA B 347 24.14 -37.96 -22.16
C ALA B 347 24.57 -36.80 -23.03
N ALA B 348 24.02 -35.62 -22.77
CA ALA B 348 24.37 -34.46 -23.59
C ALA B 348 25.79 -33.99 -23.31
N TYR B 349 26.24 -34.07 -22.06
CA TYR B 349 27.54 -33.52 -21.71
C TYR B 349 28.66 -34.23 -22.43
N TYR B 350 28.57 -35.55 -22.52
CA TYR B 350 29.63 -36.40 -23.06
C TYR B 350 29.47 -36.68 -24.54
N ARG B 351 28.89 -35.76 -25.29
CA ARG B 351 28.72 -35.99 -26.71
C ARG B 351 30.10 -36.02 -27.39
N PRO B 352 30.23 -36.70 -28.52
CA PRO B 352 31.50 -36.61 -29.26
C PRO B 352 31.64 -35.27 -29.94
N VAL B 353 32.89 -34.89 -30.17
CA VAL B 353 33.25 -33.62 -30.79
C VAL B 353 33.87 -33.82 -32.17
N GLU B 354 33.72 -34.99 -32.77
CA GLU B 354 34.11 -35.21 -34.15
C GLU B 354 33.08 -34.60 -35.09
N GLY B 355 33.33 -34.71 -36.38
CA GLY B 355 32.44 -34.17 -37.37
C GLY B 355 31.42 -35.16 -37.87
N LEU B 356 30.40 -34.62 -38.54
CA LEU B 356 29.50 -35.41 -39.36
C LEU B 356 28.76 -36.51 -38.59
N PRO B 357 27.70 -36.19 -37.85
CA PRO B 357 26.88 -37.25 -37.26
C PRO B 357 26.19 -38.06 -38.34
N PRO B 358 25.63 -39.23 -38.01
CA PRO B 358 25.64 -39.94 -36.74
C PRO B 358 26.97 -40.56 -36.48
N TYR B 359 27.26 -40.90 -35.23
CA TYR B 359 28.56 -41.41 -34.82
C TYR B 359 28.46 -42.88 -34.49
N LYS B 360 29.37 -43.67 -35.06
CA LYS B 360 29.35 -45.10 -34.87
C LYS B 360 29.82 -45.45 -33.48
N LEU B 361 29.37 -46.61 -33.00
CA LEU B 361 29.72 -47.07 -31.67
C LEU B 361 31.03 -47.82 -31.71
N LYS B 362 31.79 -47.68 -30.63
CA LYS B 362 32.94 -48.52 -30.37
C LYS B 362 32.56 -49.56 -29.32
N ASN B 363 33.22 -50.72 -29.41
CA ASN B 363 33.01 -51.79 -28.44
C ASN B 363 33.71 -51.39 -27.13
N THR B 364 33.05 -50.49 -26.41
CA THR B 364 33.56 -50.00 -25.14
C THR B 364 32.39 -49.58 -24.27
N VAL B 365 32.64 -49.58 -22.96
CA VAL B 365 31.58 -49.33 -21.98
C VAL B 365 31.01 -47.93 -22.14
N GLY B 366 31.87 -46.95 -22.38
CA GLY B 366 31.42 -45.57 -22.47
C GLY B 366 30.41 -45.37 -23.58
N ASP B 367 30.65 -45.97 -24.75
CA ASP B 367 29.71 -45.82 -25.85
C ASP B 367 28.39 -46.51 -25.55
N TYR B 368 28.42 -47.63 -24.83
CA TYR B 368 27.15 -48.27 -24.49
C TYR B 368 26.34 -47.40 -23.56
N PHE B 369 26.97 -46.82 -22.55
CA PHE B 369 26.19 -45.94 -21.67
C PHE B 369 25.74 -44.69 -22.39
N ARG B 370 26.57 -44.14 -23.27
CA ARG B 370 26.18 -42.95 -24.01
C ARG B 370 24.98 -43.22 -24.90
N VAL B 371 25.03 -44.30 -25.68
CA VAL B 371 23.93 -44.55 -26.60
C VAL B 371 22.69 -44.96 -25.82
N THR B 372 22.86 -45.61 -24.66
CA THR B 372 21.72 -45.90 -23.81
C THR B 372 21.04 -44.63 -23.33
N GLY B 373 21.84 -43.66 -22.89
CA GLY B 373 21.28 -42.38 -22.49
C GLY B 373 20.60 -41.66 -23.64
N GLU B 374 21.19 -41.73 -24.83
CA GLU B 374 20.59 -41.08 -25.99
C GLU B 374 19.24 -41.68 -26.32
N ILE B 375 19.14 -43.01 -26.26
CA ILE B 375 17.88 -43.66 -26.55
C ILE B 375 16.82 -43.29 -25.52
N LEU B 376 17.20 -43.24 -24.25
CA LEU B 376 16.23 -42.87 -23.22
C LEU B 376 15.78 -41.43 -23.38
N SER B 377 16.70 -40.53 -23.71
CA SER B 377 16.35 -39.13 -23.88
C SER B 377 15.37 -38.94 -25.02
N VAL B 378 15.63 -39.58 -26.15
CA VAL B 378 14.72 -39.45 -27.29
C VAL B 378 13.37 -40.07 -26.97
N SER B 379 13.38 -41.17 -26.22
CA SER B 379 12.12 -41.80 -25.80
C SER B 379 11.29 -40.84 -24.97
N GLY B 380 11.91 -40.15 -24.02
CA GLY B 380 11.18 -39.18 -23.23
C GLY B 380 10.62 -38.05 -24.06
N GLY B 381 11.39 -37.59 -25.04
CA GLY B 381 10.89 -36.55 -25.93
C GLY B 381 9.67 -36.99 -26.71
N VAL B 382 9.69 -38.22 -27.22
CA VAL B 382 8.55 -38.76 -27.94
C VAL B 382 7.33 -38.84 -27.04
N TYR B 383 7.55 -39.27 -25.80
CA TYR B 383 6.44 -39.38 -24.85
C TYR B 383 5.79 -38.02 -24.60
N PHE B 384 6.60 -36.99 -24.38
CA PHE B 384 6.02 -35.68 -24.12
C PHE B 384 5.33 -35.14 -25.36
N PHE B 385 5.84 -35.46 -26.54
CA PHE B 385 5.18 -35.05 -27.77
C PHE B 385 3.77 -35.60 -27.85
N PHE B 386 3.62 -36.89 -27.62
CA PHE B 386 2.30 -37.47 -27.74
C PHE B 386 1.37 -37.04 -26.60
N ARG B 387 1.90 -36.82 -25.40
CA ARG B 387 1.04 -36.30 -24.34
C ARG B 387 0.53 -34.91 -24.69
N GLY B 388 1.37 -34.09 -25.30
CA GLY B 388 0.90 -32.77 -25.71
C GLY B 388 -0.18 -32.85 -26.77
N ILE B 389 -0.03 -33.75 -27.72
CA ILE B 389 -1.04 -33.87 -28.76
C ILE B 389 -2.36 -34.35 -28.18
N GLN B 390 -2.30 -35.33 -27.28
CA GLN B 390 -3.53 -35.81 -26.64
C GLN B 390 -4.21 -34.70 -25.87
N TYR B 391 -3.42 -33.84 -25.21
CA TYR B 391 -4.00 -32.72 -24.50
C TYR B 391 -4.73 -31.78 -25.46
N PHE B 392 -4.07 -31.41 -26.54
CA PHE B 392 -4.69 -30.42 -27.42
C PHE B 392 -5.90 -30.98 -28.12
N LEU B 393 -5.92 -32.28 -28.41
CA LEU B 393 -7.12 -32.86 -28.99
C LEU B 393 -8.24 -32.96 -27.98
N GLN B 394 -7.94 -33.35 -26.74
CA GLN B 394 -9.02 -33.53 -25.77
C GLN B 394 -9.62 -32.21 -25.33
N ARG B 395 -8.82 -31.14 -25.27
CA ARG B 395 -9.30 -29.87 -24.78
C ARG B 395 -9.79 -28.94 -25.87
N ARG B 396 -9.17 -28.96 -27.05
CA ARG B 396 -9.53 -28.10 -28.16
C ARG B 396 -9.52 -26.61 -27.76
N PRO B 397 -8.41 -26.11 -27.25
CA PRO B 397 -8.41 -24.73 -26.74
C PRO B 397 -8.42 -23.72 -27.87
N SER B 398 -9.12 -22.61 -27.65
CA SER B 398 -9.16 -21.56 -28.66
C SER B 398 -7.89 -20.75 -28.61
N LEU B 399 -7.64 -20.01 -29.69
CA LEU B 399 -6.38 -19.29 -29.82
C LEU B 399 -6.25 -18.19 -28.77
N LYS B 400 -7.35 -17.53 -28.46
CA LYS B 400 -7.30 -16.39 -27.54
C LYS B 400 -6.82 -16.81 -26.16
N SER B 401 -7.32 -17.94 -25.66
CA SER B 401 -6.94 -18.47 -24.36
C SER B 401 -5.93 -19.59 -24.48
N LEU B 402 -5.20 -19.67 -25.58
CA LEU B 402 -4.24 -20.75 -25.74
C LEU B 402 -3.14 -20.65 -24.71
N PHE B 403 -2.64 -19.45 -24.46
CA PHE B 403 -1.57 -19.22 -23.50
C PHE B 403 -2.05 -18.87 -22.12
N VAL B 404 -3.25 -18.29 -22.00
CA VAL B 404 -3.73 -17.87 -20.70
C VAL B 404 -3.89 -19.06 -19.78
N ASP B 405 -4.46 -20.14 -20.29
CA ASP B 405 -4.40 -21.45 -19.68
C ASP B 405 -3.48 -22.33 -20.50
N SER B 406 -3.16 -23.52 -20.01
CA SER B 406 -2.33 -24.47 -20.74
C SER B 406 -0.93 -23.95 -21.01
N TYR B 407 -0.42 -23.05 -20.19
CA TYR B 407 0.95 -22.59 -20.34
C TYR B 407 1.93 -23.73 -20.17
N SER B 408 1.68 -24.58 -19.19
CA SER B 408 2.60 -25.66 -18.88
C SER B 408 2.65 -26.69 -19.99
N GLU B 409 1.50 -27.04 -20.55
CA GLU B 409 1.50 -28.03 -21.62
C GLU B 409 2.19 -27.49 -22.85
N ILE B 410 2.07 -26.19 -23.09
CA ILE B 410 2.76 -25.58 -24.22
C ILE B 410 4.26 -25.71 -24.05
N LEU B 411 4.76 -25.43 -22.85
CA LEU B 411 6.21 -25.48 -22.68
C LEU B 411 6.74 -26.91 -22.75
N PHE B 412 6.03 -27.87 -22.18
CA PHE B 412 6.46 -29.25 -22.32
C PHE B 412 6.43 -29.70 -23.78
N PHE B 413 5.41 -29.26 -24.51
CA PHE B 413 5.32 -29.62 -25.92
C PHE B 413 6.47 -29.04 -26.72
N VAL B 414 6.82 -27.78 -26.45
CA VAL B 414 7.88 -27.13 -27.20
C VAL B 414 9.21 -27.80 -26.91
N GLN B 415 9.42 -28.24 -25.66
CA GLN B 415 10.61 -29.02 -25.34
C GLN B 415 10.69 -30.26 -26.21
N SER B 416 9.58 -30.99 -26.31
CA SER B 416 9.62 -32.19 -27.13
C SER B 416 9.84 -31.87 -28.60
N LEU B 417 9.33 -30.74 -29.08
CA LEU B 417 9.56 -30.38 -30.46
C LEU B 417 11.04 -30.12 -30.73
N PHE B 418 11.71 -29.45 -29.80
CA PHE B 418 13.15 -29.26 -29.96
C PHE B 418 13.87 -30.58 -29.98
N MET B 419 13.45 -31.52 -29.14
CA MET B 419 14.07 -32.84 -29.16
C MET B 419 13.89 -33.53 -30.50
N LEU B 420 12.69 -33.48 -31.07
CA LEU B 420 12.47 -34.20 -32.32
C LEU B 420 13.23 -33.55 -33.47
N VAL B 421 13.26 -32.23 -33.52
CA VAL B 421 14.03 -31.54 -34.54
C VAL B 421 15.50 -31.88 -34.39
N SER B 422 15.96 -32.04 -33.15
CA SER B 422 17.33 -32.46 -32.93
C SER B 422 17.60 -33.84 -33.49
N VAL B 423 16.67 -34.78 -33.30
CA VAL B 423 16.88 -36.12 -33.86
C VAL B 423 16.92 -36.07 -35.38
N VAL B 424 16.02 -35.28 -35.97
CA VAL B 424 15.95 -35.20 -37.42
C VAL B 424 17.25 -34.64 -37.99
N LEU B 425 17.77 -33.58 -37.37
CA LEU B 425 19.05 -33.06 -37.83
C LEU B 425 20.19 -34.02 -37.52
N TYR B 426 20.06 -34.81 -36.46
CA TYR B 426 21.13 -35.75 -36.12
C TYR B 426 21.30 -36.78 -37.22
N PHE B 427 20.22 -37.43 -37.61
CA PHE B 427 20.37 -38.43 -38.66
C PHE B 427 20.54 -37.80 -40.04
N SER B 428 20.17 -36.54 -40.22
CA SER B 428 20.38 -35.86 -41.48
C SER B 428 21.81 -35.37 -41.68
N GLN B 429 22.75 -35.72 -40.78
CA GLN B 429 24.16 -35.41 -40.97
C GLN B 429 24.39 -33.91 -40.97
N ARG B 430 23.96 -33.27 -39.90
CA ARG B 430 24.25 -31.88 -39.64
C ARG B 430 24.68 -31.76 -38.19
N LYS B 431 25.81 -31.11 -37.95
CA LYS B 431 26.24 -30.82 -36.59
C LYS B 431 25.25 -29.93 -35.85
N GLU B 432 24.42 -29.19 -36.57
CA GLU B 432 23.52 -28.22 -35.97
C GLU B 432 22.44 -28.85 -35.11
N TYR B 433 22.35 -30.18 -35.04
CA TYR B 433 21.49 -30.79 -34.04
C TYR B 433 21.86 -30.36 -32.64
N VAL B 434 23.14 -30.05 -32.39
CA VAL B 434 23.56 -29.56 -31.09
C VAL B 434 22.81 -28.29 -30.75
N ALA B 435 22.62 -27.41 -31.74
CA ALA B 435 21.94 -26.16 -31.50
C ALA B 435 20.50 -26.39 -31.07
N SER B 436 19.87 -27.44 -31.57
CA SER B 436 18.52 -27.74 -31.10
C SER B 436 18.57 -28.35 -29.71
N MET B 437 19.52 -29.27 -29.51
CA MET B 437 19.50 -30.11 -28.33
C MET B 437 19.64 -29.29 -27.06
N VAL B 438 20.55 -28.32 -27.07
CA VAL B 438 20.81 -27.53 -25.88
C VAL B 438 19.58 -26.75 -25.48
N PHE B 439 18.79 -26.29 -26.46
CA PHE B 439 17.59 -25.56 -26.10
C PHE B 439 16.64 -26.45 -25.35
N SER B 440 16.48 -27.68 -25.82
CA SER B 440 15.66 -28.65 -25.11
C SER B 440 16.20 -28.88 -23.71
N LEU B 441 17.52 -28.97 -23.59
CA LEU B 441 18.14 -29.22 -22.31
C LEU B 441 17.84 -28.09 -21.35
N ALA B 442 17.95 -26.85 -21.81
CA ALA B 442 17.66 -25.72 -20.95
C ALA B 442 16.20 -25.74 -20.51
N MET B 443 15.30 -26.00 -21.47
CA MET B 443 13.89 -26.02 -21.14
C MET B 443 13.58 -27.15 -20.20
N GLY B 444 14.29 -28.28 -20.37
CA GLY B 444 14.05 -29.43 -19.55
C GLY B 444 14.27 -29.16 -18.08
N TRP B 445 15.21 -28.29 -17.76
CA TRP B 445 15.43 -28.01 -16.36
C TRP B 445 14.38 -27.05 -15.84
N THR B 446 14.05 -26.01 -16.60
CA THR B 446 13.18 -25.00 -16.03
C THR B 446 11.75 -25.49 -15.89
N ASN B 447 11.36 -26.49 -16.66
CA ASN B 447 10.05 -27.09 -16.48
C ASN B 447 9.92 -27.86 -15.19
N MET B 448 10.99 -28.05 -14.43
CA MET B 448 10.85 -28.51 -13.06
C MET B 448 9.93 -27.62 -12.26
N LEU B 449 9.84 -26.34 -12.58
CA LEU B 449 8.94 -25.46 -11.87
C LEU B 449 7.48 -25.84 -12.03
N TYR B 450 7.15 -26.69 -13.00
CA TYR B 450 5.79 -27.22 -13.05
C TYR B 450 5.45 -28.00 -11.80
N TYR B 451 6.42 -28.69 -11.21
CA TYR B 451 6.15 -29.55 -10.07
C TYR B 451 6.12 -28.79 -8.76
N THR B 452 6.55 -27.54 -8.73
CA THR B 452 6.41 -26.77 -7.51
C THR B 452 4.98 -26.37 -7.24
N ARG B 453 4.15 -26.31 -8.27
CA ARG B 453 2.74 -26.05 -8.06
C ARG B 453 2.13 -27.22 -7.32
N GLY B 454 1.03 -26.97 -6.64
CA GLY B 454 0.45 -27.98 -5.78
C GLY B 454 1.01 -27.97 -4.37
N PHE B 455 2.08 -27.22 -4.12
CA PHE B 455 2.59 -26.96 -2.78
C PHE B 455 2.06 -25.59 -2.38
N GLN B 456 1.72 -25.43 -1.11
CA GLN B 456 1.13 -24.17 -0.68
C GLN B 456 2.12 -23.04 -0.80
N GLN B 457 3.38 -23.26 -0.42
CA GLN B 457 4.36 -22.19 -0.37
C GLN B 457 5.07 -21.99 -1.68
N MET B 458 5.46 -23.05 -2.35
CA MET B 458 6.37 -22.95 -3.48
C MET B 458 5.67 -22.68 -4.80
N GLY B 459 4.39 -22.99 -4.94
CA GLY B 459 3.73 -22.78 -6.21
C GLY B 459 3.59 -21.32 -6.60
N ILE B 460 3.76 -20.42 -5.64
CA ILE B 460 3.61 -19.00 -5.93
C ILE B 460 4.68 -18.53 -6.91
N TYR B 461 5.86 -19.13 -6.90
CA TYR B 461 6.92 -18.67 -7.78
C TYR B 461 6.63 -19.01 -9.23
N ALA B 462 6.17 -20.22 -9.50
CA ALA B 462 5.80 -20.58 -10.86
C ALA B 462 4.63 -19.75 -11.36
N VAL B 463 3.66 -19.47 -10.47
CA VAL B 463 2.52 -18.67 -10.91
C VAL B 463 2.97 -17.26 -11.26
N MET B 464 3.82 -16.68 -10.43
CA MET B 464 4.28 -15.33 -10.69
C MET B 464 5.08 -15.25 -11.97
N ILE B 465 5.93 -16.23 -12.23
CA ILE B 465 6.76 -16.18 -13.43
C ILE B 465 5.88 -16.22 -14.67
N GLU B 466 4.88 -17.11 -14.64
CA GLU B 466 3.94 -17.20 -15.75
C GLU B 466 3.25 -15.87 -15.99
N LYS B 467 2.69 -15.27 -14.95
CA LYS B 467 1.93 -14.03 -15.14
C LYS B 467 2.83 -12.90 -15.61
N MET B 468 4.03 -12.80 -15.07
CA MET B 468 4.89 -11.70 -15.47
C MET B 468 5.32 -11.83 -16.92
N ILE B 469 5.67 -13.04 -17.37
CA ILE B 469 6.03 -13.20 -18.78
C ILE B 469 4.83 -12.90 -19.68
N LEU B 470 3.65 -13.43 -19.32
CA LEU B 470 2.54 -13.33 -20.26
C LEU B 470 1.93 -11.94 -20.31
N ARG B 471 2.14 -11.13 -19.27
CA ARG B 471 1.44 -9.83 -19.21
C ARG B 471 2.40 -8.64 -19.18
N ASP B 472 3.49 -8.69 -18.39
CA ASP B 472 4.28 -7.49 -18.23
C ASP B 472 5.35 -7.36 -19.30
N LEU B 473 6.15 -8.40 -19.50
CA LEU B 473 7.17 -8.30 -20.53
C LEU B 473 6.54 -8.23 -21.91
N CYS B 474 5.45 -8.93 -22.14
CA CYS B 474 4.91 -8.95 -23.49
C CYS B 474 4.30 -7.61 -23.86
N ARG B 475 3.67 -6.92 -22.92
CA ARG B 475 3.23 -5.56 -23.21
C ARG B 475 4.41 -4.62 -23.32
N PHE B 476 5.40 -4.77 -22.44
CA PHE B 476 6.52 -3.85 -22.40
C PHE B 476 7.45 -3.99 -23.61
N MET B 477 7.42 -5.14 -24.26
CA MET B 477 8.34 -5.42 -25.36
C MET B 477 8.18 -4.43 -26.47
N PHE B 478 6.95 -4.07 -26.80
CA PHE B 478 6.75 -3.18 -27.93
C PHE B 478 7.25 -1.78 -27.63
N VAL B 479 7.01 -1.30 -26.42
CA VAL B 479 7.48 0.02 -26.03
C VAL B 479 8.99 0.08 -26.07
N TYR B 480 9.64 -0.93 -25.49
CA TYR B 480 11.08 -0.90 -25.46
C TYR B 480 11.66 -1.02 -26.86
N LEU B 481 11.05 -1.81 -27.71
CA LEU B 481 11.58 -1.95 -29.06
C LEU B 481 11.40 -0.69 -29.88
N VAL B 482 10.34 0.07 -29.63
CA VAL B 482 10.21 1.37 -30.28
C VAL B 482 11.39 2.25 -29.93
N PHE B 483 11.71 2.33 -28.64
CA PHE B 483 12.86 3.15 -28.23
C PHE B 483 14.17 2.63 -28.79
N LEU B 484 14.36 1.31 -28.73
CA LEU B 484 15.63 0.75 -29.15
C LEU B 484 15.86 0.95 -30.62
N PHE B 485 14.87 0.63 -31.45
CA PHE B 485 15.05 0.79 -32.89
C PHE B 485 15.20 2.25 -33.26
N GLY B 486 14.51 3.15 -32.56
CA GLY B 486 14.68 4.56 -32.83
C GLY B 486 16.11 5.02 -32.64
N PHE B 487 16.65 4.82 -31.45
CA PHE B 487 17.99 5.35 -31.22
C PHE B 487 19.06 4.54 -31.93
N SER B 488 18.82 3.26 -32.17
CA SER B 488 19.79 2.48 -32.91
C SER B 488 19.92 2.98 -34.34
N THR B 489 18.81 3.23 -35.01
CA THR B 489 18.87 3.75 -36.36
C THR B 489 19.47 5.14 -36.41
N ALA B 490 19.14 5.99 -35.45
CA ALA B 490 19.75 7.31 -35.40
C ALA B 490 21.26 7.24 -35.27
N VAL B 491 21.74 6.44 -34.33
CA VAL B 491 23.18 6.34 -34.08
C VAL B 491 23.89 5.76 -35.30
N VAL B 492 23.32 4.72 -35.90
CA VAL B 492 23.98 4.09 -37.03
C VAL B 492 24.03 5.02 -38.21
N THR B 493 22.97 5.78 -38.43
CA THR B 493 23.00 6.77 -39.49
C THR B 493 24.07 7.81 -39.26
N LEU B 494 24.24 8.22 -38.01
CA LEU B 494 25.20 9.27 -37.73
C LEU B 494 26.62 8.79 -37.97
N ILE B 495 26.93 7.58 -37.60
CA ILE B 495 28.29 7.08 -37.66
C ILE B 495 28.59 6.55 -39.04
N GLU B 496 29.82 6.80 -39.49
CA GLU B 496 30.36 6.28 -40.74
C GLU B 496 31.63 5.51 -40.38
N ASP B 497 31.60 4.20 -40.55
CA ASP B 497 32.79 3.36 -40.39
C ASP B 497 33.34 3.40 -38.96
N GLY B 498 32.66 2.69 -38.07
CA GLY B 498 33.14 2.45 -36.73
C GLY B 498 32.69 1.09 -36.26
N LYS B 499 32.72 0.85 -34.94
CA LYS B 499 32.02 -0.30 -34.38
C LYS B 499 30.53 -0.05 -34.25
N TYR B 500 30.10 1.19 -34.34
CA TYR B 500 28.69 1.55 -34.31
C TYR B 500 28.05 1.65 -35.68
N ASN B 501 28.78 1.45 -36.77
CA ASN B 501 28.18 1.43 -38.12
C ASN B 501 27.73 0.01 -38.47
N SER B 502 26.82 -0.50 -37.66
CA SER B 502 26.24 -1.80 -37.90
C SER B 502 25.04 -1.97 -36.99
N LEU B 503 23.90 -2.36 -37.54
CA LEU B 503 22.71 -2.45 -36.71
C LEU B 503 22.84 -3.50 -35.63
N TYR B 504 23.59 -4.55 -35.90
CA TYR B 504 23.68 -5.65 -34.95
C TYR B 504 24.45 -5.25 -33.70
N SER B 505 25.67 -4.77 -33.87
CA SER B 505 26.47 -4.39 -32.72
C SER B 505 25.88 -3.17 -32.02
N THR B 506 25.26 -2.26 -32.77
CA THR B 506 24.66 -1.10 -32.14
C THR B 506 23.46 -1.50 -31.30
N CYS B 507 22.61 -2.39 -31.79
CA CYS B 507 21.48 -2.84 -31.00
C CYS B 507 21.96 -3.57 -29.75
N LEU B 508 23.04 -4.33 -29.85
CA LEU B 508 23.61 -4.97 -28.67
C LEU B 508 24.06 -3.93 -27.66
N GLU B 509 24.78 -2.90 -28.11
CA GLU B 509 25.33 -1.93 -27.18
C GLU B 509 24.23 -1.16 -26.48
N LEU B 510 23.21 -0.76 -27.21
CA LEU B 510 22.14 -0.04 -26.57
C LEU B 510 21.36 -0.94 -25.62
N PHE B 511 21.23 -2.23 -25.94
CA PHE B 511 20.56 -3.12 -25.01
C PHE B 511 21.33 -3.26 -23.73
N LYS B 512 22.64 -3.40 -23.82
CA LYS B 512 23.48 -3.45 -22.63
C LYS B 512 23.33 -2.19 -21.80
N PHE B 513 23.21 -1.03 -22.47
CA PHE B 513 22.98 0.20 -21.73
C PHE B 513 21.68 0.16 -20.96
N THR B 514 20.65 -0.49 -21.51
CA THR B 514 19.37 -0.53 -20.82
C THR B 514 19.47 -1.22 -19.48
N ILE B 515 20.24 -2.29 -19.39
CA ILE B 515 20.36 -3.08 -18.17
C ILE B 515 21.61 -2.70 -17.38
N GLY B 516 22.18 -1.53 -17.64
CA GLY B 516 23.21 -0.99 -16.77
C GLY B 516 24.55 -1.66 -16.83
N MET B 517 24.99 -2.09 -18.01
CA MET B 517 26.32 -2.66 -18.16
C MET B 517 26.93 -2.25 -19.49
N GLY B 518 26.77 -0.99 -19.85
CA GLY B 518 27.42 -0.41 -21.00
C GLY B 518 28.79 0.10 -20.63
N ASP B 519 29.26 1.10 -21.38
CA ASP B 519 30.51 1.79 -21.09
C ASP B 519 30.36 3.29 -20.91
N LEU B 520 29.83 4.00 -21.90
CA LEU B 520 29.97 5.46 -22.00
C LEU B 520 31.44 5.87 -21.94
N GLU B 521 32.24 5.33 -22.85
CA GLU B 521 33.64 5.70 -23.03
C GLU B 521 33.77 6.45 -24.35
N PHE B 522 33.88 7.77 -24.27
CA PHE B 522 34.03 8.61 -25.46
C PHE B 522 35.50 8.98 -25.66
N THR B 523 36.32 7.96 -25.89
CA THR B 523 37.72 8.16 -26.24
C THR B 523 37.94 8.31 -27.74
N GLU B 524 36.96 7.98 -28.55
CA GLU B 524 37.10 8.07 -30.00
C GLU B 524 36.86 9.50 -30.47
N ASN B 525 37.41 9.80 -31.64
CA ASN B 525 37.54 11.15 -32.16
C ASN B 525 37.02 11.20 -33.60
N TYR B 526 35.73 10.97 -33.72
CA TYR B 526 34.99 11.02 -34.99
C TYR B 526 34.22 12.34 -35.02
N ASP B 527 33.62 12.64 -36.17
CA ASP B 527 32.86 13.86 -36.24
C ASP B 527 31.54 13.67 -35.51
N PHE B 528 30.88 14.80 -35.22
CA PHE B 528 29.61 14.82 -34.52
C PHE B 528 29.70 14.12 -33.16
N LYS B 529 30.78 14.37 -32.44
CA LYS B 529 30.90 13.75 -31.13
C LYS B 529 29.86 14.29 -30.17
N ALA B 530 29.53 15.57 -30.28
CA ALA B 530 28.57 16.16 -29.36
C ALA B 530 27.19 15.57 -29.56
N VAL B 531 26.79 15.37 -30.82
CA VAL B 531 25.47 14.83 -31.08
C VAL B 531 25.40 13.39 -30.64
N PHE B 532 26.47 12.64 -30.85
CA PHE B 532 26.53 11.27 -30.39
C PHE B 532 26.39 11.19 -28.87
N ILE B 533 27.06 12.08 -28.14
CA ILE B 533 26.96 12.07 -26.70
C ILE B 533 25.56 12.43 -26.24
N ILE B 534 24.94 13.43 -26.86
CA ILE B 534 23.62 13.84 -26.44
C ILE B 534 22.62 12.73 -26.69
N LEU B 535 22.73 12.05 -27.83
CA LEU B 535 21.85 10.94 -28.12
C LEU B 535 21.99 9.81 -27.12
N LEU B 536 23.22 9.44 -26.79
CA LEU B 536 23.39 8.34 -25.86
C LEU B 536 22.95 8.71 -24.46
N LEU B 537 23.21 9.92 -24.01
CA LEU B 537 22.75 10.27 -22.67
C LEU B 537 21.23 10.34 -22.61
N ALA B 538 20.59 10.85 -23.66
CA ALA B 538 19.14 10.83 -23.68
C ALA B 538 18.61 9.42 -23.65
N TYR B 539 19.27 8.51 -24.38
CA TYR B 539 18.85 7.11 -24.35
C TYR B 539 19.02 6.53 -22.96
N VAL B 540 20.13 6.82 -22.30
CA VAL B 540 20.41 6.19 -21.01
C VAL B 540 19.45 6.70 -19.97
N ILE B 541 19.11 7.98 -20.01
CA ILE B 541 18.13 8.48 -19.05
C ILE B 541 16.76 7.90 -19.36
N LEU B 542 16.40 7.78 -20.63
CA LEU B 542 15.04 7.38 -20.94
C LEU B 542 14.81 5.91 -20.69
N THR B 543 15.82 5.06 -20.92
CA THR B 543 15.62 3.62 -20.83
C THR B 543 16.13 3.02 -19.54
N TYR B 544 17.33 3.38 -19.08
CA TYR B 544 17.80 2.82 -17.85
C TYR B 544 17.09 3.39 -16.65
N ILE B 545 16.88 4.71 -16.62
CA ILE B 545 16.25 5.33 -15.46
C ILE B 545 14.74 5.26 -15.54
N LEU B 546 14.16 5.71 -16.63
CA LEU B 546 12.72 5.90 -16.67
C LEU B 546 11.97 4.61 -17.00
N LEU B 547 12.25 3.98 -18.13
CA LEU B 547 11.42 2.85 -18.56
C LEU B 547 11.62 1.62 -17.69
N LEU B 548 12.87 1.31 -17.36
CA LEU B 548 13.16 0.08 -16.65
C LEU B 548 12.51 0.08 -15.28
N ASN B 549 12.56 1.21 -14.59
CA ASN B 549 11.92 1.27 -13.29
C ASN B 549 10.41 1.29 -13.41
N MET B 550 9.87 1.76 -14.51
CA MET B 550 8.45 1.61 -14.75
C MET B 550 8.07 0.14 -14.85
N LEU B 551 8.85 -0.64 -15.59
CA LEU B 551 8.58 -2.07 -15.68
C LEU B 551 8.68 -2.72 -14.32
N ILE B 552 9.66 -2.32 -13.53
CA ILE B 552 9.86 -2.96 -12.24
C ILE B 552 8.73 -2.59 -11.30
N ALA B 553 8.22 -1.37 -11.36
CA ALA B 553 7.09 -1.02 -10.53
C ALA B 553 5.84 -1.82 -10.91
N LEU B 554 5.60 -1.99 -12.20
CA LEU B 554 4.44 -2.77 -12.61
C LEU B 554 4.56 -4.23 -12.22
N MET B 555 5.73 -4.82 -12.41
CA MET B 555 5.96 -6.19 -11.98
C MET B 555 5.83 -6.30 -10.47
N GLY B 556 6.27 -5.30 -9.73
CA GLY B 556 6.13 -5.33 -8.30
C GLY B 556 4.68 -5.36 -7.87
N GLU B 557 3.83 -4.59 -8.55
CA GLU B 557 2.42 -4.63 -8.20
C GLU B 557 1.80 -5.97 -8.57
N THR B 558 2.18 -6.54 -9.70
CA THR B 558 1.67 -7.87 -10.04
C THR B 558 2.06 -8.90 -9.00
N VAL B 559 3.30 -8.82 -8.50
CA VAL B 559 3.76 -9.74 -7.47
C VAL B 559 2.97 -9.53 -6.18
N ASN B 560 2.76 -8.28 -5.79
CA ASN B 560 2.01 -8.04 -4.56
C ASN B 560 0.55 -8.39 -4.71
N LYS B 561 0.02 -8.33 -5.93
CA LYS B 561 -1.40 -8.57 -6.11
C LYS B 561 -1.74 -10.01 -5.83
N ILE B 562 -0.94 -10.94 -6.33
CA ILE B 562 -1.22 -12.36 -6.20
C ILE B 562 -0.40 -13.01 -5.10
N ALA B 563 0.16 -12.22 -4.19
CA ALA B 563 0.78 -12.83 -3.02
C ALA B 563 -0.28 -13.34 -2.07
N GLN B 564 -1.35 -12.57 -1.87
CA GLN B 564 -2.37 -12.96 -0.91
C GLN B 564 -3.38 -13.97 -1.48
N GLU B 565 -3.42 -14.17 -2.80
CA GLU B 565 -4.28 -15.18 -3.42
C GLU B 565 -3.64 -16.56 -3.45
N SER B 566 -2.57 -16.79 -2.70
CA SER B 566 -1.85 -18.05 -2.77
C SER B 566 -2.71 -19.23 -2.36
N LYS B 567 -3.54 -19.04 -1.34
CA LYS B 567 -4.30 -20.12 -0.75
C LYS B 567 -5.28 -20.72 -1.75
N ASN B 568 -5.76 -19.92 -2.68
CA ASN B 568 -6.67 -20.40 -3.69
C ASN B 568 -5.95 -21.06 -4.87
N ILE B 569 -4.87 -20.43 -5.30
CA ILE B 569 -4.16 -20.86 -6.50
C ILE B 569 -3.60 -22.25 -6.29
N TRP B 570 -3.09 -22.49 -5.08
CA TRP B 570 -2.66 -23.81 -4.67
C TRP B 570 -3.76 -24.86 -4.87
N LYS B 571 -4.96 -24.57 -4.35
CA LYS B 571 -6.04 -25.54 -4.39
C LYS B 571 -6.44 -25.87 -5.81
N LEU B 572 -6.52 -24.85 -6.66
CA LEU B 572 -6.97 -25.08 -8.03
C LEU B 572 -5.95 -25.95 -8.79
N GLN B 573 -4.66 -25.69 -8.59
CA GLN B 573 -3.67 -26.50 -9.27
C GLN B 573 -3.72 -27.94 -8.80
N ARG B 574 -3.90 -28.13 -7.49
CA ARG B 574 -3.99 -29.48 -6.95
C ARG B 574 -5.19 -30.21 -7.53
N ALA B 575 -6.30 -29.50 -7.73
CA ALA B 575 -7.47 -30.11 -8.34
C ALA B 575 -7.17 -30.59 -9.75
N ILE B 576 -6.46 -29.77 -10.52
CA ILE B 576 -6.16 -30.16 -11.91
C ILE B 576 -5.25 -31.38 -11.91
N THR B 577 -4.28 -31.41 -11.02
CA THR B 577 -3.38 -32.55 -10.92
C THR B 577 -4.16 -33.82 -10.59
N ILE B 578 -5.10 -33.73 -9.66
CA ILE B 578 -5.85 -34.90 -9.24
C ILE B 578 -6.67 -35.44 -10.40
N LEU B 579 -7.30 -34.53 -11.15
CA LEU B 579 -8.10 -34.97 -12.28
C LEU B 579 -7.25 -35.67 -13.33
N ASP B 580 -6.07 -35.12 -13.62
CA ASP B 580 -5.24 -35.74 -14.64
C ASP B 580 -4.74 -37.10 -14.19
N THR B 581 -4.35 -37.22 -12.93
CA THR B 581 -3.87 -38.50 -12.42
C THR B 581 -4.95 -39.55 -12.46
N GLU B 582 -6.17 -39.18 -12.09
CA GLU B 582 -7.26 -40.14 -12.18
C GLU B 582 -7.59 -40.47 -13.63
N LYS B 583 -7.45 -39.50 -14.53
CA LYS B 583 -7.86 -39.75 -15.89
C LYS B 583 -6.92 -40.71 -16.59
N SER B 584 -5.60 -40.52 -16.46
CA SER B 584 -4.68 -41.42 -17.17
C SER B 584 -4.47 -42.71 -16.39
N PHE B 585 -3.77 -42.64 -15.26
CA PHE B 585 -3.67 -43.67 -14.24
C PHE B 585 -2.87 -44.93 -14.60
N LEU B 586 -2.66 -45.20 -15.89
CA LEU B 586 -1.69 -46.16 -16.44
C LEU B 586 -1.76 -47.56 -15.82
N LYS B 587 -2.93 -47.97 -15.31
CA LYS B 587 -3.16 -49.34 -14.89
C LYS B 587 -4.48 -49.93 -15.36
N CYS B 588 -5.35 -49.13 -15.99
CA CYS B 588 -6.69 -49.50 -16.43
C CYS B 588 -7.68 -49.69 -15.30
N MET B 589 -7.27 -49.57 -14.03
CA MET B 589 -8.16 -49.68 -12.89
C MET B 589 -8.73 -48.31 -12.57
N ARG B 590 -9.97 -48.30 -12.09
CA ARG B 590 -10.69 -47.08 -11.77
C ARG B 590 -11.38 -47.22 -10.42
N LYS B 591 -10.62 -47.66 -9.41
CA LYS B 591 -11.07 -47.66 -8.02
C LYS B 591 -10.82 -46.27 -7.43
N ALA B 592 -11.51 -45.28 -8.01
CA ALA B 592 -11.42 -43.88 -7.62
C ALA B 592 -12.59 -43.44 -6.75
N PHE B 593 -13.39 -44.37 -6.24
CA PHE B 593 -14.53 -44.03 -5.41
C PHE B 593 -14.06 -43.74 -3.99
N ARG B 594 -14.93 -43.08 -3.23
CA ARG B 594 -14.59 -42.62 -1.88
C ARG B 594 -15.16 -43.49 -0.78
N SER B 595 -16.47 -43.42 -0.55
CA SER B 595 -17.14 -44.22 0.46
C SER B 595 -18.10 -45.15 -0.25
N GLY B 596 -18.76 -45.99 0.52
CA GLY B 596 -19.43 -47.13 -0.04
C GLY B 596 -20.63 -46.73 -0.84
N LYS B 597 -21.20 -47.74 -1.50
CA LYS B 597 -22.47 -47.58 -2.20
C LYS B 597 -23.56 -47.60 -1.15
N LEU B 598 -23.66 -46.50 -0.40
CA LEU B 598 -24.50 -46.45 0.78
C LEU B 598 -25.92 -46.09 0.41
N LEU B 599 -26.85 -46.55 1.24
CA LEU B 599 -28.25 -46.16 1.17
C LEU B 599 -28.47 -44.97 2.09
N GLN B 600 -28.92 -43.85 1.52
CA GLN B 600 -29.23 -42.65 2.30
C GLN B 600 -30.68 -42.69 2.76
N VAL B 601 -31.61 -42.69 1.81
CA VAL B 601 -33.03 -42.64 2.11
C VAL B 601 -33.54 -44.07 2.09
N GLY B 602 -33.39 -44.74 0.95
CA GLY B 602 -33.97 -46.03 0.72
C GLY B 602 -35.43 -46.01 0.30
N PHE B 603 -36.01 -44.81 0.10
CA PHE B 603 -37.44 -44.65 -0.16
C PHE B 603 -37.61 -43.73 -1.36
N THR B 604 -37.64 -44.33 -2.53
CA THR B 604 -37.87 -43.60 -3.77
C THR B 604 -39.32 -43.17 -3.84
N PRO B 605 -39.71 -42.38 -4.85
CA PRO B 605 -41.13 -42.22 -5.13
C PRO B 605 -41.83 -43.53 -5.43
N ASP B 606 -41.15 -44.49 -6.06
CA ASP B 606 -41.67 -45.83 -6.26
C ASP B 606 -41.19 -46.71 -5.10
N GLY B 607 -41.52 -48.00 -5.15
CA GLY B 607 -41.27 -48.89 -4.04
C GLY B 607 -39.87 -49.42 -3.89
N LYS B 608 -38.93 -48.91 -4.68
CA LYS B 608 -37.54 -49.36 -4.64
C LYS B 608 -36.74 -48.55 -3.64
N ASP B 609 -35.50 -49.00 -3.42
CA ASP B 609 -34.53 -48.36 -2.56
C ASP B 609 -33.39 -47.81 -3.40
N ASP B 610 -32.76 -46.75 -2.90
CA ASP B 610 -31.70 -46.04 -3.59
C ASP B 610 -30.36 -46.27 -2.92
N TYR B 611 -29.32 -46.32 -3.74
CA TYR B 611 -27.93 -46.25 -3.30
C TYR B 611 -27.22 -45.26 -4.20
N ARG B 612 -26.37 -44.42 -3.60
CA ARG B 612 -25.96 -43.17 -4.22
C ARG B 612 -24.46 -42.90 -4.24
N TRP B 613 -23.63 -43.79 -3.69
CA TRP B 613 -22.22 -43.49 -3.46
C TRP B 613 -22.07 -42.23 -2.60
N CYS B 614 -22.74 -42.23 -1.45
CA CYS B 614 -22.65 -41.06 -0.59
C CYS B 614 -21.24 -40.95 -0.02
N PHE B 615 -20.94 -39.78 0.55
CA PHE B 615 -19.64 -39.47 1.14
C PHE B 615 -19.84 -38.85 2.51
N ARG B 616 -19.27 -39.47 3.54
CA ARG B 616 -19.46 -39.00 4.90
C ARG B 616 -18.50 -37.87 5.23
N VAL B 617 -19.02 -36.80 5.81
CA VAL B 617 -18.23 -35.65 6.21
C VAL B 617 -18.68 -35.22 7.60
N ASP B 618 -17.72 -35.06 8.50
CA ASP B 618 -17.94 -34.53 9.84
C ASP B 618 -17.34 -33.14 9.91
N GLU B 619 -18.17 -32.14 10.16
CA GLU B 619 -17.79 -30.74 10.18
C GLU B 619 -17.90 -30.21 11.60
N VAL B 620 -17.07 -29.21 11.91
CA VAL B 620 -17.07 -28.54 13.21
C VAL B 620 -17.41 -27.08 12.98
N ASN B 621 -18.32 -26.55 13.79
CA ASN B 621 -18.72 -25.15 13.74
C ASN B 621 -18.90 -24.67 15.17
N TRP B 622 -18.19 -23.59 15.53
CA TRP B 622 -18.21 -23.04 16.88
C TRP B 622 -19.24 -21.93 17.06
N THR B 623 -20.29 -21.90 16.24
CA THR B 623 -21.35 -20.93 16.45
C THR B 623 -22.11 -21.28 17.71
N THR B 624 -22.22 -20.30 18.61
CA THR B 624 -22.78 -20.50 19.95
C THR B 624 -21.95 -21.57 20.67
N SER C 89 -3.86 17.57 57.69
CA SER C 89 -3.43 17.31 56.33
C SER C 89 -2.30 16.27 56.30
N TYR C 90 -2.13 15.60 55.15
CA TYR C 90 -1.04 14.65 54.99
C TYR C 90 0.30 15.37 55.13
N THR C 91 1.28 14.67 55.70
CA THR C 91 2.62 15.21 55.91
C THR C 91 3.71 14.45 55.16
N ASP C 92 3.36 13.45 54.34
CA ASP C 92 4.36 12.68 53.64
C ASP C 92 4.85 13.41 52.39
N SER C 93 5.79 12.79 51.68
CA SER C 93 6.41 13.42 50.52
C SER C 93 5.51 13.45 49.29
N TYR C 94 4.39 12.70 49.29
CA TYR C 94 3.59 12.46 48.10
C TYR C 94 2.27 13.21 48.08
N TYR C 95 1.62 13.36 49.23
CA TYR C 95 0.29 13.96 49.34
C TYR C 95 0.29 15.24 50.16
N LYS C 96 1.45 15.89 50.30
CA LYS C 96 1.62 16.99 51.24
C LYS C 96 0.64 18.13 50.98
N GLY C 97 -0.11 18.48 52.02
CA GLY C 97 -1.04 19.58 51.97
C GLY C 97 -2.46 19.21 51.57
N GLN C 98 -2.70 17.97 51.16
CA GLN C 98 -4.05 17.53 50.90
C GLN C 98 -4.87 17.62 52.18
N THR C 99 -6.13 18.03 52.06
CA THR C 99 -7.05 18.11 53.20
C THR C 99 -8.40 17.52 52.80
N ALA C 100 -9.32 17.58 53.76
CA ALA C 100 -10.64 16.97 53.56
C ALA C 100 -11.42 17.65 52.44
N LEU C 101 -11.20 18.94 52.24
CA LEU C 101 -11.91 19.65 51.18
C LEU C 101 -11.53 19.10 49.81
N HIS C 102 -10.23 18.82 49.61
CA HIS C 102 -9.80 18.21 48.35
C HIS C 102 -10.48 16.86 48.14
N ILE C 103 -10.56 16.05 49.21
CA ILE C 103 -11.17 14.74 49.10
C ILE C 103 -12.65 14.87 48.81
N ALA C 104 -13.32 15.81 49.48
CA ALA C 104 -14.74 16.03 49.29
C ALA C 104 -15.04 16.45 47.86
N ILE C 105 -14.21 17.35 47.30
CA ILE C 105 -14.41 17.78 45.94
C ILE C 105 -14.13 16.63 44.99
N GLU C 106 -13.10 15.83 45.28
CA GLU C 106 -12.79 14.67 44.45
C GLU C 106 -13.92 13.66 44.46
N ARG C 107 -14.51 13.43 45.63
CA ARG C 107 -15.61 12.49 45.74
C ARG C 107 -16.90 13.01 45.14
N ARG C 108 -16.96 14.28 44.72
CA ARG C 108 -18.16 14.87 44.14
C ARG C 108 -19.31 14.86 45.13
N ASN C 109 -19.03 15.32 46.34
CA ASN C 109 -19.98 15.41 47.44
C ASN C 109 -20.18 16.88 47.78
N MET C 110 -21.28 17.46 47.30
CA MET C 110 -21.56 18.86 47.55
C MET C 110 -21.71 19.15 49.04
N THR C 111 -22.30 18.20 49.78
CA THR C 111 -22.67 18.45 51.17
C THR C 111 -21.43 18.66 52.04
N LEU C 112 -20.45 17.76 51.92
CA LEU C 112 -19.23 17.86 52.71
C LEU C 112 -18.47 19.14 52.38
N VAL C 113 -18.46 19.52 51.10
CA VAL C 113 -17.82 20.76 50.69
C VAL C 113 -18.47 21.94 51.41
N THR C 114 -19.80 21.97 51.40
CA THR C 114 -20.53 23.05 52.05
C THR C 114 -20.25 23.06 53.56
N LEU C 115 -20.26 21.88 54.17
CA LEU C 115 -20.03 21.78 55.61
C LEU C 115 -18.64 22.28 55.98
N LEU C 116 -17.63 21.85 55.24
CA LEU C 116 -16.27 22.24 55.55
C LEU C 116 -16.07 23.73 55.34
N VAL C 117 -16.62 24.27 54.25
CA VAL C 117 -16.51 25.70 53.98
C VAL C 117 -17.22 26.49 55.07
N GLU C 118 -18.34 25.96 55.56
CA GLU C 118 -19.05 26.60 56.67
C GLU C 118 -18.19 26.66 57.92
N ASN C 119 -17.47 25.58 58.21
CA ASN C 119 -16.70 25.48 59.44
C ASN C 119 -15.37 26.22 59.40
N GLY C 120 -15.09 26.96 58.34
CA GLY C 120 -13.86 27.72 58.22
C GLY C 120 -12.75 27.02 57.47
N ALA C 121 -13.08 26.07 56.61
CA ALA C 121 -12.06 25.39 55.81
C ALA C 121 -11.39 26.37 54.88
N ASP C 122 -10.08 26.19 54.70
CA ASP C 122 -9.28 27.08 53.86
C ASP C 122 -9.47 26.66 52.41
N VAL C 123 -10.11 27.52 51.62
CA VAL C 123 -10.37 27.21 50.21
C VAL C 123 -9.17 27.51 49.31
N GLN C 124 -8.05 28.00 49.87
CA GLN C 124 -6.84 28.30 49.11
C GLN C 124 -5.63 27.61 49.73
N ALA C 125 -5.82 26.43 50.29
CA ALA C 125 -4.69 25.58 50.64
C ALA C 125 -4.02 25.08 49.38
N ALA C 126 -2.73 24.78 49.49
CA ALA C 126 -1.94 24.18 48.42
C ALA C 126 -1.71 22.71 48.76
N ALA C 127 -2.11 21.82 47.86
CA ALA C 127 -1.80 20.39 47.96
C ALA C 127 -0.63 20.11 47.01
N ASN C 128 0.59 20.10 47.56
CA ASN C 128 1.80 20.23 46.78
C ASN C 128 2.76 19.06 46.98
N GLY C 129 2.21 17.85 47.13
CA GLY C 129 3.04 16.66 47.15
C GLY C 129 3.37 16.15 45.77
N ASP C 130 4.30 15.19 45.71
CA ASP C 130 4.78 14.67 44.43
C ASP C 130 3.68 13.98 43.63
N PHE C 131 2.64 13.49 44.29
CA PHE C 131 1.53 12.91 43.54
C PHE C 131 0.75 13.96 42.76
N PHE C 132 0.77 15.22 43.22
CA PHE C 132 -0.06 16.28 42.67
C PHE C 132 0.68 17.27 41.77
N LYS C 133 1.97 17.06 41.52
CA LYS C 133 2.75 17.92 40.65
C LYS C 133 2.93 17.28 39.27
N LYS C 134 3.29 18.11 38.30
CA LYS C 134 3.64 17.60 36.99
C LYS C 134 4.95 16.84 37.08
N THR C 135 4.94 15.56 36.71
CA THR C 135 6.14 14.74 36.80
C THR C 135 6.02 13.60 35.81
N LYS C 136 7.18 13.11 35.38
CA LYS C 136 7.30 11.98 34.47
C LYS C 136 7.62 10.68 35.18
N GLY C 137 8.33 10.75 36.30
CA GLY C 137 8.79 9.56 36.99
C GLY C 137 7.82 9.03 38.02
N ARG C 138 6.54 9.41 37.92
CA ARG C 138 5.53 8.93 38.84
C ARG C 138 4.17 9.13 38.17
N PRO C 139 3.22 8.18 38.24
CA PRO C 139 1.86 8.51 37.83
C PRO C 139 1.22 9.43 38.86
N GLY C 140 0.44 10.37 38.37
CA GLY C 140 -0.15 11.34 39.26
C GLY C 140 -1.27 12.08 38.58
N PHE C 141 -1.78 13.07 39.29
CA PHE C 141 -2.88 13.89 38.81
C PHE C 141 -2.56 15.32 39.22
N TYR C 142 -2.05 16.10 38.26
CA TYR C 142 -1.82 17.51 38.47
C TYR C 142 -3.11 18.28 38.16
N PHE C 143 -3.42 19.23 39.03
CA PHE C 143 -4.61 20.05 38.88
C PHE C 143 -4.42 21.50 39.26
N GLY C 144 -3.23 21.91 39.70
CA GLY C 144 -2.98 23.25 40.18
C GLY C 144 -2.99 23.42 41.68
N GLU C 145 -3.09 22.33 42.44
CA GLU C 145 -2.82 22.31 43.88
C GLU C 145 -3.87 22.98 44.76
N LEU C 146 -4.91 23.64 44.15
CA LEU C 146 -5.90 24.43 44.90
C LEU C 146 -7.30 23.81 44.77
N PRO C 147 -8.18 23.92 45.79
CA PRO C 147 -9.54 23.38 45.63
C PRO C 147 -10.34 23.97 44.50
N LEU C 148 -10.17 25.26 44.20
CA LEU C 148 -10.89 25.86 43.10
C LEU C 148 -10.46 25.25 41.78
N SER C 149 -9.16 25.06 41.60
CA SER C 149 -8.66 24.40 40.41
C SER C 149 -9.13 22.95 40.33
N LEU C 150 -9.18 22.26 41.47
CA LEU C 150 -9.63 20.88 41.47
C LEU C 150 -11.09 20.78 41.05
N ALA C 151 -11.92 21.66 41.62
CA ALA C 151 -13.34 21.65 41.29
C ALA C 151 -13.57 21.97 39.83
N ALA C 152 -12.83 22.93 39.28
CA ALA C 152 -12.97 23.24 37.86
C ALA C 152 -12.49 22.08 37.01
N CYS C 153 -11.37 21.47 37.39
CA CYS C 153 -10.77 20.42 36.57
C CYS C 153 -11.64 19.18 36.50
N THR C 154 -12.37 18.87 37.56
CA THR C 154 -13.19 17.67 37.63
C THR C 154 -14.59 17.87 37.06
N ASN C 155 -14.87 19.03 36.43
CA ASN C 155 -16.17 19.33 35.82
C ASN C 155 -17.27 19.36 36.87
N GLN C 156 -17.11 20.28 37.83
CA GLN C 156 -18.11 20.54 38.87
C GLN C 156 -18.34 22.04 38.92
N LEU C 157 -19.27 22.52 38.08
CA LEU C 157 -19.55 23.95 38.00
C LEU C 157 -20.14 24.47 39.30
N ALA C 158 -20.95 23.66 39.99
CA ALA C 158 -21.61 24.11 41.19
C ALA C 158 -20.61 24.42 42.29
N ILE C 159 -19.57 23.61 42.43
CA ILE C 159 -18.63 23.82 43.53
C ILE C 159 -17.80 25.07 43.29
N VAL C 160 -17.37 25.31 42.06
CA VAL C 160 -16.63 26.53 41.80
C VAL C 160 -17.52 27.75 42.01
N LYS C 161 -18.79 27.65 41.61
CA LYS C 161 -19.72 28.75 41.85
C LYS C 161 -19.88 29.00 43.34
N PHE C 162 -20.01 27.92 44.11
CA PHE C 162 -20.16 28.04 45.55
C PHE C 162 -18.92 28.65 46.17
N LEU C 163 -17.74 28.18 45.78
CA LEU C 163 -16.49 28.66 46.39
C LEU C 163 -16.27 30.14 46.11
N LEU C 164 -16.59 30.59 44.90
CA LEU C 164 -16.40 32.00 44.60
C LEU C 164 -17.47 32.86 45.24
N GLN C 165 -18.72 32.40 45.24
CA GLN C 165 -19.87 33.24 45.53
C GLN C 165 -20.39 33.11 46.97
N ASN C 166 -19.98 32.08 47.71
CA ASN C 166 -20.39 32.00 49.11
C ASN C 166 -19.63 33.02 49.95
N SER C 167 -20.30 33.47 51.02
CA SER C 167 -19.75 34.48 51.92
C SER C 167 -18.94 33.91 53.07
N TRP C 168 -19.04 32.60 53.33
CA TRP C 168 -18.32 32.01 54.46
C TRP C 168 -16.81 32.17 54.30
N GLN C 169 -16.30 31.87 53.12
CA GLN C 169 -14.88 31.99 52.84
C GLN C 169 -14.70 32.09 51.33
N PRO C 170 -14.75 33.27 50.73
CA PRO C 170 -14.69 33.34 49.26
C PRO C 170 -13.30 32.97 48.74
N ALA C 171 -13.31 32.36 47.56
CA ALA C 171 -12.08 31.92 46.90
C ALA C 171 -11.52 33.03 46.03
N ASP C 172 -10.20 33.06 45.91
CA ASP C 172 -9.50 34.01 45.05
C ASP C 172 -9.40 33.39 43.66
N ILE C 173 -10.13 33.95 42.71
CA ILE C 173 -10.13 33.41 41.35
C ILE C 173 -8.77 33.56 40.68
N SER C 174 -7.92 34.47 41.15
CA SER C 174 -6.62 34.72 40.57
C SER C 174 -5.49 34.02 41.30
N ALA C 175 -5.79 33.09 42.20
CA ALA C 175 -4.72 32.40 42.92
C ALA C 175 -3.91 31.54 41.98
N ARG C 176 -2.62 31.40 42.29
CA ARG C 176 -1.68 30.60 41.51
C ARG C 176 -0.94 29.62 42.40
N ASP C 177 -0.57 28.50 41.81
CA ASP C 177 0.09 27.42 42.53
C ASP C 177 1.59 27.71 42.62
N SER C 178 2.36 26.71 43.04
CA SER C 178 3.80 26.87 43.08
C SER C 178 4.39 27.09 41.70
N VAL C 179 3.80 26.45 40.68
CA VAL C 179 4.23 26.66 39.30
C VAL C 179 3.81 28.02 38.77
N GLY C 180 2.97 28.75 39.49
CA GLY C 180 2.40 29.97 38.96
C GLY C 180 1.18 29.75 38.09
N ASN C 181 0.70 28.53 37.95
CA ASN C 181 -0.48 28.26 37.15
C ASN C 181 -1.72 28.69 37.93
N THR C 182 -2.50 29.57 37.33
CA THR C 182 -3.86 29.82 37.79
C THR C 182 -4.78 28.75 37.22
N VAL C 183 -6.08 28.91 37.48
CA VAL C 183 -7.05 27.86 37.15
C VAL C 183 -7.12 27.66 35.65
N LEU C 184 -6.99 28.73 34.89
CA LEU C 184 -7.07 28.62 33.43
C LEU C 184 -5.90 27.81 32.89
N HIS C 185 -4.71 28.01 33.44
CA HIS C 185 -3.56 27.18 33.07
C HIS C 185 -3.82 25.72 33.38
N ALA C 186 -4.40 25.45 34.55
CA ALA C 186 -4.72 24.08 34.91
C ALA C 186 -5.69 23.46 33.93
N LEU C 187 -6.70 24.22 33.53
CA LEU C 187 -7.67 23.69 32.58
C LEU C 187 -7.01 23.43 31.23
N VAL C 188 -6.08 24.28 30.84
CA VAL C 188 -5.37 24.06 29.59
C VAL C 188 -4.60 22.75 29.66
N GLU C 189 -3.89 22.53 30.77
CA GLU C 189 -2.99 21.40 30.82
C GLU C 189 -3.69 20.07 30.93
N VAL C 190 -4.92 20.03 31.44
CA VAL C 190 -5.68 18.79 31.53
C VAL C 190 -6.57 18.59 30.29
N ALA C 191 -6.21 19.23 29.18
CA ALA C 191 -6.83 18.90 27.90
C ALA C 191 -6.13 17.70 27.29
N ASP C 192 -6.83 17.05 26.35
CA ASP C 192 -6.23 15.96 25.59
C ASP C 192 -6.73 15.86 24.15
N ASN C 193 -7.33 16.92 23.61
CA ASN C 193 -7.71 17.01 22.21
C ASN C 193 -8.77 16.00 21.77
N THR C 194 -9.50 15.40 22.72
CA THR C 194 -10.65 14.59 22.40
C THR C 194 -11.92 15.44 22.44
N VAL C 195 -12.97 14.93 21.79
CA VAL C 195 -14.19 15.70 21.59
C VAL C 195 -14.85 16.02 22.93
N ASP C 196 -15.04 14.99 23.75
CA ASP C 196 -15.77 15.18 25.00
C ASP C 196 -14.97 16.06 25.95
N ASN C 197 -13.69 15.77 26.08
CA ASN C 197 -12.82 16.56 26.94
C ASN C 197 -12.76 18.00 26.47
N THR C 198 -12.68 18.20 25.16
CA THR C 198 -12.65 19.56 24.63
C THR C 198 -13.92 20.31 24.99
N LYS C 199 -15.07 19.63 24.89
CA LYS C 199 -16.32 20.26 25.31
C LYS C 199 -16.28 20.64 26.78
N PHE C 200 -15.86 19.71 27.64
CA PHE C 200 -15.83 19.97 29.08
C PHE C 200 -14.94 21.15 29.40
N VAL C 201 -13.71 21.13 28.87
CA VAL C 201 -12.71 22.10 29.27
C VAL C 201 -13.08 23.46 28.74
N THR C 202 -13.52 23.52 27.49
CA THR C 202 -13.96 24.78 26.90
C THR C 202 -15.11 25.37 27.67
N SER C 203 -16.10 24.54 28.03
CA SER C 203 -17.26 25.00 28.77
C SER C 203 -16.86 25.59 30.11
N MET C 204 -16.05 24.85 30.87
CA MET C 204 -15.67 25.31 32.20
C MET C 204 -14.81 26.57 32.12
N TYR C 205 -13.95 26.64 31.10
CA TYR C 205 -13.16 27.83 30.87
C TYR C 205 -14.05 29.04 30.67
N ASN C 206 -15.05 28.91 29.80
CA ASN C 206 -15.90 30.04 29.48
C ASN C 206 -16.73 30.48 30.69
N GLU C 207 -17.24 29.52 31.45
CA GLU C 207 -18.02 29.87 32.63
C GLU C 207 -17.16 30.56 33.67
N ILE C 208 -15.91 30.11 33.83
CA ILE C 208 -15.00 30.78 34.75
C ILE C 208 -14.76 32.21 34.29
N LEU C 209 -14.67 32.42 32.97
CA LEU C 209 -14.42 33.78 32.50
C LEU C 209 -15.60 34.70 32.78
N ILE C 210 -16.82 34.19 32.60
CA ILE C 210 -17.99 35.00 32.93
C ILE C 210 -18.01 35.34 34.41
N LEU C 211 -17.72 34.36 35.26
CA LEU C 211 -17.69 34.62 36.70
C LEU C 211 -16.61 35.62 37.06
N GLY C 212 -15.47 35.55 36.40
CA GLY C 212 -14.42 36.51 36.66
C GLY C 212 -14.83 37.92 36.29
N ALA C 213 -15.47 38.07 35.14
CA ALA C 213 -15.94 39.39 34.71
C ALA C 213 -16.98 39.94 35.67
N LYS C 214 -17.89 39.09 36.13
CA LYS C 214 -18.95 39.57 36.99
C LYS C 214 -18.44 39.91 38.39
N LEU C 215 -17.58 39.05 38.94
CA LEU C 215 -17.12 39.26 40.31
C LEU C 215 -16.01 40.30 40.35
N HIS C 216 -15.15 40.33 39.35
CA HIS C 216 -13.98 41.21 39.30
C HIS C 216 -13.90 41.79 37.90
N PRO C 217 -14.73 42.81 37.60
CA PRO C 217 -14.68 43.41 36.26
C PRO C 217 -13.34 44.02 35.90
N THR C 218 -12.55 44.44 36.88
CA THR C 218 -11.25 45.05 36.64
C THR C 218 -10.12 44.04 36.50
N LEU C 219 -10.42 42.75 36.54
CA LEU C 219 -9.42 41.69 36.52
C LEU C 219 -9.33 41.09 35.12
N LYS C 220 -8.10 40.83 34.67
CA LYS C 220 -7.82 40.20 33.38
C LYS C 220 -7.06 38.91 33.65
N LEU C 221 -7.80 37.82 33.79
CA LEU C 221 -7.18 36.53 34.12
C LEU C 221 -6.27 36.05 33.00
N GLU C 222 -6.68 36.28 31.74
CA GLU C 222 -5.97 35.70 30.61
C GLU C 222 -4.56 36.25 30.44
N GLU C 223 -4.24 37.39 31.04
CA GLU C 223 -2.89 37.95 30.98
C GLU C 223 -1.95 37.40 32.04
N ILE C 224 -2.43 36.67 33.04
CA ILE C 224 -1.58 36.29 34.16
C ILE C 224 -0.63 35.20 33.66
N THR C 225 0.67 35.49 33.73
CA THR C 225 1.68 34.55 33.30
C THR C 225 2.05 33.62 34.46
N ASN C 226 2.30 32.37 34.13
CA ASN C 226 2.82 31.41 35.10
C ASN C 226 4.33 31.62 35.22
N ARG C 227 5.01 30.72 35.93
CA ARG C 227 6.40 30.94 36.27
C ARG C 227 7.30 30.90 35.05
N LYS C 228 6.89 30.18 34.01
CA LYS C 228 7.63 30.18 32.75
C LYS C 228 7.31 31.38 31.88
N GLY C 229 6.54 32.34 32.37
CA GLY C 229 6.19 33.50 31.58
C GLY C 229 5.08 33.27 30.58
N LEU C 230 4.42 32.13 30.62
CA LEU C 230 3.42 31.76 29.63
C LEU C 230 2.05 32.14 30.13
N THR C 231 1.23 32.68 29.24
CA THR C 231 -0.19 32.87 29.46
C THR C 231 -0.92 31.61 29.09
N PRO C 232 -2.21 31.48 29.44
CA PRO C 232 -2.95 30.29 29.04
C PRO C 232 -2.99 30.05 27.55
N LEU C 233 -3.02 31.12 26.76
CA LEU C 233 -2.98 30.93 25.31
C LEU C 233 -1.62 30.43 24.87
N ALA C 234 -0.56 31.07 25.35
CA ALA C 234 0.79 30.62 25.00
C ALA C 234 1.04 29.21 25.49
N LEU C 235 0.52 28.88 26.67
CA LEU C 235 0.68 27.52 27.19
C LEU C 235 -0.04 26.52 26.31
N ALA C 236 -1.25 26.85 25.88
CA ALA C 236 -2.01 25.94 25.03
C ALA C 236 -1.30 25.72 23.70
N ALA C 237 -0.76 26.80 23.13
CA ALA C 237 -0.01 26.65 21.88
C ALA C 237 1.24 25.83 22.10
N SER C 238 1.91 26.04 23.23
CA SER C 238 3.14 25.31 23.54
C SER C 238 2.89 23.81 23.63
N SER C 239 1.82 23.41 24.30
CA SER C 239 1.59 21.99 24.51
C SER C 239 0.88 21.32 23.34
N GLY C 240 0.48 22.05 22.32
CA GLY C 240 -0.21 21.44 21.21
C GLY C 240 -1.66 21.12 21.45
N LYS C 241 -2.32 21.85 22.35
CA LYS C 241 -3.74 21.68 22.59
C LYS C 241 -4.48 22.37 21.45
N ILE C 242 -4.73 21.60 20.39
CA ILE C 242 -5.42 22.14 19.22
C ILE C 242 -6.83 22.58 19.58
N GLY C 243 -7.51 21.83 20.47
CA GLY C 243 -8.89 22.16 20.77
C GLY C 243 -9.04 23.44 21.53
N VAL C 244 -8.25 23.61 22.59
CA VAL C 244 -8.33 24.80 23.41
C VAL C 244 -7.89 26.03 22.63
N LEU C 245 -6.84 25.89 21.83
CA LEU C 245 -6.40 27.00 21.00
C LEU C 245 -7.48 27.38 19.99
N ALA C 246 -8.06 26.37 19.33
CA ALA C 246 -9.08 26.64 18.33
C ALA C 246 -10.30 27.28 18.97
N TYR C 247 -10.58 26.94 20.22
CA TYR C 247 -11.66 27.63 20.92
C TYR C 247 -11.28 29.08 21.21
N ILE C 248 -10.08 29.30 21.75
CA ILE C 248 -9.77 30.62 22.28
C ILE C 248 -9.67 31.63 21.15
N LEU C 249 -8.97 31.28 20.06
CA LEU C 249 -8.63 32.27 19.05
C LEU C 249 -9.84 32.87 18.37
N GLN C 250 -10.91 32.10 18.24
CA GLN C 250 -12.16 32.52 17.61
C GLN C 250 -13.30 32.41 18.61
N ARG C 251 -13.09 32.94 19.80
CA ARG C 251 -14.12 33.02 20.83
C ARG C 251 -15.03 34.20 20.57
N GLU C 252 -16.34 33.95 20.57
CA GLU C 252 -17.36 34.98 20.42
C GLU C 252 -18.41 34.72 21.48
N ILE C 253 -18.69 35.74 22.30
CA ILE C 253 -19.68 35.67 23.38
C ILE C 253 -20.78 36.68 23.06
N HIS C 254 -21.98 36.16 22.82
CA HIS C 254 -23.16 36.99 22.54
C HIS C 254 -23.89 37.22 23.85
N GLU C 255 -23.46 38.24 24.58
CA GLU C 255 -24.09 38.60 25.83
C GLU C 255 -23.66 40.02 26.16
N PRO C 256 -24.56 40.91 26.58
CA PRO C 256 -24.09 42.25 26.96
C PRO C 256 -23.35 42.20 28.27
N GLU C 257 -22.58 43.26 28.53
CA GLU C 257 -21.82 43.52 29.75
C GLU C 257 -20.57 42.66 29.90
N CYS C 258 -20.37 41.66 29.04
CA CYS C 258 -19.17 40.83 29.05
C CYS C 258 -18.69 40.56 27.63
N ARG C 259 -19.12 41.36 26.65
CA ARG C 259 -18.69 41.18 25.27
C ARG C 259 -17.21 41.48 25.10
N HIS C 260 -16.62 42.26 26.01
CA HIS C 260 -15.18 42.53 25.92
C HIS C 260 -14.33 41.27 26.06
N LEU C 261 -14.88 40.19 26.60
CA LEU C 261 -14.18 38.91 26.65
C LEU C 261 -14.10 38.23 25.29
N SER C 262 -14.82 38.71 24.28
CA SER C 262 -14.71 38.10 22.96
C SER C 262 -13.39 38.50 22.31
N ARG C 263 -12.91 37.61 21.44
CA ARG C 263 -11.82 37.90 20.53
C ARG C 263 -12.26 37.97 19.09
N LYS C 264 -13.31 37.27 18.72
CA LYS C 264 -13.93 37.33 17.41
C LYS C 264 -15.13 38.26 17.50
N PHE C 265 -15.29 39.13 16.51
CA PHE C 265 -16.42 40.03 16.41
C PHE C 265 -16.90 39.99 14.98
N THR C 266 -18.12 39.50 14.77
CA THR C 266 -18.64 39.27 13.44
C THR C 266 -19.26 40.56 12.90
N GLU C 267 -18.65 41.12 11.85
CA GLU C 267 -19.12 42.38 11.32
C GLU C 267 -20.38 42.20 10.49
N TRP C 268 -20.43 41.19 9.63
CA TRP C 268 -21.67 40.97 8.89
C TRP C 268 -21.63 39.59 8.26
N ALA C 269 -22.78 39.20 7.71
CA ALA C 269 -22.89 37.94 7.00
C ALA C 269 -23.91 38.06 5.89
N TYR C 270 -23.55 37.50 4.74
CA TYR C 270 -24.45 37.22 3.63
C TYR C 270 -24.54 35.70 3.55
N GLY C 271 -25.12 35.19 2.46
CA GLY C 271 -25.44 33.77 2.35
C GLY C 271 -24.28 32.82 2.61
N PRO C 272 -23.29 32.76 1.72
CA PRO C 272 -22.12 31.91 1.96
C PRO C 272 -20.96 32.60 2.62
N VAL C 273 -20.95 33.93 2.67
CA VAL C 273 -19.78 34.74 3.06
C VAL C 273 -20.12 35.48 4.33
N HIS C 274 -19.14 35.59 5.23
CA HIS C 274 -19.29 36.45 6.40
C HIS C 274 -17.94 37.03 6.79
N SER C 275 -17.98 38.24 7.33
CA SER C 275 -16.79 39.01 7.67
C SER C 275 -16.77 39.27 9.16
N SER C 276 -15.61 39.01 9.77
CA SER C 276 -15.40 39.22 11.19
C SER C 276 -14.04 39.86 11.39
N LEU C 277 -13.85 40.35 12.61
CA LEU C 277 -12.58 40.86 13.08
C LEU C 277 -12.08 39.92 14.16
N TYR C 278 -10.80 39.58 14.09
CA TYR C 278 -10.14 38.77 15.10
C TYR C 278 -9.17 39.65 15.87
N ASP C 279 -8.98 39.31 17.13
CA ASP C 279 -8.34 40.22 18.07
C ASP C 279 -6.88 40.47 17.71
N LEU C 280 -6.11 39.40 17.51
CA LEU C 280 -4.67 39.42 17.23
C LEU C 280 -3.82 39.94 18.38
N SER C 281 -4.39 40.24 19.54
CA SER C 281 -3.56 40.72 20.64
C SER C 281 -2.69 39.58 21.14
N CYS C 282 -1.38 39.81 21.16
CA CYS C 282 -0.40 38.82 21.57
C CYS C 282 -0.40 37.57 20.70
N ILE C 283 -0.66 37.72 19.41
CA ILE C 283 -0.42 36.66 18.43
C ILE C 283 0.90 36.85 17.73
N ASP C 284 1.21 38.08 17.33
CA ASP C 284 2.38 38.41 16.54
C ASP C 284 3.38 39.28 17.29
N THR C 285 2.88 40.23 18.09
CA THR C 285 3.71 41.06 18.97
C THR C 285 3.11 40.99 20.36
N CYS C 286 3.79 40.30 21.26
CA CYS C 286 3.38 40.17 22.66
C CYS C 286 4.42 40.63 23.65
N GLU C 287 5.70 40.69 23.27
CA GLU C 287 6.83 41.14 24.07
C GLU C 287 7.28 40.13 25.13
N LYS C 288 6.61 38.99 25.28
CA LYS C 288 7.17 37.87 26.03
C LYS C 288 7.31 36.63 25.15
N ASN C 289 6.20 36.06 24.69
CA ASN C 289 6.27 34.80 23.95
C ASN C 289 4.97 34.66 23.15
N SER C 290 4.98 35.13 21.91
CA SER C 290 3.76 35.19 21.13
C SER C 290 3.39 33.82 20.62
N VAL C 291 2.18 33.71 20.05
CA VAL C 291 1.67 32.42 19.62
C VAL C 291 2.51 31.84 18.50
N LEU C 292 2.86 32.67 17.53
CA LEU C 292 3.55 32.16 16.34
C LEU C 292 4.95 31.72 16.68
N GLU C 293 5.62 32.45 17.58
CA GLU C 293 6.91 32.01 18.07
C GLU C 293 6.81 30.65 18.71
N VAL C 294 5.78 30.46 19.53
CA VAL C 294 5.67 29.23 20.30
C VAL C 294 5.37 28.05 19.38
N ILE C 295 4.52 28.25 18.38
CA ILE C 295 4.23 27.17 17.45
C ILE C 295 5.46 26.86 16.61
N ALA C 296 6.14 27.90 16.11
CA ALA C 296 7.25 27.67 15.20
C ALA C 296 8.41 26.97 15.89
N TYR C 297 8.86 27.50 17.03
CA TYR C 297 10.02 26.98 17.73
C TYR C 297 9.66 25.87 18.71
N SER C 298 8.55 25.17 18.48
CA SER C 298 8.27 23.99 19.26
C SER C 298 9.26 22.89 18.90
N SER C 299 9.35 21.89 19.77
CA SER C 299 10.46 20.94 19.75
C SER C 299 10.17 19.70 18.94
N SER C 300 9.25 19.75 17.97
CA SER C 300 8.92 18.65 17.06
C SER C 300 8.18 17.50 17.74
N GLU C 301 8.00 17.52 19.06
CA GLU C 301 7.28 16.50 19.80
C GLU C 301 5.86 16.93 20.13
N THR C 302 5.57 18.22 20.05
CA THR C 302 4.25 18.76 20.28
C THR C 302 3.26 18.12 19.29
N PRO C 303 2.18 17.47 19.75
CA PRO C 303 1.46 16.56 18.84
C PRO C 303 0.83 17.19 17.61
N ASN C 304 0.29 18.39 17.72
CA ASN C 304 -0.49 19.02 16.67
C ASN C 304 0.26 20.22 16.13
N ARG C 305 1.57 20.08 15.99
CA ARG C 305 2.42 21.18 15.56
C ARG C 305 2.03 21.67 14.18
N HIS C 306 1.63 20.77 13.30
CA HIS C 306 1.30 21.13 11.94
C HIS C 306 -0.13 21.64 11.81
N ASP C 307 -1.05 21.05 12.55
CA ASP C 307 -2.44 21.44 12.43
C ASP C 307 -2.70 22.83 12.97
N MET C 308 -1.94 23.26 13.97
CA MET C 308 -2.26 24.50 14.65
C MET C 308 -2.13 25.71 13.75
N LEU C 309 -1.32 25.63 12.70
CA LEU C 309 -1.25 26.73 11.76
C LEU C 309 -2.44 26.77 10.81
N LEU C 310 -3.27 25.74 10.78
CA LEU C 310 -4.48 25.75 9.97
C LEU C 310 -5.65 26.45 10.64
N VAL C 311 -5.55 26.76 11.93
CA VAL C 311 -6.62 27.47 12.61
C VAL C 311 -6.73 28.87 12.03
N GLU C 312 -7.95 29.26 11.65
CA GLU C 312 -8.27 30.29 10.66
C GLU C 312 -7.48 31.60 10.75
N PRO C 313 -7.52 32.32 11.88
CA PRO C 313 -6.85 33.62 11.92
C PRO C 313 -5.37 33.53 11.68
N LEU C 314 -4.73 32.46 12.18
CA LEU C 314 -3.31 32.30 11.97
C LEU C 314 -3.02 32.05 10.50
N ASN C 315 -3.82 31.22 9.85
CA ASN C 315 -3.54 30.88 8.46
C ASN C 315 -3.66 32.10 7.57
N ARG C 316 -4.71 32.88 7.75
CA ARG C 316 -4.84 34.10 6.96
C ARG C 316 -3.77 35.11 7.31
N LEU C 317 -3.39 35.16 8.59
CA LEU C 317 -2.37 36.09 9.02
C LEU C 317 -1.05 35.79 8.34
N LEU C 318 -0.67 34.52 8.29
CA LEU C 318 0.58 34.15 7.65
C LEU C 318 0.52 34.36 6.15
N GLN C 319 -0.62 34.06 5.53
CA GLN C 319 -0.75 34.29 4.11
C GLN C 319 -0.60 35.78 3.78
N ASP C 320 -1.18 36.63 4.60
CA ASP C 320 -1.05 38.07 4.36
C ASP C 320 0.38 38.53 4.55
N LYS C 321 1.04 38.07 5.60
CA LYS C 321 2.44 38.47 5.81
C LYS C 321 3.32 37.98 4.68
N TRP C 322 3.07 36.78 4.18
CA TRP C 322 3.84 36.27 3.07
C TRP C 322 3.66 37.10 1.82
N ASP C 323 2.40 37.33 1.44
CA ASP C 323 2.15 38.04 0.18
C ASP C 323 2.52 39.51 0.26
N ARG C 324 2.51 40.11 1.44
CA ARG C 324 2.72 41.54 1.48
C ARG C 324 4.17 41.88 1.21
N PHE C 325 5.07 41.50 2.13
CA PHE C 325 6.45 41.96 2.10
C PHE C 325 7.48 40.85 2.26
N VAL C 326 7.16 39.72 2.87
CA VAL C 326 8.20 38.73 3.13
C VAL C 326 8.63 38.05 1.85
N LYS C 327 7.71 37.83 0.91
CA LYS C 327 8.01 37.06 -0.29
C LYS C 327 9.12 37.69 -1.12
N ARG C 328 9.04 39.01 -1.33
CA ARG C 328 10.07 39.69 -2.09
C ARG C 328 11.41 39.62 -1.38
N ILE C 329 11.41 39.78 -0.06
CA ILE C 329 12.65 39.73 0.69
C ILE C 329 13.27 38.34 0.58
N PHE C 330 12.43 37.32 0.60
CA PHE C 330 12.93 35.96 0.46
C PHE C 330 13.62 35.77 -0.88
N TYR C 331 12.97 36.19 -1.96
CA TYR C 331 13.59 36.00 -3.26
C TYR C 331 14.87 36.82 -3.39
N PHE C 332 14.89 38.00 -2.79
CA PHE C 332 16.10 38.81 -2.81
C PHE C 332 17.23 38.10 -2.08
N ASN C 333 16.93 37.50 -0.93
CA ASN C 333 17.95 36.75 -0.20
C ASN C 333 18.47 35.59 -1.01
N PHE C 334 17.56 34.87 -1.67
CA PHE C 334 17.98 33.72 -2.46
C PHE C 334 18.88 34.16 -3.61
N PHE C 335 18.52 35.25 -4.27
CA PHE C 335 19.33 35.77 -5.36
C PHE C 335 20.71 36.16 -4.87
N VAL C 336 20.77 36.81 -3.71
CA VAL C 336 22.08 37.23 -3.20
C VAL C 336 22.92 36.02 -2.86
N TYR C 337 22.31 34.98 -2.30
CA TYR C 337 23.07 33.78 -2.00
C TYR C 337 23.60 33.14 -3.27
N CYS C 338 22.79 33.12 -4.33
CA CYS C 338 23.27 32.59 -5.60
C CYS C 338 24.46 33.39 -6.11
N LEU C 339 24.40 34.71 -6.01
CA LEU C 339 25.53 35.52 -6.45
C LEU C 339 26.76 35.24 -5.62
N TYR C 340 26.58 35.07 -4.32
CA TYR C 340 27.69 34.77 -3.45
C TYR C 340 28.35 33.46 -3.83
N MET C 341 27.55 32.43 -4.12
CA MET C 341 28.13 31.16 -4.48
C MET C 341 28.82 31.23 -5.83
N ILE C 342 28.30 32.03 -6.76
CA ILE C 342 28.97 32.14 -8.05
C ILE C 342 30.32 32.83 -7.88
N ILE C 343 30.37 33.89 -7.07
CA ILE C 343 31.64 34.57 -6.83
C ILE C 343 32.62 33.63 -6.16
N PHE C 344 32.16 32.86 -5.18
CA PHE C 344 33.04 31.93 -4.49
C PHE C 344 33.58 30.86 -5.44
N THR C 345 32.72 30.32 -6.30
CA THR C 345 33.15 29.28 -7.23
C THR C 345 34.21 29.83 -8.18
N ALA C 346 33.97 31.01 -8.72
CA ALA C 346 34.94 31.60 -9.64
C ALA C 346 36.25 31.90 -8.94
N ALA C 347 36.18 32.41 -7.71
CA ALA C 347 37.40 32.68 -6.97
C ALA C 347 38.17 31.41 -6.69
N ALA C 348 37.48 30.34 -6.35
CA ALA C 348 38.16 29.09 -6.04
C ALA C 348 38.77 28.46 -7.28
N TYR C 349 38.09 28.55 -8.43
CA TYR C 349 38.56 27.86 -9.62
C TYR C 349 39.91 28.38 -10.08
N TYR C 350 40.10 29.68 -10.01
CA TYR C 350 41.30 30.33 -10.51
C TYR C 350 42.35 30.54 -9.44
N ARG C 351 42.44 29.64 -8.47
CA ARG C 351 43.46 29.77 -7.45
C ARG C 351 44.84 29.57 -8.08
N PRO C 352 45.89 30.17 -7.54
CA PRO C 352 47.22 29.85 -8.03
C PRO C 352 47.65 28.46 -7.61
N VAL C 353 48.51 27.85 -8.42
CA VAL C 353 48.97 26.48 -8.23
C VAL C 353 50.43 26.41 -7.81
N GLU C 354 51.03 27.53 -7.41
CA GLU C 354 52.40 27.56 -6.96
C GLU C 354 52.44 27.19 -5.48
N GLY C 355 53.63 27.22 -4.88
CA GLY C 355 53.79 26.77 -3.51
C GLY C 355 53.60 27.87 -2.49
N LEU C 356 53.36 27.43 -1.25
CA LEU C 356 53.48 28.28 -0.07
C LEU C 356 52.59 29.51 -0.07
N PRO C 357 51.33 29.41 0.29
CA PRO C 357 50.52 30.61 0.51
C PRO C 357 51.07 31.42 1.67
N PRO C 358 50.64 32.68 1.84
CA PRO C 358 49.77 33.49 1.00
C PRO C 358 50.50 33.96 -0.24
N TYR C 359 49.76 34.30 -1.29
CA TYR C 359 50.33 34.64 -2.59
C TYR C 359 50.22 36.13 -2.84
N LYS C 360 51.32 36.72 -3.26
CA LYS C 360 51.39 38.16 -3.43
C LYS C 360 50.70 38.59 -4.71
N LEU C 361 50.22 39.83 -4.71
CA LEU C 361 49.47 40.37 -5.83
C LEU C 361 50.42 40.96 -6.85
N LYS C 362 50.08 40.77 -8.12
CA LYS C 362 50.68 41.49 -9.22
C LYS C 362 49.75 42.62 -9.65
N ASN C 363 50.36 43.70 -10.14
CA ASN C 363 49.58 44.82 -10.68
C ASN C 363 48.99 44.37 -12.02
N THR C 364 47.91 43.60 -11.92
CA THR C 364 47.23 43.09 -13.09
C THR C 364 45.77 42.86 -12.74
N VAL C 365 44.93 42.84 -13.78
CA VAL C 365 43.48 42.79 -13.60
C VAL C 365 43.06 41.49 -12.91
N GLY C 366 43.64 40.38 -13.34
CA GLY C 366 43.22 39.09 -12.81
C GLY C 366 43.43 38.97 -11.33
N ASP C 367 44.55 39.49 -10.83
CA ASP C 367 44.79 39.43 -9.40
C ASP C 367 43.81 40.30 -8.63
N TYR C 368 43.44 41.46 -9.17
CA TYR C 368 42.47 42.28 -8.46
C TYR C 368 41.12 41.60 -8.40
N PHE C 369 40.69 40.97 -9.49
CA PHE C 369 39.42 40.26 -9.43
C PHE C 369 39.51 39.05 -8.51
N ARG C 370 40.63 38.32 -8.52
CA ARG C 370 40.74 37.15 -7.67
C ARG C 370 40.72 37.55 -6.20
N VAL C 371 41.50 38.56 -5.82
CA VAL C 371 41.54 38.93 -4.41
C VAL C 371 40.22 39.56 -3.99
N THR C 372 39.53 40.24 -4.90
CA THR C 372 38.20 40.75 -4.61
C THR C 372 37.23 39.61 -4.29
N GLY C 373 37.27 38.57 -5.13
CA GLY C 373 36.42 37.42 -4.86
C GLY C 373 36.77 36.72 -3.56
N GLU C 374 38.06 36.63 -3.26
CA GLU C 374 38.48 36.00 -2.01
C GLU C 374 37.97 36.77 -0.81
N ILE C 375 38.05 38.10 -0.87
CA ILE C 375 37.59 38.91 0.24
C ILE C 375 36.09 38.76 0.43
N LEU C 376 35.34 38.76 -0.67
CA LEU C 376 33.90 38.58 -0.54
C LEU C 376 33.54 37.20 0.01
N SER C 377 34.25 36.17 -0.43
CA SER C 377 33.97 34.82 0.05
C SER C 377 34.20 34.69 1.54
N VAL C 378 35.33 35.23 2.02
CA VAL C 378 35.61 35.14 3.45
C VAL C 378 34.60 35.96 4.24
N SER C 379 34.20 37.12 3.69
CA SER C 379 33.19 37.92 4.35
C SER C 379 31.89 37.15 4.53
N GLY C 380 31.46 36.45 3.49
CA GLY C 380 30.26 35.65 3.60
C GLY C 380 30.38 34.55 4.64
N GLY C 381 31.55 33.92 4.70
CA GLY C 381 31.76 32.90 5.71
C GLY C 381 31.67 33.45 7.12
N VAL C 382 32.24 34.63 7.35
CA VAL C 382 32.17 35.26 8.67
C VAL C 382 30.73 35.56 9.02
N TYR C 383 29.97 36.06 8.05
CA TYR C 383 28.57 36.38 8.29
C TYR C 383 27.78 35.16 8.72
N PHE C 384 27.97 34.03 8.01
CA PHE C 384 27.25 32.83 8.39
C PHE C 384 27.68 32.31 9.74
N PHE C 385 28.96 32.47 10.08
CA PHE C 385 29.44 32.07 11.39
C PHE C 385 28.70 32.80 12.50
N PHE C 386 28.60 34.12 12.37
CA PHE C 386 27.94 34.87 13.44
C PHE C 386 26.44 34.64 13.46
N ARG C 387 25.81 34.43 12.30
CA ARG C 387 24.39 34.10 12.32
C ARG C 387 24.15 32.78 13.03
N GLY C 388 25.02 31.81 12.83
CA GLY C 388 24.86 30.55 13.53
C GLY C 388 25.01 30.71 15.03
N ILE C 389 25.96 31.52 15.47
CA ILE C 389 26.15 31.70 16.90
C ILE C 389 24.95 32.41 17.52
N GLN C 390 24.44 33.43 16.84
CA GLN C 390 23.24 34.11 17.36
C GLN C 390 22.07 33.15 17.45
N TYR C 391 21.95 32.24 16.49
CA TYR C 391 20.89 31.23 16.54
C TYR C 391 21.03 30.37 17.78
N PHE C 392 22.22 29.82 18.01
CA PHE C 392 22.36 28.87 19.10
C PHE C 392 22.25 29.56 20.45
N LEU C 393 22.61 30.84 20.53
CA LEU C 393 22.37 31.56 21.78
C LEU C 393 20.89 31.86 21.98
N GLN C 394 20.18 32.27 20.93
CA GLN C 394 18.78 32.67 21.12
C GLN C 394 17.90 31.46 21.41
N ARG C 395 18.21 30.31 20.82
CA ARG C 395 17.35 29.14 20.97
C ARG C 395 17.74 28.24 22.12
N ARG C 396 19.04 28.07 22.36
CA ARG C 396 19.54 27.17 23.39
C ARG C 396 19.00 25.74 23.22
N PRO C 397 19.25 25.12 22.08
CA PRO C 397 18.67 23.79 21.85
C PRO C 397 19.40 22.73 22.65
N SER C 398 18.63 21.74 23.12
CA SER C 398 19.22 20.64 23.86
C SER C 398 19.88 19.67 22.89
N LEU C 399 20.77 18.83 23.45
CA LEU C 399 21.56 17.95 22.60
C LEU C 399 20.68 16.90 21.93
N LYS C 400 19.64 16.45 22.61
CA LYS C 400 18.80 15.38 22.07
C LYS C 400 18.11 15.82 20.80
N SER C 401 17.62 17.05 20.77
CA SER C 401 16.92 17.62 19.61
C SER C 401 17.81 18.57 18.84
N LEU C 402 19.13 18.48 19.00
CA LEU C 402 20.00 19.41 18.30
C LEU C 402 19.90 19.23 16.80
N PHE C 403 19.86 17.99 16.34
CA PHE C 403 19.77 17.69 14.92
C PHE C 403 18.35 17.49 14.43
N VAL C 404 17.45 17.08 15.31
CA VAL C 404 16.07 16.79 14.89
C VAL C 404 15.42 18.06 14.39
N ASP C 405 15.62 19.16 15.10
CA ASP C 405 15.34 20.50 14.62
C ASP C 405 16.67 21.18 14.31
N SER C 406 16.61 22.33 13.65
CA SER C 406 17.82 23.12 13.39
C SER C 406 18.84 22.39 12.55
N TYR C 407 18.39 21.51 11.66
CA TYR C 407 19.31 20.85 10.75
C TYR C 407 19.98 21.87 9.83
N SER C 408 19.18 22.80 9.31
CA SER C 408 19.69 23.74 8.33
C SER C 408 20.71 24.69 8.94
N GLU C 409 20.48 25.16 10.16
CA GLU C 409 21.43 26.07 10.77
C GLU C 409 22.73 25.36 11.05
N ILE C 410 22.67 24.09 11.40
CA ILE C 410 23.88 23.32 11.63
C ILE C 410 24.69 23.24 10.35
N LEU C 411 24.04 22.98 9.23
CA LEU C 411 24.82 22.85 8.00
C LEU C 411 25.40 24.18 7.56
N PHE C 412 24.66 25.27 7.68
CA PHE C 412 25.22 26.57 7.33
C PHE C 412 26.39 26.92 8.25
N PHE C 413 26.27 26.59 9.53
CA PHE C 413 27.34 26.86 10.46
C PHE C 413 28.58 26.07 10.12
N VAL C 414 28.42 24.80 9.75
CA VAL C 414 29.57 23.96 9.44
C VAL C 414 30.27 24.45 8.18
N GLN C 415 29.50 24.94 7.21
CA GLN C 415 30.09 25.57 6.04
C GLN C 415 31.00 26.72 6.45
N SER C 416 30.50 27.58 7.33
CA SER C 416 31.31 28.70 7.75
C SER C 416 32.54 28.24 8.54
N LEU C 417 32.43 27.17 9.29
CA LEU C 417 33.59 26.67 10.02
C LEU C 417 34.68 26.21 9.06
N PHE C 418 34.28 25.51 7.99
CA PHE C 418 35.28 25.12 6.99
C PHE C 418 35.93 26.32 6.36
N MET C 419 35.15 27.38 6.10
CA MET C 419 35.74 28.58 5.54
C MET C 419 36.76 29.20 6.49
N LEU C 420 36.43 29.28 7.78
CA LEU C 420 37.36 29.93 8.70
C LEU C 420 38.62 29.11 8.90
N VAL C 421 38.48 27.79 8.97
CA VAL C 421 39.66 26.93 9.06
C VAL C 421 40.51 27.08 7.82
N SER C 422 39.87 27.27 6.67
CA SER C 422 40.63 27.51 5.45
C SER C 422 41.42 28.81 5.55
N VAL C 423 40.82 29.86 6.11
CA VAL C 423 41.56 31.12 6.23
C VAL C 423 42.75 30.95 7.17
N VAL C 424 42.53 30.25 8.28
CA VAL C 424 43.58 30.06 9.26
C VAL C 424 44.75 29.30 8.65
N LEU C 425 44.46 28.23 7.91
CA LEU C 425 45.54 27.50 7.26
C LEU C 425 46.17 28.32 6.15
N TYR C 426 45.39 29.19 5.49
CA TYR C 426 45.94 29.99 4.41
C TYR C 426 47.01 30.93 4.93
N PHE C 427 46.70 31.71 5.94
CA PHE C 427 47.72 32.62 6.45
C PHE C 427 48.79 31.90 7.26
N SER C 428 48.52 30.68 7.71
CA SER C 428 49.53 29.87 8.37
C SER C 428 50.51 29.21 7.40
N GLN C 429 50.40 29.48 6.09
CA GLN C 429 51.36 28.99 5.12
C GLN C 429 51.33 27.46 5.06
N ARG C 430 50.16 26.93 4.75
CA ARG C 430 49.98 25.52 4.46
C ARG C 430 49.09 25.41 3.24
N LYS C 431 49.56 24.66 2.23
CA LYS C 431 48.75 24.43 1.04
C LYS C 431 47.45 23.68 1.38
N GLU C 432 47.40 22.98 2.51
CA GLU C 432 46.25 22.17 2.87
C GLU C 432 44.99 22.99 3.10
N TYR C 433 45.07 24.32 3.12
CA TYR C 433 43.87 25.15 3.12
C TYR C 433 42.95 24.80 1.97
N VAL C 434 43.52 24.37 0.83
CA VAL C 434 42.72 23.99 -0.34
C VAL C 434 41.72 22.94 0.05
N ALA C 435 42.16 21.95 0.83
CA ALA C 435 41.29 20.87 1.26
C ALA C 435 40.08 21.41 2.01
N SER C 436 40.31 22.29 2.98
CA SER C 436 39.20 22.82 3.76
C SER C 436 38.30 23.65 2.89
N MET C 437 38.91 24.45 2.00
CA MET C 437 38.14 25.32 1.11
C MET C 437 37.22 24.49 0.26
N VAL C 438 37.70 23.34 -0.20
CA VAL C 438 36.96 22.54 -1.15
C VAL C 438 35.70 22.02 -0.51
N PHE C 439 35.78 21.62 0.77
CA PHE C 439 34.60 21.10 1.43
C PHE C 439 33.56 22.18 1.57
N SER C 440 34.00 23.39 1.88
CA SER C 440 33.08 24.50 2.00
C SER C 440 32.37 24.74 0.70
N LEU C 441 33.12 24.65 -0.41
CA LEU C 441 32.55 24.87 -1.73
C LEU C 441 31.46 23.87 -2.00
N ALA C 442 31.71 22.59 -1.70
CA ALA C 442 30.71 21.57 -1.94
C ALA C 442 29.48 21.83 -1.10
N MET C 443 29.68 22.15 0.18
CA MET C 443 28.55 22.37 1.06
C MET C 443 27.79 23.60 0.62
N GLY C 444 28.50 24.61 0.12
CA GLY C 444 27.87 25.83 -0.29
C GLY C 444 26.85 25.61 -1.38
N TRP C 445 27.09 24.65 -2.26
CA TRP C 445 26.11 24.43 -3.30
C TRP C 445 24.93 23.66 -2.77
N THR C 446 25.17 22.63 -1.96
CA THR C 446 24.04 21.79 -1.58
C THR C 446 23.12 22.49 -0.60
N ASN C 447 23.63 23.46 0.14
CA ASN C 447 22.79 24.23 1.02
C ASN C 447 21.79 25.09 0.28
N MET C 448 21.89 25.24 -1.05
CA MET C 448 20.81 25.87 -1.77
C MET C 448 19.50 25.13 -1.64
N LEU C 449 19.52 23.83 -1.29
CA LEU C 449 18.26 23.14 -1.05
C LEU C 449 17.48 23.73 0.11
N TYR C 450 18.13 24.45 1.00
CA TYR C 450 17.41 25.18 2.04
C TYR C 450 16.39 26.13 1.45
N TYR C 451 16.67 26.73 0.32
CA TYR C 451 15.74 27.66 -0.28
C TYR C 451 14.63 26.98 -1.03
N THR C 452 14.69 25.68 -1.25
CA THR C 452 13.55 25.02 -1.88
C THR C 452 12.39 24.86 -0.93
N ARG C 453 12.65 24.87 0.37
CA ARG C 453 11.57 24.87 1.33
C ARG C 453 10.79 26.15 1.22
N GLY C 454 9.54 26.11 1.65
CA GLY C 454 8.66 27.23 1.46
C GLY C 454 7.95 27.24 0.11
N PHE C 455 8.29 26.31 -0.77
CA PHE C 455 7.55 26.06 -2.00
C PHE C 455 6.73 24.80 -1.77
N GLN C 456 5.50 24.78 -2.28
CA GLN C 456 4.65 23.64 -2.02
C GLN C 456 5.21 22.38 -2.69
N GLN C 457 5.67 22.49 -3.92
CA GLN C 457 6.08 21.31 -4.68
C GLN C 457 7.52 20.93 -4.42
N MET C 458 8.44 21.88 -4.53
CA MET C 458 9.85 21.58 -4.42
C MET C 458 10.30 21.37 -2.99
N GLY C 459 9.55 21.83 -2.01
CA GLY C 459 9.99 21.74 -0.63
C GLY C 459 10.08 20.33 -0.10
N ILE C 460 9.48 19.36 -0.79
CA ILE C 460 9.44 18.00 -0.28
C ILE C 460 10.81 17.33 -0.35
N TYR C 461 11.66 17.73 -1.29
CA TYR C 461 12.90 17.00 -1.50
C TYR C 461 13.89 17.27 -0.39
N ALA C 462 13.97 18.50 0.10
CA ALA C 462 14.86 18.79 1.21
C ALA C 462 14.42 18.07 2.47
N VAL C 463 13.12 17.98 2.69
CA VAL C 463 12.61 17.30 3.88
C VAL C 463 12.95 15.82 3.81
N MET C 464 12.75 15.23 2.64
CA MET C 464 13.04 13.81 2.50
C MET C 464 14.51 13.53 2.69
N ILE C 465 15.38 14.38 2.16
CA ILE C 465 16.81 14.13 2.31
C ILE C 465 17.22 14.22 3.77
N GLU C 466 16.70 15.21 4.47
CA GLU C 466 16.98 15.37 5.89
C GLU C 466 16.56 14.14 6.67
N LYS C 467 15.32 13.69 6.47
CA LYS C 467 14.83 12.57 7.26
C LYS C 467 15.56 11.29 6.92
N MET C 468 15.88 11.06 5.65
CA MET C 468 16.59 9.85 5.31
C MET C 468 17.99 9.82 5.91
N ILE C 469 18.71 10.94 5.88
CA ILE C 469 20.04 10.96 6.50
C ILE C 469 19.93 10.76 8.00
N LEU C 470 18.99 11.45 8.65
CA LEU C 470 18.99 11.45 10.11
C LEU C 470 18.43 10.17 10.69
N ARG C 471 17.67 9.41 9.91
CA ARG C 471 17.00 8.23 10.49
C ARG C 471 17.40 6.92 9.80
N ASP C 472 17.49 6.88 8.47
CA ASP C 472 17.71 5.59 7.84
C ASP C 472 19.18 5.26 7.70
N LEU C 473 19.96 6.17 7.13
CA LEU C 473 21.39 5.87 7.01
C LEU C 473 22.06 5.79 8.36
N CYS C 474 21.64 6.61 9.31
CA CYS C 474 22.35 6.62 10.58
C CYS C 474 22.05 5.37 11.39
N ARG C 475 20.84 4.83 11.32
CA ARG C 475 20.60 3.54 11.94
C ARG C 475 21.30 2.44 11.18
N PHE C 476 21.25 2.48 9.85
CA PHE C 476 21.79 1.42 9.03
C PHE C 476 23.32 1.35 9.08
N MET C 477 23.96 2.45 9.45
CA MET C 477 25.41 2.53 9.39
C MET C 477 26.04 1.51 10.29
N PHE C 478 25.50 1.30 11.48
CA PHE C 478 26.12 0.37 12.40
C PHE C 478 26.00 -1.06 11.90
N VAL C 479 24.86 -1.42 11.34
CA VAL C 479 24.64 -2.76 10.83
C VAL C 479 25.60 -3.04 9.68
N TYR C 480 25.70 -2.09 8.76
CA TYR C 480 26.58 -2.32 7.62
C TYR C 480 28.03 -2.38 8.05
N LEU C 481 28.42 -1.57 9.02
CA LEU C 481 29.80 -1.60 9.45
C LEU C 481 30.14 -2.88 10.18
N VAL C 482 29.19 -3.46 10.89
CA VAL C 482 29.41 -4.78 11.50
C VAL C 482 29.76 -5.79 10.42
N PHE C 483 28.95 -5.83 9.36
CA PHE C 483 29.24 -6.77 8.27
C PHE C 483 30.56 -6.48 7.59
N LEU C 484 30.81 -5.21 7.31
CA LEU C 484 32.01 -4.85 6.56
C LEU C 484 33.26 -5.18 7.35
N PHE C 485 33.31 -4.78 8.61
CA PHE C 485 34.51 -5.04 9.40
C PHE C 485 34.70 -6.51 9.62
N GLY C 486 33.61 -7.26 9.78
CA GLY C 486 33.75 -8.70 9.93
C GLY C 486 34.41 -9.35 8.73
N PHE C 487 33.86 -9.13 7.54
CA PHE C 487 34.44 -9.81 6.40
C PHE C 487 35.77 -9.21 5.97
N SER C 488 35.99 -7.93 6.24
CA SER C 488 37.29 -7.35 5.91
C SER C 488 38.38 -7.97 6.74
N THR C 489 38.16 -8.13 8.03
CA THR C 489 39.17 -8.74 8.88
C THR C 489 39.37 -10.20 8.55
N ALA C 490 38.29 -10.92 8.23
CA ALA C 490 38.43 -12.31 7.82
C ALA C 490 39.28 -12.46 6.57
N VAL C 491 39.00 -11.65 5.55
CA VAL C 491 39.75 -11.75 4.30
C VAL C 491 41.20 -11.38 4.53
N VAL C 492 41.45 -10.31 5.30
CA VAL C 492 42.81 -9.84 5.46
C VAL C 492 43.63 -10.83 6.25
N THR C 493 43.03 -11.47 7.23
CA THR C 493 43.71 -12.54 7.94
C THR C 493 44.05 -13.68 7.01
N LEU C 494 43.14 -14.01 6.11
CA LEU C 494 43.35 -15.15 5.24
C LEU C 494 44.48 -14.90 4.25
N ILE C 495 44.53 -13.72 3.68
CA ILE C 495 45.51 -13.42 2.64
C ILE C 495 46.82 -13.05 3.28
N GLU C 496 47.91 -13.51 2.65
CA GLU C 496 49.28 -13.15 3.00
C GLU C 496 49.89 -12.55 1.74
N ASP C 497 50.24 -11.26 1.78
CA ASP C 497 50.95 -10.60 0.69
C ASP C 497 50.15 -10.59 -0.61
N GLY C 498 49.17 -9.71 -0.66
CA GLY C 498 48.44 -9.44 -1.89
C GLY C 498 47.95 -8.01 -1.93
N LYS C 499 47.05 -7.68 -2.86
CA LYS C 499 46.33 -6.42 -2.77
C LYS C 499 45.27 -6.44 -1.69
N TYR C 500 44.89 -7.62 -1.20
CA TYR C 500 43.95 -7.78 -0.12
C TYR C 500 44.61 -7.93 1.25
N ASN C 501 45.94 -7.88 1.36
CA ASN C 501 46.61 -7.87 2.66
C ASN C 501 46.81 -6.45 3.14
N SER C 502 45.71 -5.73 3.24
CA SER C 502 45.72 -4.37 3.75
C SER C 502 44.30 -3.97 4.07
N LEU C 503 44.05 -3.46 5.26
CA LEU C 503 42.68 -3.19 5.64
C LEU C 503 42.07 -2.08 4.82
N TYR C 504 42.88 -1.15 4.33
CA TYR C 504 42.33 -0.02 3.59
C TYR C 504 41.81 -0.46 2.23
N SER C 505 42.64 -1.12 1.45
CA SER C 505 42.21 -1.55 0.13
C SER C 505 41.14 -2.62 0.24
N THR C 506 41.21 -3.48 1.24
CA THR C 506 40.19 -4.50 1.40
C THR C 506 38.85 -3.88 1.75
N CYS C 507 38.84 -2.89 2.65
CA CYS C 507 37.59 -2.23 2.99
C CYS C 507 37.01 -1.53 1.78
N LEU C 508 37.88 -0.92 0.95
CA LEU C 508 37.39 -0.29 -0.27
C LEU C 508 36.76 -1.30 -1.20
N GLU C 509 37.41 -2.45 -1.40
CA GLU C 509 36.91 -3.42 -2.34
C GLU C 509 35.57 -3.98 -1.90
N LEU C 510 35.45 -4.28 -0.62
CA LEU C 510 34.18 -4.80 -0.15
C LEU C 510 33.10 -3.73 -0.22
N PHE C 511 33.45 -2.47 0.01
CA PHE C 511 32.45 -1.42 -0.12
C PHE C 511 31.96 -1.31 -1.54
N LYS C 512 32.86 -1.38 -2.50
CA LYS C 512 32.46 -1.37 -3.89
C LYS C 512 31.55 -2.54 -4.21
N PHE C 513 31.83 -3.71 -3.63
CA PHE C 513 30.96 -4.85 -3.85
C PHE C 513 29.57 -4.59 -3.33
N THR C 514 29.44 -3.82 -2.24
CA THR C 514 28.12 -3.54 -1.70
C THR C 514 27.26 -2.78 -2.70
N ILE C 515 27.83 -1.85 -3.44
CA ILE C 515 27.09 -0.98 -4.33
C ILE C 515 27.21 -1.43 -5.79
N GLY C 516 27.56 -2.69 -6.02
CA GLY C 516 27.44 -3.26 -7.35
C GLY C 516 28.48 -2.85 -8.36
N MET C 517 29.72 -2.61 -7.94
CA MET C 517 30.77 -2.25 -8.87
C MET C 517 32.10 -2.83 -8.44
N GLY C 518 32.08 -4.09 -8.02
CA GLY C 518 33.29 -4.85 -7.77
C GLY C 518 33.77 -5.53 -9.03
N ASP C 519 34.55 -6.60 -8.84
CA ASP C 519 35.03 -7.41 -9.96
C ASP C 519 34.62 -8.87 -9.85
N LEU C 520 34.92 -9.57 -8.75
CA LEU C 520 34.87 -11.04 -8.71
C LEU C 520 35.69 -11.65 -9.84
N GLU C 521 36.96 -11.28 -9.91
CA GLU C 521 37.93 -11.86 -10.86
C GLU C 521 38.91 -12.72 -10.08
N PHE C 522 38.71 -14.03 -10.13
CA PHE C 522 39.60 -14.98 -9.45
C PHE C 522 40.61 -15.56 -10.45
N THR C 523 41.48 -14.68 -10.94
CA THR C 523 42.60 -15.08 -11.78
C THR C 523 43.88 -15.31 -10.99
N GLU C 524 43.94 -14.86 -9.74
CA GLU C 524 45.11 -15.09 -8.93
C GLU C 524 45.12 -16.52 -8.37
N ASN C 525 46.32 -16.97 -8.00
CA ASN C 525 46.60 -18.37 -7.71
C ASN C 525 47.32 -18.49 -6.38
N TYR C 526 46.65 -18.04 -5.33
CA TYR C 526 47.13 -18.09 -3.95
C TYR C 526 46.49 -19.30 -3.26
N ASP C 527 46.93 -19.57 -2.03
CA ASP C 527 46.36 -20.67 -1.30
C ASP C 527 45.00 -20.26 -0.76
N PHE C 528 44.21 -21.24 -0.32
CA PHE C 528 42.87 -21.02 0.21
C PHE C 528 41.98 -20.27 -0.76
N LYS C 529 42.07 -20.60 -2.04
CA LYS C 529 41.24 -19.94 -3.03
C LYS C 529 39.77 -20.27 -2.81
N ALA C 530 39.47 -21.51 -2.44
CA ALA C 530 38.09 -21.90 -2.23
C ALA C 530 37.47 -21.12 -1.07
N VAL C 531 38.21 -20.95 0.01
CA VAL C 531 37.66 -20.24 1.17
C VAL C 531 37.48 -18.78 0.83
N PHE C 532 38.43 -18.21 0.11
CA PHE C 532 38.31 -16.82 -0.33
C PHE C 532 37.06 -16.62 -1.18
N ILE C 533 36.81 -17.53 -2.10
CA ILE C 533 35.64 -17.41 -2.97
C ILE C 533 34.35 -17.54 -2.16
N ILE C 534 34.31 -18.49 -1.24
CA ILE C 534 33.08 -18.67 -0.47
C ILE C 534 32.81 -17.46 0.40
N LEU C 535 33.87 -16.89 0.99
CA LEU C 535 33.68 -15.69 1.81
C LEU C 535 33.17 -14.53 0.99
N LEU C 536 33.74 -14.30 -0.19
CA LEU C 536 33.28 -13.18 -0.98
C LEU C 536 31.87 -13.38 -1.49
N LEU C 537 31.52 -14.59 -1.91
CA LEU C 537 30.15 -14.79 -2.37
C LEU C 537 29.15 -14.64 -1.25
N ALA C 538 29.48 -15.12 -0.05
CA ALA C 538 28.60 -14.91 1.08
C ALA C 538 28.45 -13.43 1.38
N TYR C 539 29.53 -12.68 1.28
CA TYR C 539 29.45 -11.24 1.49
C TYR C 539 28.56 -10.59 0.44
N VAL C 540 28.71 -10.98 -0.81
CA VAL C 540 27.98 -10.33 -1.89
C VAL C 540 26.50 -10.64 -1.77
N ILE C 541 26.15 -11.87 -1.42
CA ILE C 541 24.74 -12.18 -1.25
C ILE C 541 24.18 -11.45 -0.04
N LEU C 542 24.96 -11.33 1.03
CA LEU C 542 24.41 -10.76 2.25
C LEU C 542 24.28 -9.25 2.16
N THR C 543 25.20 -8.57 1.49
CA THR C 543 25.22 -7.11 1.48
C THR C 543 24.65 -6.50 0.22
N TYR C 544 25.03 -6.97 -0.96
CA TYR C 544 24.48 -6.39 -2.16
C TYR C 544 23.02 -6.75 -2.33
N ILE C 545 22.67 -8.00 -2.07
CA ILE C 545 21.30 -8.45 -2.30
C ILE C 545 20.43 -8.21 -1.08
N LEU C 546 20.84 -8.68 0.08
CA LEU C 546 19.93 -8.70 1.21
C LEU C 546 19.87 -7.36 1.93
N LEU C 547 21.01 -6.84 2.40
CA LEU C 547 20.97 -5.64 3.23
C LEU C 547 20.61 -4.40 2.44
N LEU C 548 21.19 -4.23 1.26
CA LEU C 548 20.99 -3.00 0.51
C LEU C 548 19.53 -2.83 0.14
N ASN C 549 18.88 -3.89 -0.26
CA ASN C 549 17.47 -3.79 -0.58
C ASN C 549 16.61 -3.60 0.64
N MET C 550 17.06 -4.08 1.81
CA MET C 550 16.37 -3.75 3.04
C MET C 550 16.42 -2.26 3.29
N LEU C 551 17.59 -1.64 3.11
CA LEU C 551 17.69 -0.20 3.28
C LEU C 551 16.80 0.53 2.31
N ILE C 552 16.76 0.05 1.08
CA ILE C 552 15.99 0.75 0.07
C ILE C 552 14.50 0.62 0.34
N ALA C 553 14.07 -0.52 0.86
CA ALA C 553 12.66 -0.65 1.21
C ALA C 553 12.29 0.27 2.36
N LEU C 554 13.16 0.39 3.37
CA LEU C 554 12.85 1.29 4.47
C LEU C 554 12.82 2.75 4.03
N MET C 555 13.78 3.15 3.20
CA MET C 555 13.77 4.50 2.66
C MET C 555 12.55 4.72 1.81
N GLY C 556 12.12 3.72 1.05
CA GLY C 556 10.92 3.86 0.26
C GLY C 556 9.70 4.12 1.11
N GLU C 557 9.59 3.43 2.24
CA GLU C 557 8.45 3.68 3.12
C GLU C 557 8.54 5.07 3.73
N THR C 558 9.72 5.53 4.09
CA THR C 558 9.85 6.89 4.61
C THR C 558 9.42 7.91 3.57
N VAL C 559 9.80 7.71 2.32
CA VAL C 559 9.41 8.61 1.25
C VAL C 559 7.91 8.59 1.04
N ASN C 560 7.29 7.41 1.08
CA ASN C 560 5.85 7.36 0.93
C ASN C 560 5.13 7.92 2.13
N LYS C 561 5.75 7.86 3.31
CA LYS C 561 5.06 8.27 4.52
C LYS C 561 4.80 9.75 4.50
N ILE C 562 5.77 10.54 4.07
CA ILE C 562 5.67 11.99 4.07
C ILE C 562 5.44 12.56 2.70
N ALA C 563 5.02 11.75 1.75
CA ALA C 563 4.57 12.31 0.48
C ALA C 563 3.25 13.01 0.65
N GLN C 564 2.37 12.46 1.47
CA GLN C 564 1.04 13.04 1.67
C GLN C 564 1.02 14.19 2.67
N GLU C 565 2.04 14.33 3.51
CA GLU C 565 2.12 15.41 4.48
C GLU C 565 2.73 16.69 3.93
N SER C 566 2.89 16.80 2.61
CA SER C 566 3.52 17.97 2.01
C SER C 566 2.76 19.24 2.33
N LYS C 567 1.43 19.15 2.30
CA LYS C 567 0.53 20.28 2.48
C LYS C 567 0.77 21.02 3.79
N ASN C 568 1.27 20.34 4.81
CA ASN C 568 1.54 20.94 6.11
C ASN C 568 2.98 21.36 6.27
N ILE C 569 3.88 20.52 5.80
CA ILE C 569 5.32 20.75 5.95
C ILE C 569 5.68 22.08 5.30
N TRP C 570 5.09 22.33 4.14
CA TRP C 570 5.28 23.61 3.46
C TRP C 570 4.89 24.78 4.34
N LYS C 571 3.70 24.71 4.95
CA LYS C 571 3.20 25.83 5.74
C LYS C 571 4.08 26.11 6.93
N LEU C 572 4.53 25.07 7.61
CA LEU C 572 5.34 25.27 8.79
C LEU C 572 6.68 25.91 8.44
N GLN C 573 7.30 25.48 7.35
CA GLN C 573 8.55 26.10 6.93
C GLN C 573 8.35 27.57 6.60
N ARG C 574 7.25 27.87 5.91
CA ARG C 574 6.96 29.25 5.55
C ARG C 574 6.77 30.11 6.79
N ALA C 575 6.14 29.55 7.82
CA ALA C 575 5.98 30.27 9.07
C ALA C 575 7.33 30.60 9.69
N ILE C 576 8.24 29.62 9.70
CA ILE C 576 9.54 29.86 10.32
C ILE C 576 10.29 30.93 9.55
N THR C 577 10.19 30.88 8.22
CA THR C 577 10.82 31.91 7.39
C THR C 577 10.28 33.29 7.72
N ILE C 578 8.98 33.40 7.89
CA ILE C 578 8.38 34.71 8.14
C ILE C 578 8.85 35.26 9.46
N LEU C 579 8.91 34.41 10.48
CA LEU C 579 9.38 34.88 11.78
C LEU C 579 10.83 35.33 11.72
N ASP C 580 11.68 34.57 11.03
CA ASP C 580 13.07 34.96 10.95
C ASP C 580 13.23 36.27 10.18
N THR C 581 12.44 36.44 9.12
CA THR C 581 12.49 37.70 8.38
C THR C 581 12.06 38.86 9.24
N GLU C 582 11.04 38.66 10.08
CA GLU C 582 10.63 39.71 10.99
C GLU C 582 11.73 40.05 11.99
N LYS C 583 12.45 39.03 12.46
CA LYS C 583 13.37 39.27 13.57
C LYS C 583 14.54 40.15 13.15
N SER C 584 15.17 39.87 12.01
CA SER C 584 16.32 40.67 11.58
C SER C 584 15.89 41.94 10.86
N PHE C 585 15.37 41.79 9.63
CA PHE C 585 14.68 42.82 8.85
C PHE C 585 15.56 43.94 8.29
N LEU C 586 16.78 44.13 8.81
CA LEU C 586 17.86 44.94 8.23
C LEU C 586 17.44 46.36 7.84
N LYS C 587 16.47 46.93 8.56
CA LYS C 587 16.11 48.34 8.40
C LYS C 587 15.84 49.05 9.72
N CYS C 588 15.80 48.33 10.85
CA CYS C 588 15.48 48.84 12.19
C CYS C 588 14.02 49.25 12.37
N MET C 589 13.20 49.15 11.32
CA MET C 589 11.77 49.45 11.39
C MET C 589 11.01 48.17 11.67
N ARG C 590 9.84 48.32 12.28
CA ARG C 590 8.96 47.20 12.62
C ARG C 590 7.52 47.55 12.30
N LYS C 591 7.29 48.05 11.08
CA LYS C 591 5.94 48.28 10.56
C LYS C 591 5.43 46.99 9.93
N ALA C 592 5.31 45.97 10.77
CA ALA C 592 4.88 44.63 10.39
C ALA C 592 3.46 44.32 10.84
N PHE C 593 2.68 45.33 11.22
CA PHE C 593 1.30 45.09 11.62
C PHE C 593 0.45 44.82 10.38
N ARG C 594 -0.74 44.28 10.62
CA ARG C 594 -1.65 43.89 9.54
C ARG C 594 -2.73 44.92 9.26
N SER C 595 -3.71 45.04 10.15
CA SER C 595 -4.80 45.98 10.01
C SER C 595 -4.71 46.99 11.13
N GLY C 596 -5.56 48.00 11.04
CA GLY C 596 -5.34 49.19 11.81
C GLY C 596 -5.61 48.98 13.26
N LYS C 597 -5.34 50.01 14.04
CA LYS C 597 -5.64 50.03 15.46
C LYS C 597 -7.14 50.27 15.62
N LEU C 598 -7.92 49.24 15.27
CA LEU C 598 -9.37 49.37 15.20
C LEU C 598 -9.98 49.21 16.57
N LEU C 599 -11.11 49.88 16.77
CA LEU C 599 -11.95 49.67 17.93
C LEU C 599 -12.97 48.59 17.58
N GLN C 600 -12.96 47.50 18.34
CA GLN C 600 -13.88 46.39 18.08
C GLN C 600 -15.17 46.68 18.85
N VAL C 601 -15.06 46.77 20.16
CA VAL C 601 -16.20 46.98 21.04
C VAL C 601 -16.26 48.44 21.47
N GLY C 602 -15.20 48.93 22.12
CA GLY C 602 -15.22 50.27 22.70
C GLY C 602 -15.93 50.38 24.01
N PHE C 603 -16.36 49.25 24.60
CA PHE C 603 -17.16 49.23 25.83
C PHE C 603 -16.49 48.28 26.80
N THR C 604 -15.60 48.83 27.60
CA THR C 604 -14.98 48.09 28.69
C THR C 604 -15.98 47.97 29.82
N PRO C 605 -15.62 47.27 30.91
CA PRO C 605 -16.40 47.44 32.14
C PRO C 605 -16.44 48.88 32.61
N ASP C 606 -15.34 49.61 32.49
CA ASP C 606 -15.24 50.99 32.89
C ASP C 606 -15.55 51.90 31.70
N GLY C 607 -15.35 53.21 31.87
CA GLY C 607 -15.79 54.19 30.89
C GLY C 607 -14.85 54.40 29.72
N LYS C 608 -13.88 53.51 29.52
CA LYS C 608 -12.91 53.62 28.44
C LYS C 608 -13.35 52.77 27.24
N ASP C 609 -12.51 52.79 26.21
CA ASP C 609 -12.74 52.07 24.96
C ASP C 609 -11.50 51.24 24.64
N ASP C 610 -11.73 50.10 23.98
CA ASP C 610 -10.66 49.20 23.56
C ASP C 610 -10.30 49.43 22.10
N TYR C 611 -9.00 49.56 21.85
CA TYR C 611 -8.39 49.41 20.52
C TYR C 611 -7.42 48.25 20.60
N ARG C 612 -7.42 47.39 19.59
CA ARG C 612 -6.87 46.06 19.73
C ARG C 612 -6.05 45.54 18.55
N TRP C 613 -5.80 46.35 17.52
CA TRP C 613 -5.11 45.88 16.30
C TRP C 613 -5.85 44.69 15.69
N CYS C 614 -7.17 44.77 15.63
CA CYS C 614 -7.92 43.65 15.09
C CYS C 614 -7.66 43.48 13.60
N PHE C 615 -7.86 42.27 13.11
CA PHE C 615 -7.57 41.88 11.74
C PHE C 615 -8.84 41.38 11.10
N ARG C 616 -9.23 41.98 9.97
CA ARG C 616 -10.49 41.64 9.31
C ARG C 616 -10.28 40.46 8.39
N VAL C 617 -11.17 39.47 8.50
CA VAL C 617 -11.15 38.29 7.66
C VAL C 617 -12.57 38.05 7.16
N ASP C 618 -12.72 37.92 5.85
CA ASP C 618 -13.96 37.50 5.23
C ASP C 618 -13.80 36.06 4.79
N GLU C 619 -14.61 35.18 5.36
CA GLU C 619 -14.57 33.75 5.10
C GLU C 619 -15.81 33.36 4.31
N VAL C 620 -15.72 32.20 3.66
CA VAL C 620 -16.81 31.62 2.90
C VAL C 620 -17.04 30.20 3.35
N ASN C 621 -18.30 29.81 3.52
CA ASN C 621 -18.68 28.45 3.87
C ASN C 621 -19.94 28.12 3.11
N TRP C 622 -19.94 26.98 2.42
CA TRP C 622 -21.07 26.54 1.62
C TRP C 622 -21.97 25.54 2.35
N THR C 623 -21.91 25.52 3.68
CA THR C 623 -22.82 24.67 4.44
C THR C 623 -24.23 25.20 4.35
N THR C 624 -25.15 24.35 3.89
CA THR C 624 -26.52 24.74 3.59
C THR C 624 -26.49 25.90 2.61
N SER D 89 -23.60 -48.15 28.00
CA SER D 89 -22.64 -47.19 27.46
C SER D 89 -22.01 -47.72 26.17
N TYR D 90 -21.55 -46.81 25.32
CA TYR D 90 -20.87 -47.20 24.09
C TYR D 90 -19.59 -47.93 24.43
N THR D 91 -19.23 -48.91 23.60
CA THR D 91 -18.03 -49.72 23.79
C THR D 91 -17.06 -49.66 22.62
N ASP D 92 -17.34 -48.86 21.59
CA ASP D 92 -16.47 -48.82 20.42
C ASP D 92 -15.23 -47.98 20.71
N SER D 93 -14.36 -47.85 19.72
CA SER D 93 -13.08 -47.17 19.90
C SER D 93 -13.21 -45.65 19.93
N TYR D 94 -14.38 -45.10 19.61
CA TYR D 94 -14.58 -43.66 19.44
C TYR D 94 -15.41 -43.02 20.53
N TYR D 95 -16.48 -43.68 20.97
CA TYR D 95 -17.43 -43.13 21.93
C TYR D 95 -17.34 -43.79 23.30
N LYS D 96 -16.23 -44.47 23.59
CA LYS D 96 -16.11 -45.32 24.78
C LYS D 96 -16.40 -44.56 26.06
N GLY D 97 -17.34 -45.07 26.84
CA GLY D 97 -17.69 -44.52 28.12
C GLY D 97 -18.79 -43.49 28.09
N GLN D 98 -19.25 -43.06 26.92
CA GLN D 98 -20.39 -42.17 26.84
C GLN D 98 -21.61 -42.87 27.41
N THR D 99 -22.44 -42.11 28.14
CA THR D 99 -23.67 -42.64 28.73
C THR D 99 -24.81 -41.67 28.49
N ALA D 100 -25.98 -42.02 29.05
CA ALA D 100 -27.17 -41.22 28.85
C ALA D 100 -27.05 -39.85 29.50
N LEU D 101 -26.32 -39.75 30.61
CA LEU D 101 -26.21 -38.46 31.29
C LEU D 101 -25.47 -37.43 30.45
N HIS D 102 -24.41 -37.86 29.75
CA HIS D 102 -23.72 -36.94 28.84
C HIS D 102 -24.66 -36.46 27.74
N ILE D 103 -25.46 -37.37 27.18
CA ILE D 103 -26.40 -36.99 26.13
C ILE D 103 -27.45 -36.04 26.68
N ALA D 104 -27.94 -36.32 27.88
CA ALA D 104 -28.94 -35.49 28.52
C ALA D 104 -28.42 -34.08 28.74
N ILE D 105 -27.18 -33.96 29.19
CA ILE D 105 -26.60 -32.64 29.43
C ILE D 105 -26.36 -31.92 28.12
N GLU D 106 -25.88 -32.66 27.11
CA GLU D 106 -25.66 -32.07 25.80
C GLU D 106 -26.97 -31.57 25.20
N ARG D 107 -28.04 -32.36 25.38
CA ARG D 107 -29.34 -31.96 24.87
C ARG D 107 -29.97 -30.81 25.65
N ARG D 108 -29.38 -30.41 26.78
CA ARG D 108 -29.88 -29.30 27.59
C ARG D 108 -31.27 -29.63 28.14
N ASN D 109 -31.41 -30.86 28.63
CA ASN D 109 -32.65 -31.37 29.20
C ASN D 109 -32.44 -31.53 30.70
N MET D 110 -32.90 -30.53 31.46
CA MET D 110 -32.76 -30.57 32.91
C MET D 110 -33.48 -31.76 33.52
N THR D 111 -34.63 -32.12 32.95
CA THR D 111 -35.48 -33.16 33.53
C THR D 111 -34.78 -34.51 33.52
N LEU D 112 -34.19 -34.87 32.39
CA LEU D 112 -33.49 -36.16 32.28
C LEU D 112 -32.29 -36.20 33.21
N VAL D 113 -31.60 -35.08 33.37
CA VAL D 113 -30.45 -35.04 34.27
C VAL D 113 -30.90 -35.32 35.69
N THR D 114 -31.98 -34.66 36.12
CA THR D 114 -32.53 -34.88 37.45
C THR D 114 -32.96 -36.33 37.62
N LEU D 115 -33.64 -36.88 36.62
CA LEU D 115 -34.14 -38.25 36.70
C LEU D 115 -33.01 -39.26 36.78
N LEU D 116 -31.98 -39.06 35.96
CA LEU D 116 -30.89 -40.03 35.91
C LEU D 116 -30.09 -40.00 37.20
N VAL D 117 -29.74 -38.79 37.67
CA VAL D 117 -29.01 -38.69 38.93
C VAL D 117 -29.83 -39.24 40.08
N GLU D 118 -31.16 -39.04 40.01
CA GLU D 118 -32.06 -39.59 41.01
C GLU D 118 -31.98 -41.11 41.07
N ASN D 119 -31.84 -41.75 39.90
CA ASN D 119 -31.83 -43.21 39.82
C ASN D 119 -30.45 -43.82 40.06
N GLY D 120 -29.49 -43.04 40.59
CA GLY D 120 -28.17 -43.56 40.88
C GLY D 120 -27.19 -43.47 39.75
N ALA D 121 -27.46 -42.64 38.74
CA ALA D 121 -26.55 -42.50 37.61
C ALA D 121 -25.22 -41.94 38.06
N ASP D 122 -24.15 -42.47 37.48
CA ASP D 122 -22.80 -42.04 37.83
C ASP D 122 -22.56 -40.65 37.25
N VAL D 123 -22.31 -39.68 38.14
CA VAL D 123 -21.99 -38.32 37.71
C VAL D 123 -20.51 -38.14 37.39
N GLN D 124 -19.68 -39.16 37.56
CA GLN D 124 -18.26 -39.12 37.24
C GLN D 124 -17.87 -40.27 36.33
N ALA D 125 -18.74 -40.59 35.37
CA ALA D 125 -18.36 -41.45 34.27
C ALA D 125 -17.33 -40.74 33.41
N ALA D 126 -16.42 -41.52 32.81
CA ALA D 126 -15.41 -41.02 31.89
C ALA D 126 -15.79 -41.46 30.48
N ALA D 127 -16.06 -40.48 29.61
CA ALA D 127 -16.31 -40.73 28.19
C ALA D 127 -15.02 -40.47 27.43
N ASN D 128 -14.21 -41.51 27.28
CA ASN D 128 -12.79 -41.37 26.93
C ASN D 128 -12.44 -42.10 25.64
N GLY D 129 -13.35 -42.10 24.66
CA GLY D 129 -13.03 -42.58 23.33
C GLY D 129 -12.40 -41.50 22.47
N ASP D 130 -11.91 -41.91 21.30
CA ASP D 130 -11.17 -41.01 20.43
C ASP D 130 -11.99 -39.84 19.91
N PHE D 131 -13.31 -39.95 19.93
CA PHE D 131 -14.13 -38.82 19.52
C PHE D 131 -14.07 -37.69 20.55
N PHE D 132 -13.93 -38.01 21.83
CA PHE D 132 -14.05 -37.05 22.92
C PHE D 132 -12.73 -36.62 23.52
N LYS D 133 -11.59 -37.04 22.97
CA LYS D 133 -10.28 -36.63 23.44
C LYS D 133 -9.73 -35.49 22.59
N LYS D 134 -8.76 -34.78 23.15
CA LYS D 134 -8.05 -33.76 22.39
C LYS D 134 -7.28 -34.43 21.25
N THR D 135 -7.43 -33.89 20.05
CA THR D 135 -6.76 -34.45 18.89
C THR D 135 -6.67 -33.38 17.82
N LYS D 136 -5.70 -33.57 16.91
CA LYS D 136 -5.50 -32.70 15.76
C LYS D 136 -5.93 -33.32 14.44
N GLY D 137 -5.76 -34.63 14.29
CA GLY D 137 -6.06 -35.32 13.06
C GLY D 137 -7.45 -35.92 13.01
N ARG D 138 -8.42 -35.29 13.69
CA ARG D 138 -9.80 -35.75 13.63
C ARG D 138 -10.72 -34.65 14.12
N PRO D 139 -11.88 -34.39 13.49
CA PRO D 139 -12.86 -33.52 14.14
C PRO D 139 -13.42 -34.20 15.38
N GLY D 140 -13.61 -33.42 16.43
CA GLY D 140 -14.04 -33.99 17.67
C GLY D 140 -14.54 -32.91 18.60
N PHE D 141 -14.78 -33.31 19.84
CA PHE D 141 -15.28 -32.41 20.86
C PHE D 141 -14.65 -32.86 22.17
N TYR D 142 -13.54 -32.23 22.53
CA TYR D 142 -12.92 -32.45 23.82
C TYR D 142 -13.56 -31.52 24.84
N PHE D 143 -13.93 -32.10 25.98
CA PHE D 143 -14.57 -31.37 27.06
C PHE D 143 -14.08 -31.76 28.45
N GLY D 144 -13.19 -32.75 28.56
CA GLY D 144 -12.73 -33.24 29.85
C GLY D 144 -13.34 -34.56 30.30
N GLU D 145 -14.17 -35.19 29.47
CA GLU D 145 -14.61 -36.58 29.63
C GLU D 145 -15.61 -36.82 30.74
N LEU D 146 -15.96 -35.77 31.58
CA LEU D 146 -16.82 -35.93 32.75
C LEU D 146 -18.10 -35.10 32.60
N PRO D 147 -19.25 -35.54 33.18
CA PRO D 147 -20.47 -34.73 33.06
C PRO D 147 -20.38 -33.33 33.65
N LEU D 148 -19.65 -33.16 34.74
CA LEU D 148 -19.50 -31.83 35.31
C LEU D 148 -18.76 -30.92 34.36
N SER D 149 -17.70 -31.43 33.73
CA SER D 149 -16.98 -30.68 32.72
C SER D 149 -17.87 -30.36 31.53
N LEU D 150 -18.69 -31.31 31.10
CA LEU D 150 -19.56 -31.07 29.96
C LEU D 150 -20.58 -29.99 30.28
N ALA D 151 -21.16 -30.06 31.47
CA ALA D 151 -22.17 -29.08 31.87
C ALA D 151 -21.56 -27.68 31.96
N ALA D 152 -20.34 -27.58 32.49
CA ALA D 152 -19.69 -26.28 32.55
C ALA D 152 -19.36 -25.78 31.15
N CYS D 153 -18.83 -26.65 30.30
CA CYS D 153 -18.36 -26.23 28.99
C CYS D 153 -19.50 -25.77 28.08
N THR D 154 -20.70 -26.34 28.24
CA THR D 154 -21.83 -26.01 27.39
C THR D 154 -22.62 -24.80 27.89
N ASN D 155 -22.13 -24.10 28.93
CA ASN D 155 -22.80 -22.93 29.49
C ASN D 155 -24.15 -23.29 30.07
N GLN D 156 -24.14 -24.21 31.03
CA GLN D 156 -25.34 -24.61 31.77
C GLN D 156 -25.02 -24.59 33.26
N LEU D 157 -25.16 -23.41 33.86
CA LEU D 157 -24.80 -23.24 35.27
C LEU D 157 -25.73 -24.04 36.18
N ALA D 158 -27.00 -24.16 35.80
CA ALA D 158 -27.98 -24.85 36.63
C ALA D 158 -27.61 -26.31 36.83
N ILE D 159 -27.18 -26.98 35.77
CA ILE D 159 -26.84 -28.40 35.90
C ILE D 159 -25.58 -28.55 36.72
N VAL D 160 -24.66 -27.60 36.60
CA VAL D 160 -23.45 -27.63 37.43
C VAL D 160 -23.82 -27.55 38.90
N LYS D 161 -24.68 -26.59 39.24
CA LYS D 161 -25.12 -26.43 40.62
C LYS D 161 -25.85 -27.67 41.09
N PHE D 162 -26.67 -28.25 40.22
CA PHE D 162 -27.41 -29.45 40.59
C PHE D 162 -26.46 -30.62 40.85
N LEU D 163 -25.47 -30.81 39.97
CA LEU D 163 -24.56 -31.94 40.13
C LEU D 163 -23.73 -31.81 41.39
N LEU D 164 -23.29 -30.60 41.71
CA LEU D 164 -22.49 -30.42 42.91
C LEU D 164 -23.33 -30.50 44.17
N GLN D 165 -24.52 -29.88 44.15
CA GLN D 165 -25.27 -29.57 45.36
C GLN D 165 -26.40 -30.54 45.66
N ASN D 166 -26.87 -31.32 44.69
CA ASN D 166 -27.92 -32.29 45.00
C ASN D 166 -27.36 -33.41 45.85
N SER D 167 -28.26 -34.05 46.61
CA SER D 167 -27.88 -35.03 47.63
C SER D 167 -27.82 -36.45 47.12
N TRP D 168 -28.43 -36.75 45.97
CA TRP D 168 -28.51 -38.13 45.51
C TRP D 168 -27.14 -38.67 45.15
N GLN D 169 -26.34 -37.88 44.45
CA GLN D 169 -25.02 -38.29 44.05
C GLN D 169 -24.20 -37.04 43.74
N PRO D 170 -23.53 -36.42 44.72
CA PRO D 170 -22.78 -35.21 44.42
C PRO D 170 -21.53 -35.49 43.60
N ALA D 171 -21.17 -34.52 42.77
CA ALA D 171 -19.99 -34.62 41.92
C ALA D 171 -18.78 -33.99 42.60
N ASP D 172 -17.62 -34.60 42.38
CA ASP D 172 -16.37 -34.12 42.95
C ASP D 172 -15.84 -33.01 42.05
N ILE D 173 -15.80 -31.78 42.59
CA ILE D 173 -15.35 -30.64 41.80
C ILE D 173 -13.87 -30.76 41.43
N SER D 174 -13.09 -31.54 42.18
CA SER D 174 -11.67 -31.72 41.93
C SER D 174 -11.36 -32.93 41.08
N ALA D 175 -12.35 -33.51 40.41
CA ALA D 175 -12.10 -34.69 39.58
C ALA D 175 -11.20 -34.33 38.40
N ARG D 176 -10.41 -35.31 37.98
CA ARG D 176 -9.50 -35.19 36.85
C ARG D 176 -9.75 -36.28 35.84
N ASP D 177 -9.62 -35.93 34.56
CA ASP D 177 -9.81 -36.86 33.46
C ASP D 177 -8.53 -37.66 33.24
N SER D 178 -8.45 -38.36 32.11
CA SER D 178 -7.23 -39.07 31.78
C SER D 178 -6.04 -38.13 31.63
N VAL D 179 -6.26 -36.96 31.02
CA VAL D 179 -5.20 -35.98 30.84
C VAL D 179 -4.77 -35.34 32.14
N GLY D 180 -5.51 -35.53 33.23
CA GLY D 180 -5.31 -34.77 34.44
C GLY D 180 -6.04 -33.46 34.48
N ASN D 181 -6.82 -33.15 33.46
CA ASN D 181 -7.48 -31.85 33.40
C ASN D 181 -8.68 -31.83 34.34
N THR D 182 -8.72 -30.80 35.17
CA THR D 182 -9.88 -30.48 35.97
C THR D 182 -10.86 -29.67 35.13
N VAL D 183 -11.96 -29.25 35.76
CA VAL D 183 -12.97 -28.46 35.06
C VAL D 183 -12.37 -27.16 34.57
N LEU D 184 -11.48 -26.57 35.36
CA LEU D 184 -10.88 -25.30 34.99
C LEU D 184 -9.98 -25.44 33.77
N HIS D 185 -9.22 -26.54 33.71
CA HIS D 185 -8.41 -26.81 32.53
C HIS D 185 -9.29 -26.97 31.31
N ALA D 186 -10.41 -27.67 31.45
CA ALA D 186 -11.34 -27.83 30.34
C ALA D 186 -11.87 -26.49 29.89
N LEU D 187 -12.22 -25.63 30.84
CA LEU D 187 -12.73 -24.30 30.48
C LEU D 187 -11.69 -23.49 29.73
N VAL D 188 -10.44 -23.58 30.17
CA VAL D 188 -9.37 -22.89 29.45
C VAL D 188 -9.25 -23.45 28.05
N GLU D 189 -9.33 -24.77 27.93
CA GLU D 189 -9.11 -25.44 26.66
C GLU D 189 -10.13 -25.03 25.61
N VAL D 190 -11.37 -24.77 26.01
CA VAL D 190 -12.44 -24.45 25.07
C VAL D 190 -12.59 -22.94 24.88
N ALA D 191 -11.55 -22.18 25.20
CA ALA D 191 -11.56 -20.77 24.85
C ALA D 191 -11.19 -20.60 23.39
N ASP D 192 -11.60 -19.46 22.82
CA ASP D 192 -11.22 -19.10 21.47
C ASP D 192 -10.99 -17.60 21.28
N ASN D 193 -10.84 -16.83 22.35
CA ASN D 193 -10.43 -15.43 22.32
C ASN D 193 -11.44 -14.49 21.67
N THR D 194 -12.67 -14.95 21.40
CA THR D 194 -13.72 -14.06 20.93
C THR D 194 -14.44 -13.44 22.12
N VAL D 195 -15.18 -12.37 21.83
CA VAL D 195 -15.82 -11.59 22.90
C VAL D 195 -16.86 -12.43 23.62
N ASP D 196 -17.74 -13.08 22.86
CA ASP D 196 -18.83 -13.84 23.46
C ASP D 196 -18.30 -15.04 24.23
N ASN D 197 -17.40 -15.79 23.59
CA ASN D 197 -16.83 -16.97 24.22
C ASN D 197 -16.07 -16.59 25.48
N THR D 198 -15.32 -15.49 25.42
CA THR D 198 -14.60 -15.04 26.60
C THR D 198 -15.55 -14.70 27.73
N LYS D 199 -16.68 -14.06 27.41
CA LYS D 199 -17.67 -13.76 28.44
C LYS D 199 -18.20 -15.03 29.08
N PHE D 200 -18.59 -16.00 28.25
CA PHE D 200 -19.16 -17.25 28.76
C PHE D 200 -18.15 -17.98 29.64
N VAL D 201 -16.93 -18.12 29.13
CA VAL D 201 -15.94 -18.97 29.79
C VAL D 201 -15.49 -18.32 31.08
N THR D 202 -15.25 -17.01 31.06
CA THR D 202 -14.87 -16.30 32.26
C THR D 202 -15.95 -16.38 33.33
N SER D 203 -17.21 -16.18 32.91
CA SER D 203 -18.31 -16.21 33.85
C SER D 203 -18.42 -17.58 34.51
N MET D 204 -18.41 -18.64 33.70
CA MET D 204 -18.53 -19.98 34.25
C MET D 204 -17.35 -20.33 35.13
N TYR D 205 -16.16 -19.88 34.76
CA TYR D 205 -14.96 -20.10 35.57
C TYR D 205 -15.16 -19.52 36.97
N ASN D 206 -15.61 -18.27 37.02
CA ASN D 206 -15.77 -17.62 38.31
C ASN D 206 -16.85 -18.30 39.15
N GLU D 207 -17.94 -18.72 38.50
CA GLU D 207 -18.99 -19.39 39.26
C GLU D 207 -18.51 -20.72 39.80
N ILE D 208 -17.71 -21.44 39.02
CA ILE D 208 -17.10 -22.68 39.51
C ILE D 208 -16.24 -22.38 40.73
N LEU D 209 -15.50 -21.28 40.70
CA LEU D 209 -14.62 -20.97 41.82
C LEU D 209 -15.40 -20.65 43.08
N ILE D 210 -16.49 -19.91 42.93
CA ILE D 210 -17.32 -19.58 44.09
C ILE D 210 -17.91 -20.85 44.69
N LEU D 211 -18.40 -21.75 43.84
CA LEU D 211 -18.96 -23.00 44.35
C LEU D 211 -17.89 -23.85 45.01
N GLY D 212 -16.67 -23.84 44.48
CA GLY D 212 -15.59 -24.58 45.11
C GLY D 212 -15.26 -24.04 46.48
N ALA D 213 -15.20 -22.72 46.60
CA ALA D 213 -14.88 -22.13 47.91
C ALA D 213 -15.98 -22.40 48.91
N LYS D 214 -17.24 -22.29 48.49
CA LYS D 214 -18.33 -22.48 49.43
C LYS D 214 -18.44 -23.93 49.86
N LEU D 215 -18.31 -24.86 48.91
CA LEU D 215 -18.49 -26.27 49.23
C LEU D 215 -17.25 -26.86 49.88
N HIS D 216 -16.07 -26.41 49.47
CA HIS D 216 -14.80 -26.96 49.95
C HIS D 216 -13.85 -25.79 50.21
N PRO D 217 -14.02 -25.09 51.34
CA PRO D 217 -13.15 -23.93 51.62
C PRO D 217 -11.68 -24.27 51.73
N THR D 218 -11.34 -25.51 52.08
CA THR D 218 -9.95 -25.93 52.20
C THR D 218 -9.35 -26.42 50.89
N LEU D 219 -10.08 -26.32 49.78
CA LEU D 219 -9.64 -26.81 48.48
C LEU D 219 -9.13 -25.65 47.64
N LYS D 220 -7.99 -25.86 46.99
CA LYS D 220 -7.39 -24.89 46.07
C LYS D 220 -7.36 -25.50 44.68
N LEU D 221 -8.41 -25.25 43.91
CA LEU D 221 -8.53 -25.84 42.58
C LEU D 221 -7.43 -25.36 41.66
N GLU D 222 -7.11 -24.07 41.71
CA GLU D 222 -6.23 -23.49 40.71
C GLU D 222 -4.80 -24.01 40.79
N GLU D 223 -4.40 -24.59 41.92
CA GLU D 223 -3.07 -25.18 42.03
C GLU D 223 -2.98 -26.57 41.43
N ILE D 224 -4.09 -27.21 41.11
CA ILE D 224 -4.04 -28.60 40.66
C ILE D 224 -3.47 -28.62 39.26
N THR D 225 -2.44 -29.42 39.05
CA THR D 225 -1.78 -29.54 37.76
C THR D 225 -2.33 -30.75 37.02
N ASN D 226 -2.43 -30.61 35.71
CA ASN D 226 -2.76 -31.74 34.85
C ASN D 226 -1.49 -32.55 34.62
N ARG D 227 -1.57 -33.54 33.73
CA ARG D 227 -0.49 -34.51 33.59
C ARG D 227 0.77 -33.87 33.03
N LYS D 228 0.63 -32.79 32.26
CA LYS D 228 1.80 -32.04 31.79
C LYS D 228 2.34 -31.09 32.85
N GLY D 229 1.81 -31.11 34.08
CA GLY D 229 2.31 -30.23 35.11
C GLY D 229 1.78 -28.82 35.04
N LEU D 230 0.73 -28.58 34.25
CA LEU D 230 0.23 -27.24 34.00
C LEU D 230 -1.00 -26.96 34.86
N THR D 231 -0.97 -25.83 35.52
CA THR D 231 -2.15 -25.29 36.17
C THR D 231 -3.01 -24.62 35.10
N PRO D 232 -4.26 -24.27 35.43
CA PRO D 232 -5.08 -23.55 34.45
C PRO D 232 -4.47 -22.25 33.98
N LEU D 233 -3.75 -21.54 34.85
CA LEU D 233 -3.10 -20.31 34.43
C LEU D 233 -1.97 -20.60 33.48
N ALA D 234 -1.13 -21.58 33.81
CA ALA D 234 -0.03 -21.96 32.92
C ALA D 234 -0.55 -22.47 31.60
N LEU D 235 -1.64 -23.22 31.63
CA LEU D 235 -2.24 -23.72 30.40
C LEU D 235 -2.75 -22.59 29.54
N ALA D 236 -3.42 -21.62 30.15
CA ALA D 236 -3.96 -20.50 29.40
C ALA D 236 -2.83 -19.70 28.76
N ALA D 237 -1.74 -19.50 29.49
CA ALA D 237 -0.61 -18.79 28.93
C ALA D 237 0.01 -19.59 27.79
N SER D 238 0.09 -20.90 27.96
CA SER D 238 0.69 -21.77 26.96
C SER D 238 -0.08 -21.73 25.65
N SER D 239 -1.40 -21.84 25.71
CA SER D 239 -2.18 -21.89 24.49
C SER D 239 -2.46 -20.53 23.89
N GLY D 240 -2.12 -19.43 24.57
CA GLY D 240 -2.37 -18.12 24.02
C GLY D 240 -3.79 -17.63 24.19
N LYS D 241 -4.48 -18.08 25.24
CA LYS D 241 -5.83 -17.62 25.52
C LYS D 241 -5.71 -16.29 26.23
N ILE D 242 -5.66 -15.20 25.46
CA ILE D 242 -5.40 -13.90 26.04
C ILE D 242 -6.55 -13.43 26.92
N GLY D 243 -7.79 -13.75 26.54
CA GLY D 243 -8.92 -13.28 27.32
C GLY D 243 -8.97 -13.90 28.71
N VAL D 244 -8.79 -15.21 28.77
CA VAL D 244 -8.81 -15.91 30.04
C VAL D 244 -7.65 -15.46 30.92
N LEU D 245 -6.48 -15.28 30.31
CA LEU D 245 -5.32 -14.82 31.05
C LEU D 245 -5.54 -13.44 31.62
N ALA D 246 -6.05 -12.53 30.79
CA ALA D 246 -6.28 -11.16 31.24
C ALA D 246 -7.31 -11.13 32.36
N TYR D 247 -8.33 -11.97 32.27
CA TYR D 247 -9.30 -12.07 33.35
C TYR D 247 -8.63 -12.56 34.63
N ILE D 248 -7.83 -13.62 34.54
CA ILE D 248 -7.33 -14.25 35.76
C ILE D 248 -6.37 -13.32 36.48
N LEU D 249 -5.42 -12.73 35.74
CA LEU D 249 -4.40 -11.91 36.37
C LEU D 249 -4.99 -10.67 37.04
N GLN D 250 -6.08 -10.14 36.49
CA GLN D 250 -6.73 -8.93 36.97
C GLN D 250 -8.01 -9.25 37.74
N ARG D 251 -8.04 -10.38 38.43
CA ARG D 251 -9.25 -10.85 39.08
C ARG D 251 -9.46 -10.12 40.39
N GLU D 252 -10.65 -9.56 40.57
CA GLU D 252 -11.05 -8.91 41.82
C GLU D 252 -12.51 -9.27 42.06
N ILE D 253 -12.79 -9.79 43.26
CA ILE D 253 -14.13 -10.22 43.65
C ILE D 253 -14.57 -9.38 44.83
N HIS D 254 -15.47 -8.43 44.57
CA HIS D 254 -15.99 -7.56 45.61
C HIS D 254 -17.18 -8.24 46.30
N GLU D 255 -16.83 -9.21 47.15
CA GLU D 255 -17.81 -9.98 47.89
C GLU D 255 -17.09 -10.43 49.16
N PRO D 256 -17.71 -10.33 50.34
CA PRO D 256 -17.04 -10.83 51.53
C PRO D 256 -17.04 -12.35 51.55
N GLU D 257 -16.18 -12.90 52.40
CA GLU D 257 -16.04 -14.33 52.70
C GLU D 257 -15.39 -15.15 51.58
N CYS D 258 -15.19 -14.58 50.40
CA CYS D 258 -14.51 -15.25 49.30
C CYS D 258 -13.56 -14.29 48.59
N ARG D 259 -13.18 -13.19 49.23
CA ARG D 259 -12.22 -12.26 48.66
C ARG D 259 -10.85 -12.88 48.50
N HIS D 260 -10.54 -13.94 49.23
CA HIS D 260 -9.25 -14.59 49.07
C HIS D 260 -9.07 -15.23 47.70
N LEU D 261 -10.15 -15.42 46.94
CA LEU D 261 -10.03 -15.83 45.55
C LEU D 261 -9.61 -14.71 44.63
N SER D 262 -9.54 -13.47 45.11
CA SER D 262 -9.06 -12.39 44.27
C SER D 262 -7.54 -12.51 44.09
N ARG D 263 -7.06 -11.94 42.99
CA ARG D 263 -5.64 -11.70 42.78
C ARG D 263 -5.30 -10.23 42.71
N LYS D 264 -6.23 -9.39 42.27
CA LYS D 264 -6.09 -7.95 42.27
C LYS D 264 -6.78 -7.41 43.51
N PHE D 265 -6.17 -6.43 44.15
CA PHE D 265 -6.70 -5.81 45.36
C PHE D 265 -6.46 -4.32 45.24
N THR D 266 -7.53 -3.55 45.07
CA THR D 266 -7.42 -2.13 44.81
C THR D 266 -7.28 -1.39 46.12
N GLU D 267 -6.11 -0.82 46.38
CA GLU D 267 -5.95 -0.12 47.64
C GLU D 267 -6.62 1.24 47.62
N TRP D 268 -6.49 2.01 46.54
CA TRP D 268 -7.18 3.29 46.54
C TRP D 268 -7.33 3.81 45.11
N ALA D 269 -8.12 4.87 44.99
CA ALA D 269 -8.35 5.51 43.71
C ALA D 269 -8.60 6.99 43.91
N TYR D 270 -7.99 7.79 43.06
CA TYR D 270 -8.25 9.20 42.87
C TYR D 270 -8.89 9.32 41.49
N GLY D 271 -9.03 10.55 40.98
CA GLY D 271 -9.75 10.80 39.75
C GLY D 271 -9.34 9.95 38.56
N PRO D 272 -8.15 10.15 38.02
CA PRO D 272 -7.65 9.27 36.95
C PRO D 272 -6.70 8.18 37.41
N VAL D 273 -6.18 8.28 38.63
CA VAL D 273 -5.09 7.44 39.12
C VAL D 273 -5.66 6.49 40.17
N HIS D 274 -5.24 5.24 40.13
CA HIS D 274 -5.62 4.29 41.16
C HIS D 274 -4.54 3.25 41.36
N SER D 275 -4.39 2.80 42.60
CA SER D 275 -3.32 1.93 43.03
C SER D 275 -3.89 0.64 43.55
N SER D 276 -3.36 -0.47 43.04
CA SER D 276 -3.77 -1.81 43.42
C SER D 276 -2.54 -2.65 43.64
N LEU D 277 -2.75 -3.79 44.27
CA LEU D 277 -1.75 -4.83 44.45
C LEU D 277 -2.16 -6.03 43.62
N TYR D 278 -1.20 -6.62 42.93
CA TYR D 278 -1.41 -7.82 42.14
C TYR D 278 -0.69 -8.99 42.79
N ASP D 279 -1.30 -10.16 42.69
CA ASP D 279 -0.91 -11.29 43.53
C ASP D 279 0.50 -11.76 43.23
N LEU D 280 0.86 -11.85 41.95
CA LEU D 280 2.19 -12.26 41.51
C LEU D 280 2.55 -13.70 41.83
N SER D 281 1.66 -14.49 42.42
CA SER D 281 2.04 -15.83 42.78
C SER D 281 2.13 -16.70 41.53
N CYS D 282 3.27 -17.36 41.36
CA CYS D 282 3.53 -18.20 40.20
C CYS D 282 3.48 -17.43 38.90
N ILE D 283 3.91 -16.17 38.91
CA ILE D 283 4.21 -15.45 37.67
C ILE D 283 5.67 -15.58 37.30
N ASP D 284 6.56 -15.40 38.28
CA ASP D 284 7.99 -15.32 38.06
C ASP D 284 8.74 -16.46 38.73
N THR D 285 8.36 -16.81 39.96
CA THR D 285 8.89 -17.97 40.66
C THR D 285 7.72 -18.86 41.02
N CYS D 286 7.63 -20.02 40.36
CA CYS D 286 6.57 -21.00 40.60
C CYS D 286 7.07 -22.40 40.88
N GLU D 287 8.31 -22.71 40.52
CA GLU D 287 8.97 -24.00 40.79
C GLU D 287 8.48 -25.15 39.91
N LYS D 288 7.48 -24.93 39.05
CA LYS D 288 7.18 -25.87 37.97
C LYS D 288 7.29 -25.19 36.61
N ASN D 289 6.41 -24.25 36.29
CA ASN D 289 6.41 -23.67 34.94
C ASN D 289 5.67 -22.33 35.04
N SER D 290 6.43 -21.26 35.22
CA SER D 290 5.83 -19.98 35.52
C SER D 290 5.26 -19.35 34.26
N VAL D 291 4.51 -18.26 34.45
CA VAL D 291 3.82 -17.65 33.31
C VAL D 291 4.83 -17.09 32.32
N LEU D 292 5.85 -16.41 32.81
CA LEU D 292 6.78 -15.74 31.91
C LEU D 292 7.62 -16.75 31.16
N GLU D 293 8.01 -17.83 31.82
CA GLU D 293 8.69 -18.91 31.12
C GLU D 293 7.83 -19.46 30.00
N VAL D 294 6.56 -19.66 30.29
CA VAL D 294 5.67 -20.29 29.32
C VAL D 294 5.44 -19.36 28.14
N ILE D 295 5.30 -18.07 28.39
CA ILE D 295 5.09 -17.14 27.28
C ILE D 295 6.35 -17.01 26.46
N ALA D 296 7.50 -16.85 27.12
CA ALA D 296 8.74 -16.60 26.40
C ALA D 296 9.15 -17.79 25.54
N TYR D 297 9.17 -18.98 26.13
CA TYR D 297 9.63 -20.18 25.43
C TYR D 297 8.50 -20.87 24.67
N SER D 298 7.46 -20.15 24.30
CA SER D 298 6.45 -20.72 23.44
C SER D 298 7.01 -20.91 22.03
N SER D 299 6.30 -21.67 21.22
CA SER D 299 6.85 -22.20 19.98
C SER D 299 6.58 -21.31 18.78
N SER D 300 6.28 -20.04 18.96
CA SER D 300 6.02 -19.08 17.90
C SER D 300 4.73 -19.34 17.14
N GLU D 301 3.95 -20.36 17.52
CA GLU D 301 2.66 -20.69 16.91
C GLU D 301 1.50 -20.26 17.77
N THR D 302 1.74 -20.04 19.07
CA THR D 302 0.73 -19.53 19.98
C THR D 302 0.23 -18.19 19.48
N PRO D 303 -1.09 -18.00 19.26
CA PRO D 303 -1.53 -16.85 18.44
C PRO D 303 -1.20 -15.48 19.00
N ASN D 304 -1.30 -15.29 20.31
CA ASN D 304 -1.19 -13.98 20.94
C ASN D 304 0.08 -13.90 21.76
N ARG D 305 1.16 -14.47 21.23
CA ARG D 305 2.43 -14.53 21.94
C ARG D 305 2.95 -13.14 22.28
N HIS D 306 2.70 -12.18 21.40
CA HIS D 306 3.19 -10.83 21.62
C HIS D 306 2.25 -10.02 22.49
N ASP D 307 0.96 -10.18 22.26
CA ASP D 307 -0.03 -9.38 22.97
C ASP D 307 -0.05 -9.71 24.45
N MET D 308 0.27 -10.96 24.80
CA MET D 308 0.11 -11.39 26.18
C MET D 308 1.05 -10.65 27.13
N LEU D 309 2.16 -10.13 26.62
CA LEU D 309 3.05 -9.36 27.48
C LEU D 309 2.57 -7.94 27.72
N LEU D 310 1.54 -7.48 27.00
CA LEU D 310 0.96 -6.17 27.23
C LEU D 310 -0.03 -6.15 28.37
N VAL D 311 -0.45 -7.29 28.89
CA VAL D 311 -1.39 -7.34 30.00
C VAL D 311 -0.70 -6.77 31.23
N GLU D 312 -1.38 -5.85 31.92
CA GLU D 312 -0.74 -4.85 32.79
C GLU D 312 0.24 -5.37 33.83
N PRO D 313 -0.07 -6.38 34.65
CA PRO D 313 0.89 -6.80 35.68
C PRO D 313 2.19 -7.27 35.09
N LEU D 314 2.10 -8.03 34.01
CA LEU D 314 3.31 -8.52 33.36
C LEU D 314 4.12 -7.39 32.79
N ASN D 315 3.46 -6.41 32.16
CA ASN D 315 4.21 -5.35 31.50
C ASN D 315 4.96 -4.51 32.52
N ARG D 316 4.31 -4.14 33.61
CA ARG D 316 5.02 -3.39 34.65
C ARG D 316 6.08 -4.25 35.30
N LEU D 317 5.82 -5.55 35.44
CA LEU D 317 6.79 -6.44 36.06
C LEU D 317 8.07 -6.50 35.26
N LEU D 318 7.94 -6.67 33.95
CA LEU D 318 9.12 -6.73 33.10
C LEU D 318 9.82 -5.39 33.05
N GLN D 319 9.07 -4.29 33.02
CA GLN D 319 9.70 -2.99 33.01
C GLN D 319 10.50 -2.75 34.27
N ASP D 320 9.96 -3.17 35.42
CA ASP D 320 10.67 -3.01 36.67
C ASP D 320 11.93 -3.87 36.70
N LYS D 321 11.82 -5.12 36.26
CA LYS D 321 12.99 -5.99 36.24
C LYS D 321 14.07 -5.45 35.31
N TRP D 322 13.66 -4.90 34.18
CA TRP D 322 14.61 -4.31 33.26
C TRP D 322 15.33 -3.13 33.89
N ASP D 323 14.56 -2.17 34.43
CA ASP D 323 15.19 -0.96 34.93
C ASP D 323 16.00 -1.21 36.18
N ARG D 324 15.63 -2.20 36.98
CA ARG D 324 16.25 -2.31 38.28
C ARG D 324 17.67 -2.83 38.17
N PHE D 325 17.83 -4.07 37.68
CA PHE D 325 19.13 -4.74 37.70
C PHE D 325 19.51 -5.42 36.39
N VAL D 326 18.57 -5.74 35.51
CA VAL D 326 18.95 -6.50 34.32
C VAL D 326 19.69 -5.62 33.32
N LYS D 327 19.30 -4.35 33.22
CA LYS D 327 19.84 -3.47 32.18
C LYS D 327 21.35 -3.30 32.28
N ARG D 328 21.85 -3.08 33.50
CA ARG D 328 23.29 -2.95 33.68
C ARG D 328 24.01 -4.23 33.32
N ILE D 329 23.45 -5.38 33.69
CA ILE D 329 24.08 -6.65 33.39
C ILE D 329 24.12 -6.86 31.88
N PHE D 330 23.08 -6.46 31.19
CA PHE D 330 23.06 -6.58 29.73
C PHE D 330 24.17 -5.77 29.11
N TYR D 331 24.30 -4.51 29.52
CA TYR D 331 25.36 -3.69 28.92
C TYR D 331 26.74 -4.22 29.27
N PHE D 332 26.89 -4.75 30.48
CA PHE D 332 28.17 -5.33 30.85
C PHE D 332 28.51 -6.53 29.97
N ASN D 333 27.52 -7.38 29.70
CA ASN D 333 27.74 -8.52 28.83
C ASN D 333 28.12 -8.08 27.43
N PHE D 334 27.44 -7.07 26.92
CA PHE D 334 27.73 -6.59 25.58
C PHE D 334 29.13 -6.03 25.49
N PHE D 335 29.54 -5.27 26.50
CA PHE D 335 30.88 -4.72 26.53
C PHE D 335 31.92 -5.83 26.58
N VAL D 336 31.67 -6.87 27.37
CA VAL D 336 32.64 -7.94 27.45
C VAL D 336 32.75 -8.67 26.13
N TYR D 337 31.63 -8.86 25.45
CA TYR D 337 31.67 -9.49 24.14
C TYR D 337 32.46 -8.65 23.16
N CYS D 338 32.30 -7.33 23.21
CA CYS D 338 33.10 -6.47 22.34
C CYS D 338 34.59 -6.61 22.63
N LEU D 339 34.96 -6.67 23.91
CA LEU D 339 36.37 -6.86 24.23
C LEU D 339 36.87 -8.19 23.73
N TYR D 340 36.05 -9.23 23.85
CA TYR D 340 36.44 -10.55 23.38
C TYR D 340 36.68 -10.54 21.89
N MET D 341 35.80 -9.90 21.13
CA MET D 341 35.98 -9.88 19.69
C MET D 341 37.18 -9.05 19.29
N ILE D 342 37.47 -7.98 20.02
CA ILE D 342 38.65 -7.20 19.69
C ILE D 342 39.91 -8.01 19.93
N ILE D 343 39.95 -8.74 21.04
CA ILE D 343 41.11 -9.57 21.34
C ILE D 343 41.27 -10.65 20.28
N PHE D 344 40.16 -11.27 19.88
CA PHE D 344 40.23 -12.31 18.87
C PHE D 344 40.71 -11.77 17.54
N THR D 345 40.21 -10.60 17.13
CA THR D 345 40.62 -10.03 15.86
C THR D 345 42.11 -9.70 15.87
N ALA D 346 42.58 -9.11 16.96
CA ALA D 346 43.99 -8.76 17.03
C ALA D 346 44.86 -9.99 17.05
N ALA D 347 44.44 -11.04 17.76
CA ALA D 347 45.22 -12.27 17.77
C ALA D 347 45.25 -12.90 16.40
N ALA D 348 44.13 -12.88 15.69
CA ALA D 348 44.09 -13.50 14.37
C ALA D 348 44.93 -12.74 13.37
N TYR D 349 44.92 -11.41 13.44
CA TYR D 349 45.60 -10.60 12.42
C TYR D 349 47.09 -10.87 12.40
N TYR D 350 47.70 -11.00 13.57
CA TYR D 350 49.14 -11.15 13.73
C TYR D 350 49.57 -12.60 13.80
N ARG D 351 48.87 -13.51 13.13
CA ARG D 351 49.29 -14.89 13.12
C ARG D 351 50.63 -15.02 12.40
N PRO D 352 51.45 -16.02 12.72
CA PRO D 352 52.66 -16.23 11.93
C PRO D 352 52.35 -16.83 10.58
N VAL D 353 53.27 -16.61 9.64
CA VAL D 353 53.16 -17.07 8.26
C VAL D 353 54.17 -18.17 7.95
N GLU D 354 54.80 -18.77 8.96
CA GLU D 354 55.65 -19.93 8.73
C GLU D 354 54.79 -21.17 8.47
N GLY D 355 55.45 -22.27 8.17
CA GLY D 355 54.76 -23.51 7.92
C GLY D 355 54.52 -24.31 9.19
N LEU D 356 53.63 -25.29 9.07
CA LEU D 356 53.51 -26.38 10.03
C LEU D 356 53.24 -25.93 11.46
N PRO D 357 52.01 -25.58 11.82
CA PRO D 357 51.69 -25.34 13.23
C PRO D 357 51.85 -26.61 14.04
N PRO D 358 51.87 -26.53 15.38
CA PRO D 358 51.85 -25.35 16.23
C PRO D 358 53.17 -24.64 16.20
N TYR D 359 53.18 -23.36 16.56
CA TYR D 359 54.37 -22.53 16.49
C TYR D 359 54.94 -22.28 17.87
N LYS D 360 56.24 -22.51 18.01
CA LYS D 360 56.89 -22.38 19.29
C LYS D 360 57.06 -20.91 19.64
N LEU D 361 57.06 -20.63 20.94
CA LEU D 361 57.19 -19.27 21.42
C LEU D 361 58.65 -18.85 21.43
N LYS D 362 58.87 -17.56 21.23
CA LYS D 362 60.14 -16.91 21.48
C LYS D 362 60.01 -16.06 22.74
N ASN D 363 61.13 -15.90 23.44
CA ASN D 363 61.17 -15.07 24.63
C ASN D 363 61.16 -13.61 24.19
N THR D 364 59.96 -13.16 23.82
CA THR D 364 59.75 -11.80 23.37
C THR D 364 58.32 -11.39 23.70
N VAL D 365 58.11 -10.08 23.80
CA VAL D 365 56.84 -9.54 24.25
C VAL D 365 55.72 -9.88 23.28
N GLY D 366 55.99 -9.80 21.99
CA GLY D 366 54.97 -10.03 20.99
C GLY D 366 54.37 -11.42 21.07
N ASP D 367 55.22 -12.42 21.27
CA ASP D 367 54.71 -13.78 21.38
C ASP D 367 53.89 -13.98 22.64
N TYR D 368 54.26 -13.30 23.73
CA TYR D 368 53.44 -13.43 24.94
C TYR D 368 52.06 -12.82 24.72
N PHE D 369 51.99 -11.65 24.10
CA PHE D 369 50.66 -11.10 23.86
C PHE D 369 49.88 -11.92 22.85
N ARG D 370 50.56 -12.45 21.84
CA ARG D 370 49.88 -13.27 20.84
C ARG D 370 49.30 -14.54 21.47
N VAL D 371 50.12 -15.26 22.24
CA VAL D 371 49.61 -16.50 22.81
C VAL D 371 48.56 -16.22 23.88
N THR D 372 48.68 -15.08 24.58
CA THR D 372 47.63 -14.69 25.51
C THR D 372 46.31 -14.49 24.80
N GLY D 373 46.33 -13.79 23.67
CA GLY D 373 45.12 -13.62 22.90
C GLY D 373 44.57 -14.94 22.38
N GLU D 374 45.46 -15.84 21.96
CA GLU D 374 45.01 -17.14 21.47
C GLU D 374 44.30 -17.92 22.56
N ILE D 375 44.85 -17.90 23.76
CA ILE D 375 44.25 -18.63 24.87
C ILE D 375 42.89 -18.05 25.21
N LEU D 376 42.79 -16.73 25.24
CA LEU D 376 41.49 -16.13 25.55
C LEU D 376 40.46 -16.41 24.47
N SER D 377 40.88 -16.38 23.20
CA SER D 377 39.94 -16.65 22.11
C SER D 377 39.40 -18.06 22.17
N VAL D 378 40.28 -19.03 22.41
CA VAL D 378 39.82 -20.42 22.48
C VAL D 378 38.93 -20.61 23.71
N SER D 379 39.26 -19.95 24.81
CA SER D 379 38.44 -20.03 26.01
C SER D 379 37.03 -19.56 25.73
N GLY D 380 36.90 -18.42 25.04
CA GLY D 380 35.58 -17.93 24.69
C GLY D 380 34.82 -18.89 23.81
N GLY D 381 35.52 -19.51 22.86
CA GLY D 381 34.86 -20.50 22.02
C GLY D 381 34.32 -21.67 22.81
N VAL D 382 35.11 -22.16 23.77
CA VAL D 382 34.67 -23.27 24.62
C VAL D 382 33.44 -22.86 25.42
N TYR D 383 33.45 -21.63 25.93
CA TYR D 383 32.32 -21.15 26.71
C TYR D 383 31.04 -21.14 25.89
N PHE D 384 31.12 -20.63 24.66
CA PHE D 384 29.92 -20.60 23.84
C PHE D 384 29.47 -22.01 23.46
N PHE D 385 30.42 -22.92 23.28
CA PHE D 385 30.06 -24.31 23.00
C PHE D 385 29.22 -24.90 24.11
N PHE D 386 29.67 -24.75 25.35
CA PHE D 386 28.91 -25.34 26.44
C PHE D 386 27.60 -24.62 26.68
N ARG D 387 27.54 -23.30 26.49
CA ARG D 387 26.27 -22.62 26.62
C ARG D 387 25.26 -23.11 25.60
N GLY D 388 25.72 -23.36 24.37
CA GLY D 388 24.81 -23.91 23.37
C GLY D 388 24.30 -25.28 23.75
N ILE D 389 25.17 -26.12 24.30
CA ILE D 389 24.72 -27.46 24.66
C ILE D 389 23.71 -27.39 25.80
N GLN D 390 23.96 -26.55 26.80
CA GLN D 390 23.00 -26.40 27.88
C GLN D 390 21.67 -25.91 27.36
N TYR D 391 21.68 -25.00 26.39
CA TYR D 391 20.44 -24.54 25.80
C TYR D 391 19.67 -25.67 25.15
N PHE D 392 20.35 -26.45 24.33
CA PHE D 392 19.62 -27.48 23.58
C PHE D 392 19.14 -28.58 24.50
N LEU D 393 19.86 -28.85 25.59
CA LEU D 393 19.33 -29.81 26.56
C LEU D 393 18.13 -29.26 27.30
N GLN D 394 18.18 -28.00 27.74
CA GLN D 394 17.08 -27.48 28.55
C GLN D 394 15.82 -27.31 27.74
N ARG D 395 15.94 -26.87 26.49
CA ARG D 395 14.76 -26.57 25.69
C ARG D 395 14.24 -27.77 24.93
N ARG D 396 15.13 -28.64 24.47
CA ARG D 396 14.75 -29.81 23.67
C ARG D 396 13.92 -29.42 22.45
N PRO D 397 14.42 -28.55 21.60
CA PRO D 397 13.60 -28.07 20.49
C PRO D 397 13.46 -29.12 19.40
N SER D 398 12.26 -29.18 18.82
CA SER D 398 12.01 -30.13 17.75
C SER D 398 12.65 -29.63 16.47
N LEU D 399 12.79 -30.55 15.51
CA LEU D 399 13.48 -30.21 14.28
C LEU D 399 12.70 -29.18 13.47
N LYS D 400 11.37 -29.27 13.49
CA LYS D 400 10.55 -28.39 12.67
C LYS D 400 10.72 -26.93 13.06
N SER D 401 10.78 -26.67 14.36
CA SER D 401 10.96 -25.34 14.91
C SER D 401 12.37 -25.10 15.39
N LEU D 402 13.34 -25.88 14.91
CA LEU D 402 14.71 -25.69 15.37
C LEU D 402 15.24 -24.33 14.96
N PHE D 403 14.95 -23.91 13.74
CA PHE D 403 15.41 -22.63 13.22
C PHE D 403 14.40 -21.52 13.40
N VAL D 404 13.11 -21.85 13.45
CA VAL D 404 12.09 -20.82 13.51
C VAL D 404 12.23 -20.03 14.80
N ASP D 405 12.49 -20.71 15.90
CA ASP D 405 12.99 -20.11 17.13
C ASP D 405 14.45 -20.53 17.29
N SER D 406 15.13 -19.94 18.26
CA SER D 406 16.51 -20.31 18.58
C SER D 406 17.48 -20.09 17.44
N TYR D 407 17.21 -19.12 16.58
CA TYR D 407 18.14 -18.79 15.51
C TYR D 407 19.47 -18.31 16.09
N SER D 408 19.39 -17.46 17.11
CA SER D 408 20.59 -16.86 17.67
C SER D 408 21.49 -17.89 18.35
N GLU D 409 20.90 -18.83 19.08
CA GLU D 409 21.71 -19.83 19.74
C GLU D 409 22.38 -20.72 18.73
N ILE D 410 21.71 -21.00 17.62
CA ILE D 410 22.31 -21.80 16.58
C ILE D 410 23.54 -21.10 16.02
N LEU D 411 23.44 -19.80 15.77
CA LEU D 411 24.58 -19.12 15.18
C LEU D 411 25.74 -19.00 16.17
N PHE D 412 25.47 -18.73 17.43
CA PHE D 412 26.56 -18.70 18.40
C PHE D 412 27.20 -20.08 18.54
N PHE D 413 26.38 -21.14 18.50
CA PHE D 413 26.92 -22.48 18.60
C PHE D 413 27.81 -22.80 17.41
N VAL D 414 27.39 -22.41 16.21
CA VAL D 414 28.17 -22.71 15.02
C VAL D 414 29.50 -21.98 15.04
N GLN D 415 29.50 -20.74 15.54
CA GLN D 415 30.75 -20.02 15.75
C GLN D 415 31.69 -20.81 16.62
N SER D 416 31.18 -21.33 17.74
CA SER D 416 32.05 -22.09 18.61
C SER D 416 32.53 -23.38 17.95
N LEU D 417 31.71 -24.00 17.13
CA LEU D 417 32.14 -25.22 16.44
C LEU D 417 33.29 -24.92 15.50
N PHE D 418 33.22 -23.81 14.77
CA PHE D 418 34.34 -23.43 13.92
C PHE D 418 35.59 -23.20 14.74
N MET D 419 35.45 -22.59 15.91
CA MET D 419 36.63 -22.38 16.75
C MET D 419 37.24 -23.71 17.19
N LEU D 420 36.41 -24.67 17.59
CA LEU D 420 36.97 -25.93 18.08
C LEU D 420 37.60 -26.72 16.95
N VAL D 421 36.99 -26.73 15.78
CA VAL D 421 37.59 -27.41 14.63
C VAL D 421 38.90 -26.75 14.27
N SER D 422 38.98 -25.43 14.43
CA SER D 422 40.24 -24.74 14.20
C SER D 422 41.31 -25.22 15.18
N VAL D 423 40.95 -25.38 16.45
CA VAL D 423 41.94 -25.83 17.43
C VAL D 423 42.42 -27.23 17.09
N VAL D 424 41.49 -28.10 16.71
CA VAL D 424 41.83 -29.48 16.38
C VAL D 424 42.78 -29.53 15.20
N LEU D 425 42.50 -28.76 14.16
CA LEU D 425 43.41 -28.71 13.02
C LEU D 425 44.73 -28.05 13.40
N TYR D 426 44.71 -27.09 14.32
CA TYR D 426 45.93 -26.41 14.70
C TYR D 426 46.91 -27.36 15.34
N PHE D 427 46.47 -28.10 16.36
CA PHE D 427 47.39 -29.05 16.98
C PHE D 427 47.63 -30.28 16.12
N SER D 428 46.76 -30.56 15.16
CA SER D 428 46.98 -31.65 14.21
C SER D 428 47.97 -31.30 13.11
N GLN D 429 48.61 -30.14 13.17
CA GLN D 429 49.68 -29.80 12.23
C GLN D 429 49.14 -29.70 10.80
N ARG D 430 48.13 -28.86 10.64
CA ARG D 430 47.60 -28.51 9.34
C ARG D 430 47.43 -27.01 9.29
N LYS D 431 47.97 -26.38 8.25
CA LYS D 431 47.76 -24.95 8.04
C LYS D 431 46.30 -24.60 7.83
N GLU D 432 45.47 -25.57 7.42
CA GLU D 432 44.09 -25.32 7.10
C GLU D 432 43.24 -24.91 8.30
N TYR D 433 43.80 -24.91 9.51
CA TYR D 433 43.12 -24.28 10.63
C TYR D 433 42.79 -22.83 10.34
N VAL D 434 43.61 -22.14 9.54
CA VAL D 434 43.32 -20.77 9.16
C VAL D 434 41.98 -20.70 8.48
N ALA D 435 41.68 -21.66 7.61
CA ALA D 435 40.43 -21.66 6.89
C ALA D 435 39.25 -21.78 7.83
N SER D 436 39.40 -22.50 8.93
CA SER D 436 38.31 -22.55 9.89
C SER D 436 38.24 -21.26 10.67
N MET D 437 39.40 -20.75 11.08
CA MET D 437 39.46 -19.65 12.02
C MET D 437 38.78 -18.41 11.48
N VAL D 438 39.03 -18.09 10.21
CA VAL D 438 38.48 -16.89 9.62
C VAL D 438 36.97 -16.95 9.57
N PHE D 439 36.41 -18.15 9.39
CA PHE D 439 34.95 -18.24 9.37
C PHE D 439 34.39 -17.87 10.72
N SER D 440 35.03 -18.37 11.78
CA SER D 440 34.61 -18.00 13.11
C SER D 440 34.73 -16.50 13.31
N LEU D 441 35.81 -15.91 12.79
CA LEU D 441 36.04 -14.49 12.94
C LEU D 441 34.92 -13.70 12.28
N ALA D 442 34.54 -14.11 11.06
CA ALA D 442 33.46 -13.42 10.37
C ALA D 442 32.18 -13.55 11.14
N MET D 443 31.87 -14.75 11.62
CA MET D 443 30.62 -14.95 12.35
C MET D 443 30.64 -14.18 13.63
N GLY D 444 31.82 -14.08 14.26
CA GLY D 444 31.92 -13.40 15.52
C GLY D 444 31.52 -11.96 15.44
N TRP D 445 31.79 -11.31 14.31
CA TRP D 445 31.40 -9.92 14.21
C TRP D 445 29.92 -9.81 13.94
N THR D 446 29.37 -10.63 13.07
CA THR D 446 27.98 -10.42 12.70
C THR D 446 27.03 -10.80 13.82
N ASN D 447 27.45 -11.66 14.73
CA ASN D 447 26.64 -11.97 15.88
C ASN D 447 26.53 -10.82 16.85
N MET D 448 27.25 -9.71 16.64
CA MET D 448 26.95 -8.50 17.36
C MET D 448 25.51 -8.08 17.19
N LEU D 449 24.90 -8.40 16.06
CA LEU D 449 23.50 -8.05 15.85
C LEU D 449 22.58 -8.74 16.83
N TYR D 450 23.02 -9.76 17.54
CA TYR D 450 22.20 -10.29 18.62
C TYR D 450 21.93 -9.25 19.67
N TYR D 451 22.89 -8.38 19.95
CA TYR D 451 22.75 -7.41 21.03
C TYR D 451 21.97 -6.18 20.62
N THR D 452 21.61 -6.03 19.36
CA THR D 452 20.75 -4.92 18.97
C THR D 452 19.31 -5.15 19.37
N ARG D 453 18.89 -6.40 19.51
CA ARG D 453 17.55 -6.67 19.99
C ARG D 453 17.47 -6.23 21.43
N GLY D 454 16.27 -5.87 21.86
CA GLY D 454 16.09 -5.25 23.16
C GLY D 454 16.14 -3.74 23.13
N PHE D 455 16.64 -3.15 22.05
CA PHE D 455 16.48 -1.74 21.75
C PHE D 455 15.22 -1.60 20.91
N GLN D 456 14.45 -0.54 21.15
CA GLN D 456 13.22 -0.38 20.40
C GLN D 456 13.49 -0.15 18.93
N GLN D 457 14.45 0.72 18.60
CA GLN D 457 14.65 1.10 17.22
C GLN D 457 15.62 0.18 16.48
N MET D 458 16.76 -0.12 17.08
CA MET D 458 17.75 -0.91 16.38
C MET D 458 17.37 -2.38 16.32
N GLY D 459 16.46 -2.85 17.16
CA GLY D 459 16.14 -4.26 17.18
C GLY D 459 15.45 -4.76 15.93
N ILE D 460 14.96 -3.86 15.09
CA ILE D 460 14.21 -4.29 13.93
C ILE D 460 15.12 -4.93 12.88
N TYR D 461 16.38 -4.53 12.81
CA TYR D 461 17.22 -4.97 11.70
C TYR D 461 17.60 -6.44 11.84
N ALA D 462 17.90 -6.89 13.04
CA ALA D 462 18.24 -8.30 13.22
C ALA D 462 17.04 -9.19 12.92
N VAL D 463 15.85 -8.73 13.29
CA VAL D 463 14.65 -9.50 13.04
C VAL D 463 14.40 -9.60 11.55
N MET D 464 14.56 -8.49 10.83
CA MET D 464 14.34 -8.52 9.40
C MET D 464 15.34 -9.44 8.72
N ILE D 465 16.60 -9.41 9.14
CA ILE D 465 17.61 -10.24 8.49
C ILE D 465 17.30 -11.72 8.71
N GLU D 466 16.92 -12.06 9.93
CA GLU D 466 16.55 -13.44 10.25
C GLU D 466 15.41 -13.91 9.37
N LYS D 467 14.33 -13.12 9.30
CA LYS D 467 13.16 -13.58 8.55
C LYS D 467 13.47 -13.67 7.07
N MET D 468 14.23 -12.73 6.54
CA MET D 468 14.52 -12.80 5.11
C MET D 468 15.38 -14.00 4.77
N ILE D 469 16.39 -14.32 5.58
CA ILE D 469 17.20 -15.50 5.28
C ILE D 469 16.37 -16.77 5.41
N LEU D 470 15.59 -16.90 6.49
CA LEU D 470 14.92 -18.17 6.72
C LEU D 470 13.76 -18.39 5.80
N ARG D 471 13.09 -17.33 5.36
CA ARG D 471 11.95 -17.46 4.46
C ARG D 471 12.33 -17.24 3.00
N ASP D 472 12.77 -16.04 2.66
CA ASP D 472 12.75 -15.62 1.27
C ASP D 472 13.90 -16.20 0.48
N LEU D 473 15.13 -16.08 0.96
CA LEU D 473 16.24 -16.65 0.21
C LEU D 473 16.13 -18.16 0.17
N CYS D 474 15.67 -18.78 1.23
CA CYS D 474 15.64 -20.23 1.25
C CYS D 474 14.58 -20.78 0.30
N ARG D 475 13.44 -20.13 0.19
CA ARG D 475 12.49 -20.55 -0.83
C ARG D 475 12.99 -20.23 -2.22
N PHE D 476 13.61 -19.07 -2.40
CA PHE D 476 14.05 -18.63 -3.71
C PHE D 476 15.25 -19.43 -4.23
N MET D 477 15.99 -20.07 -3.33
CA MET D 477 17.21 -20.76 -3.71
C MET D 477 16.94 -21.85 -4.72
N PHE D 478 15.87 -22.60 -4.52
CA PHE D 478 15.62 -23.72 -5.42
C PHE D 478 15.24 -23.24 -6.81
N VAL D 479 14.43 -22.19 -6.89
CA VAL D 479 14.02 -21.65 -8.17
C VAL D 479 15.23 -21.13 -8.93
N TYR D 480 16.08 -20.37 -8.26
CA TYR D 480 17.24 -19.82 -8.94
C TYR D 480 18.18 -20.91 -9.38
N LEU D 481 18.34 -21.95 -8.57
CA LEU D 481 19.27 -23.02 -8.94
C LEU D 481 18.75 -23.83 -10.09
N VAL D 482 17.43 -23.99 -10.22
CA VAL D 482 16.88 -24.63 -11.40
C VAL D 482 17.29 -23.88 -12.65
N PHE D 483 17.11 -22.55 -12.63
CA PHE D 483 17.51 -21.76 -13.80
C PHE D 483 19.00 -21.82 -14.06
N LEU D 484 19.79 -21.70 -13.00
CA LEU D 484 21.24 -21.62 -13.18
C LEU D 484 21.78 -22.92 -13.72
N PHE D 485 21.39 -24.04 -13.13
CA PHE D 485 21.92 -25.32 -13.60
C PHE D 485 21.42 -25.63 -15.00
N GLY D 486 20.19 -25.21 -15.33
CA GLY D 486 19.73 -25.40 -16.69
C GLY D 486 20.58 -24.71 -17.72
N PHE D 487 20.77 -23.41 -17.57
CA PHE D 487 21.51 -22.71 -18.61
C PHE D 487 23.00 -23.00 -18.53
N SER D 488 23.52 -23.34 -17.36
CA SER D 488 24.93 -23.69 -17.26
C SER D 488 25.22 -24.96 -18.02
N THR D 489 24.38 -25.97 -17.86
CA THR D 489 24.58 -27.22 -18.60
C THR D 489 24.40 -27.02 -20.09
N ALA D 490 23.42 -26.22 -20.49
CA ALA D 490 23.24 -25.95 -21.92
C ALA D 490 24.46 -25.27 -22.52
N VAL D 491 24.97 -24.24 -21.86
CA VAL D 491 26.11 -23.50 -22.40
C VAL D 491 27.33 -24.40 -22.45
N VAL D 492 27.58 -25.18 -21.40
CA VAL D 492 28.79 -25.99 -21.36
C VAL D 492 28.73 -27.08 -22.41
N THR D 493 27.56 -27.66 -22.63
CA THR D 493 27.41 -28.63 -23.70
C THR D 493 27.69 -28.00 -25.04
N LEU D 494 27.23 -26.77 -25.24
CA LEU D 494 27.39 -26.14 -26.54
C LEU D 494 28.85 -25.86 -26.84
N ILE D 495 29.59 -25.40 -25.86
CA ILE D 495 30.98 -25.01 -26.06
C ILE D 495 31.88 -26.23 -26.02
N GLU D 496 32.88 -26.24 -26.90
CA GLU D 496 33.91 -27.26 -26.96
C GLU D 496 35.24 -26.55 -26.78
N ASP D 497 35.87 -26.73 -25.62
CA ASP D 497 37.21 -26.21 -25.36
C ASP D 497 37.27 -24.70 -25.46
N GLY D 498 36.76 -24.04 -24.42
CA GLY D 498 36.93 -22.61 -24.25
C GLY D 498 37.13 -22.29 -22.79
N LYS D 499 36.87 -21.05 -22.40
CA LYS D 499 36.78 -20.71 -20.99
C LYS D 499 35.42 -21.03 -20.39
N TYR D 500 34.42 -21.28 -21.23
CA TYR D 500 33.10 -21.72 -20.81
C TYR D 500 32.93 -23.23 -20.84
N ASN D 501 33.95 -24.01 -21.21
CA ASN D 501 33.87 -25.47 -21.16
C ASN D 501 34.30 -25.97 -19.79
N SER D 502 33.56 -25.55 -18.79
CA SER D 502 33.82 -25.96 -17.42
C SER D 502 32.62 -25.56 -16.58
N LEU D 503 32.06 -26.47 -15.82
CA LEU D 503 30.86 -26.13 -15.06
C LEU D 503 31.14 -25.11 -13.99
N TYR D 504 32.35 -25.14 -13.42
CA TYR D 504 32.67 -24.21 -12.34
C TYR D 504 32.73 -22.78 -12.87
N SER D 505 33.51 -22.56 -13.92
CA SER D 505 33.64 -21.22 -14.47
C SER D 505 32.34 -20.74 -15.05
N THR D 506 31.61 -21.62 -15.72
CA THR D 506 30.34 -21.21 -16.32
C THR D 506 29.32 -20.86 -15.26
N CYS D 507 29.25 -21.62 -14.18
CA CYS D 507 28.32 -21.29 -13.10
C CYS D 507 28.67 -19.96 -12.48
N LEU D 508 29.97 -19.68 -12.32
CA LEU D 508 30.38 -18.38 -11.80
C LEU D 508 29.94 -17.26 -12.73
N GLU D 509 30.16 -17.43 -14.03
CA GLU D 509 29.84 -16.37 -14.98
C GLU D 509 28.36 -16.07 -15.00
N LEU D 510 27.55 -17.11 -15.02
CA LEU D 510 26.12 -16.88 -15.03
C LEU D 510 25.65 -16.27 -13.72
N PHE D 511 26.30 -16.63 -12.60
CA PHE D 511 25.91 -16.02 -11.34
C PHE D 511 26.21 -14.53 -11.35
N LYS D 512 27.39 -14.15 -11.84
CA LYS D 512 27.72 -12.74 -11.97
C LYS D 512 26.71 -12.03 -12.85
N PHE D 513 26.25 -12.68 -13.92
CA PHE D 513 25.23 -12.06 -14.75
C PHE D 513 23.96 -11.81 -13.98
N THR D 514 23.61 -12.70 -13.05
CA THR D 514 22.39 -12.52 -12.28
C THR D 514 22.41 -11.23 -11.47
N ILE D 515 23.54 -10.91 -10.85
CA ILE D 515 23.65 -9.74 -10.00
C ILE D 515 24.23 -8.55 -10.77
N GLY D 516 24.22 -8.59 -12.10
CA GLY D 516 24.49 -7.41 -12.89
C GLY D 516 25.94 -6.99 -12.97
N MET D 517 26.87 -7.94 -13.03
CA MET D 517 28.28 -7.60 -13.19
C MET D 517 28.97 -8.61 -14.08
N GLY D 518 28.32 -8.99 -15.16
CA GLY D 518 28.92 -9.81 -16.20
C GLY D 518 29.60 -8.94 -17.23
N ASP D 519 29.79 -9.50 -18.43
CA ASP D 519 30.39 -8.78 -19.55
C ASP D 519 29.48 -8.67 -20.76
N LEU D 520 28.97 -9.77 -21.32
CA LEU D 520 28.39 -9.79 -22.66
C LEU D 520 29.36 -9.22 -23.69
N GLU D 521 30.57 -9.77 -23.73
CA GLU D 521 31.57 -9.45 -24.76
C GLU D 521 31.69 -10.62 -25.71
N PHE D 522 31.03 -10.50 -26.87
CA PHE D 522 31.06 -11.55 -27.90
C PHE D 522 32.11 -11.24 -28.96
N THR D 523 33.36 -11.12 -28.49
CA THR D 523 34.49 -10.95 -29.39
C THR D 523 35.10 -12.27 -29.84
N GLU D 524 34.71 -13.39 -29.25
CA GLU D 524 35.24 -14.68 -29.61
C GLU D 524 34.51 -15.23 -30.83
N ASN D 525 35.19 -16.15 -31.51
CA ASN D 525 34.84 -16.62 -32.85
C ASN D 525 34.79 -18.14 -32.87
N TYR D 526 33.86 -18.66 -32.09
CA TYR D 526 33.57 -20.09 -31.99
C TYR D 526 32.34 -20.39 -32.85
N ASP D 527 32.06 -21.65 -33.08
CA ASP D 527 30.86 -21.97 -33.84
C ASP D 527 29.66 -21.76 -32.92
N PHE D 528 28.47 -21.74 -33.53
CA PHE D 528 27.22 -21.56 -32.80
C PHE D 528 27.21 -20.27 -31.99
N LYS D 529 27.77 -19.21 -32.55
CA LYS D 529 27.78 -17.94 -31.86
C LYS D 529 26.37 -17.40 -31.68
N ALA D 530 25.52 -17.59 -32.67
CA ALA D 530 24.14 -17.10 -32.57
C ALA D 530 23.40 -17.80 -31.45
N VAL D 531 23.59 -19.11 -31.31
CA VAL D 531 22.88 -19.84 -30.28
C VAL D 531 23.39 -19.45 -28.91
N PHE D 532 24.69 -19.27 -28.80
CA PHE D 532 25.28 -18.81 -27.55
C PHE D 532 24.72 -17.46 -27.14
N ILE D 533 24.61 -16.54 -28.08
CA ILE D 533 24.08 -15.21 -27.77
C ILE D 533 22.62 -15.29 -27.35
N ILE D 534 21.83 -16.08 -28.06
CA ILE D 534 20.41 -16.17 -27.71
C ILE D 534 20.24 -16.77 -26.33
N LEU D 535 21.02 -17.80 -26.00
CA LEU D 535 20.93 -18.40 -24.68
C LEU D 535 21.31 -17.42 -23.59
N LEU D 536 22.38 -16.67 -23.77
CA LEU D 536 22.78 -15.74 -22.73
C LEU D 536 21.80 -14.60 -22.58
N LEU D 537 21.28 -14.07 -23.69
CA LEU D 537 20.32 -12.98 -23.54
C LEU D 537 19.04 -13.47 -22.88
N ALA D 538 18.59 -14.68 -23.21
CA ALA D 538 17.42 -15.22 -22.53
C ALA D 538 17.69 -15.39 -21.06
N TYR D 539 18.89 -15.84 -20.70
CA TYR D 539 19.24 -15.97 -19.29
C TYR D 539 19.23 -14.62 -18.59
N VAL D 540 19.79 -13.61 -19.24
CA VAL D 540 19.92 -12.31 -18.59
C VAL D 540 18.56 -11.67 -18.41
N ILE D 541 17.67 -11.81 -19.39
CA ILE D 541 16.33 -11.27 -19.22
C ILE D 541 15.58 -12.03 -18.15
N LEU D 542 15.76 -13.34 -18.10
CA LEU D 542 14.95 -14.13 -17.17
C LEU D 542 15.42 -13.99 -15.73
N THR D 543 16.71 -13.85 -15.50
CA THR D 543 17.24 -13.83 -14.14
C THR D 543 17.57 -12.45 -13.62
N TYR D 544 18.25 -11.62 -14.40
CA TYR D 544 18.58 -10.30 -13.89
C TYR D 544 17.34 -9.43 -13.81
N ILE D 545 16.48 -9.49 -14.81
CA ILE D 545 15.32 -8.61 -14.85
C ILE D 545 14.14 -9.21 -14.11
N LEU D 546 13.77 -10.44 -14.42
CA LEU D 546 12.51 -10.97 -13.91
C LEU D 546 12.64 -11.55 -12.50
N LEU D 547 13.49 -12.56 -12.32
CA LEU D 547 13.53 -13.27 -11.05
C LEU D 547 14.08 -12.41 -9.93
N LEU D 548 15.13 -11.65 -10.19
CA LEU D 548 15.75 -10.87 -9.13
C LEU D 548 14.79 -9.82 -8.61
N ASN D 549 14.08 -9.16 -9.50
CA ASN D 549 13.13 -8.17 -9.03
C ASN D 549 11.91 -8.81 -8.39
N MET D 550 11.57 -10.03 -8.76
CA MET D 550 10.56 -10.76 -8.01
C MET D 550 11.00 -10.98 -6.57
N LEU D 551 12.25 -11.41 -6.38
CA LEU D 551 12.77 -11.61 -5.03
C LEU D 551 12.76 -10.31 -4.25
N ILE D 552 13.12 -9.22 -4.90
CA ILE D 552 13.22 -7.96 -4.19
C ILE D 552 11.84 -7.47 -3.80
N ALA D 553 10.84 -7.69 -4.65
CA ALA D 553 9.49 -7.31 -4.27
C ALA D 553 8.99 -8.13 -3.07
N LEU D 554 9.29 -9.42 -3.05
CA LEU D 554 8.85 -10.23 -1.91
C LEU D 554 9.55 -9.82 -0.63
N MET D 555 10.86 -9.59 -0.70
CA MET D 555 11.59 -9.11 0.46
C MET D 555 11.07 -7.77 0.92
N GLY D 556 10.71 -6.90 -0.02
CA GLY D 556 10.17 -5.62 0.35
C GLY D 556 8.87 -5.74 1.11
N GLU D 557 8.01 -6.67 0.69
CA GLU D 557 6.76 -6.84 1.42
C GLU D 557 7.00 -7.44 2.80
N THR D 558 7.96 -8.35 2.93
CA THR D 558 8.31 -8.86 4.25
C THR D 558 8.79 -7.74 5.16
N VAL D 559 9.59 -6.82 4.62
CA VAL D 559 10.09 -5.69 5.40
C VAL D 559 8.94 -4.79 5.80
N ASN D 560 7.98 -4.57 4.92
CA ASN D 560 6.82 -3.75 5.28
C ASN D 560 5.89 -4.45 6.24
N LYS D 561 5.89 -5.78 6.24
CA LYS D 561 4.99 -6.52 7.11
C LYS D 561 5.32 -6.26 8.55
N ILE D 562 6.60 -6.28 8.89
CA ILE D 562 7.06 -6.24 10.27
C ILE D 562 7.69 -4.91 10.62
N ALA D 563 7.48 -3.89 9.81
CA ALA D 563 7.89 -2.56 10.24
C ALA D 563 6.98 -2.05 11.32
N GLN D 564 5.68 -2.32 11.21
CA GLN D 564 4.73 -1.81 12.18
C GLN D 564 4.58 -2.70 13.41
N GLU D 565 5.12 -3.91 13.39
CA GLU D 565 5.11 -4.80 14.55
C GLU D 565 6.31 -4.60 15.47
N SER D 566 7.02 -3.48 15.33
CA SER D 566 8.29 -3.30 16.05
C SER D 566 8.11 -3.28 17.55
N LYS D 567 7.04 -2.62 18.01
CA LYS D 567 6.84 -2.41 19.43
C LYS D 567 6.68 -3.73 20.16
N ASN D 568 6.00 -4.67 19.53
CA ASN D 568 5.80 -5.98 20.12
C ASN D 568 7.07 -6.80 20.15
N ILE D 569 7.79 -6.80 19.04
CA ILE D 569 8.95 -7.67 18.90
C ILE D 569 10.01 -7.29 19.90
N TRP D 570 10.17 -5.98 20.11
CA TRP D 570 11.10 -5.49 21.10
C TRP D 570 10.77 -6.03 22.49
N LYS D 571 9.50 -5.97 22.88
CA LYS D 571 9.11 -6.39 24.21
C LYS D 571 9.37 -7.87 24.43
N LEU D 572 9.05 -8.69 23.42
CA LEU D 572 9.25 -10.12 23.56
C LEU D 572 10.72 -10.46 23.73
N GLN D 573 11.58 -9.83 22.94
CA GLN D 573 13.00 -10.13 23.07
C GLN D 573 13.55 -9.68 24.41
N ARG D 574 13.06 -8.54 24.90
CA ARG D 574 13.47 -8.07 26.21
C ARG D 574 13.07 -9.05 27.29
N ALA D 575 11.88 -9.64 27.16
CA ALA D 575 11.44 -10.64 28.14
C ALA D 575 12.37 -11.85 28.13
N ILE D 576 12.74 -12.31 26.94
CA ILE D 576 13.61 -13.49 26.87
C ILE D 576 14.96 -13.17 27.49
N THR D 577 15.47 -11.97 27.24
CA THR D 577 16.73 -11.56 27.84
C THR D 577 16.64 -11.55 29.35
N ILE D 578 15.52 -11.07 29.90
CA ILE D 578 15.39 -10.97 31.35
C ILE D 578 15.38 -12.36 31.97
N LEU D 579 14.65 -13.28 31.35
CA LEU D 579 14.61 -14.63 31.90
C LEU D 579 15.98 -15.28 31.86
N ASP D 580 16.70 -15.11 30.76
CA ASP D 580 18.01 -15.74 30.67
C ASP D 580 18.98 -15.12 31.65
N THR D 581 18.88 -13.81 31.90
CA THR D 581 19.70 -13.17 32.91
C THR D 581 19.39 -13.73 34.28
N GLU D 582 18.12 -13.96 34.56
CA GLU D 582 17.75 -14.55 35.84
C GLU D 582 18.31 -15.95 36.00
N LYS D 583 18.38 -16.71 34.90
CA LYS D 583 18.73 -18.12 35.02
C LYS D 583 20.16 -18.33 35.47
N SER D 584 21.10 -17.54 34.94
CA SER D 584 22.52 -17.73 35.28
C SER D 584 22.94 -16.82 36.44
N PHE D 585 22.99 -15.52 36.19
CA PHE D 585 23.14 -14.45 37.19
C PHE D 585 24.51 -14.32 37.86
N LEU D 586 25.36 -15.35 37.78
CA LEU D 586 26.80 -15.33 38.12
C LEU D 586 27.10 -14.71 39.50
N LYS D 587 26.17 -14.82 40.44
CA LYS D 587 26.43 -14.47 41.83
C LYS D 587 25.83 -15.45 42.84
N CYS D 588 25.10 -16.48 42.39
CA CYS D 588 24.41 -17.47 43.20
C CYS D 588 23.21 -16.90 43.96
N MET D 589 22.92 -15.60 43.86
CA MET D 589 21.81 -14.99 44.55
C MET D 589 20.60 -14.98 43.64
N ARG D 590 19.42 -15.01 44.25
CA ARG D 590 18.15 -14.97 43.54
C ARG D 590 17.21 -13.98 44.22
N LYS D 591 17.72 -12.78 44.45
CA LYS D 591 16.90 -11.65 44.89
C LYS D 591 16.22 -11.02 43.67
N ALA D 592 15.31 -11.80 43.09
CA ALA D 592 14.53 -11.40 41.93
C ALA D 592 13.11 -10.98 42.29
N PHE D 593 12.78 -10.90 43.57
CA PHE D 593 11.44 -10.51 43.95
C PHE D 593 11.25 -9.01 43.76
N ARG D 594 10.00 -8.59 43.69
CA ARG D 594 9.68 -7.18 43.45
C ARG D 594 9.31 -6.43 44.73
N SER D 595 8.08 -6.60 45.22
CA SER D 595 7.63 -5.93 46.43
C SER D 595 7.58 -6.95 47.54
N GLY D 596 7.33 -6.46 48.74
CA GLY D 596 7.59 -7.26 49.91
C GLY D 596 6.63 -8.40 50.04
N LYS D 597 6.88 -9.23 51.04
CA LYS D 597 6.01 -10.36 51.35
C LYS D 597 4.77 -9.83 52.08
N LEU D 598 3.92 -9.16 51.31
CA LEU D 598 2.81 -8.40 51.87
C LEU D 598 1.62 -9.30 52.13
N LEU D 599 0.88 -8.95 53.19
CA LEU D 599 -0.44 -9.50 53.43
C LEU D 599 -1.46 -8.69 52.65
N GLN D 600 -2.23 -9.36 51.80
CA GLN D 600 -3.22 -8.67 50.96
C GLN D 600 -4.53 -8.59 51.75
N VAL D 601 -5.08 -9.74 52.09
CA VAL D 601 -6.35 -9.84 52.77
C VAL D 601 -6.03 -10.19 54.21
N GLY D 602 -5.31 -11.29 54.40
CA GLY D 602 -5.07 -11.82 55.73
C GLY D 602 -6.24 -12.59 56.31
N PHE D 603 -7.30 -12.83 55.53
CA PHE D 603 -8.52 -13.46 56.01
C PHE D 603 -8.80 -14.63 55.07
N THR D 604 -8.24 -15.77 55.43
CA THR D 604 -8.49 -17.01 54.72
C THR D 604 -9.86 -17.52 55.12
N PRO D 605 -10.32 -18.64 54.54
CA PRO D 605 -11.47 -19.33 55.14
C PRO D 605 -11.26 -19.68 56.60
N ASP D 606 -10.04 -20.08 56.95
CA ASP D 606 -9.66 -20.41 58.31
C ASP D 606 -9.03 -19.19 58.98
N GLY D 607 -8.52 -19.37 60.20
CA GLY D 607 -8.04 -18.26 60.99
C GLY D 607 -6.65 -17.76 60.66
N LYS D 608 -6.02 -18.28 59.62
CA LYS D 608 -4.70 -17.85 59.22
C LYS D 608 -4.78 -16.60 58.35
N ASP D 609 -3.61 -16.06 58.04
CA ASP D 609 -3.45 -14.94 57.14
C ASP D 609 -2.56 -15.35 55.98
N ASP D 610 -2.76 -14.71 54.83
CA ASP D 610 -2.00 -14.97 53.61
C ASP D 610 -1.01 -13.84 53.39
N TYR D 611 0.25 -14.20 53.22
CA TYR D 611 1.28 -13.32 52.67
C TYR D 611 1.69 -13.89 51.32
N ARG D 612 1.67 -13.06 50.28
CA ARG D 612 1.58 -13.55 48.91
C ARG D 612 2.66 -13.05 47.95
N TRP D 613 3.61 -12.23 48.39
CA TRP D 613 4.53 -11.53 47.48
C TRP D 613 3.74 -10.71 46.45
N CYS D 614 2.93 -9.78 46.93
CA CYS D 614 2.17 -8.96 46.01
C CYS D 614 3.09 -7.95 45.33
N PHE D 615 2.55 -7.20 44.37
CA PHE D 615 3.28 -6.20 43.61
C PHE D 615 2.38 -4.98 43.41
N ARG D 616 2.84 -3.82 43.84
CA ARG D 616 2.04 -2.60 43.79
C ARG D 616 2.16 -1.95 42.43
N VAL D 617 1.02 -1.55 41.86
CA VAL D 617 0.98 -0.84 40.59
C VAL D 617 -0.03 0.29 40.72
N ASP D 618 0.39 1.50 40.33
CA ASP D 618 -0.49 2.66 40.23
C ASP D 618 -0.67 2.99 38.75
N GLU D 619 -1.91 2.95 38.29
CA GLU D 619 -2.27 3.12 36.89
C GLU D 619 -3.09 4.38 36.70
N VAL D 620 -2.97 4.95 35.51
CA VAL D 620 -3.69 6.16 35.11
C VAL D 620 -4.62 5.80 33.96
N ASN D 621 -5.87 6.24 34.06
CA ASN D 621 -6.87 6.00 33.03
C ASN D 621 -7.73 7.25 32.91
N TRP D 622 -7.77 7.81 31.71
CA TRP D 622 -8.48 9.06 31.45
C TRP D 622 -9.90 8.83 30.94
N THR D 623 -10.52 7.72 31.31
CA THR D 623 -11.92 7.51 30.98
C THR D 623 -12.77 8.47 31.80
N THR D 624 -13.60 9.25 31.11
CA THR D 624 -14.44 10.28 31.71
C THR D 624 -13.59 11.38 32.39
CBT 6EU E . 3.83 11.85 -29.10
OAH 6EU E . 3.43 10.77 -28.26
CBQ 6EU E . 4.19 10.48 -27.16
CBO 6EU E . 5.57 10.47 -27.30
CBS 6EU E . 3.61 10.20 -25.94
OAI 6EU E . 2.26 10.21 -25.82
CBR 6EU E . 4.41 9.91 -24.85
CBP 6EU E . 5.80 9.91 -24.98
CBN 6EU E . 6.37 10.19 -26.21
CBM 6EU E . 7.87 10.20 -26.39
CBK 6EU E . 8.57 9.25 -25.46
OAG 6EU E . 7.97 8.31 -24.96
OAF 6EU E . 9.98 9.42 -25.15
CBC 6EU E . 10.41 10.48 -24.30
CAX 6EU E . 10.80 11.64 -25.19
CAS 6EU E . 10.75 12.87 -24.66
CAK 6EU E . 11.07 14.16 -25.39
CAU 6EU E . 11.19 11.31 -26.62
CAR 6EU E . 12.15 12.32 -27.21
OAD 6EU E . 11.39 13.29 -27.93
CAZ 6EU E . 13.13 11.69 -28.15
OAE 6EU E . 12.86 10.80 -28.95
CBA 6EU E . 14.44 12.28 -27.98
CBF 6EU E . 15.60 12.12 -28.90
CAW 6EU E . 14.43 13.01 -26.86
CAO 6EU E . 13.08 12.95 -26.17
CAJ 6EU E . 12.56 14.30 -25.72
OAA 6EU E . 13.30 14.72 -24.58
CAN 6EU E . 12.71 15.36 -26.81
CAT 6EU E . 14.08 16.03 -26.74
CAP 6EU E . 11.60 16.40 -26.68
CAM 6EU E . 11.24 16.62 -25.21
CAV 6EU E . 10.26 17.75 -25.07
CBB 6EU E . 10.21 18.70 -25.98
CBD 6EU E . 9.33 17.80 -23.89
OAC 6EU E . 12.43 16.86 -24.50
CAL 6EU E . 10.72 15.36 -24.54
OAB 6EU E . 11.47 15.24 -23.34
CAQ 6EU E . 12.75 15.72 -23.72
CAY 6EU E . 13.64 16.03 -22.52
CBE 6EU E . 14.24 14.75 -22.00
CBG 6EU E . 15.46 14.30 -22.49
CBI 6EU E . 16.00 13.11 -22.01
CBL 6EU E . 15.32 12.39 -21.03
CBJ 6EU E . 14.11 12.84 -20.54
CBH 6EU E . 13.56 14.03 -21.03
N 6IY F . 38.71 13.94 -23.36
O 6IY F . 29.44 16.74 -25.35
C1 6IY F . 23.29 17.34 -21.91
C10 6IY F . 34.11 17.51 -25.83
C11 6IY F . 38.81 16.22 -24.23
C12 6IY F . 39.43 15.19 -23.29
C13 6IY F . 32.49 15.76 -23.38
C14 6IY F . 31.62 16.37 -22.27
C15 6IY F . 30.30 15.63 -22.15
C16 6IY F . 29.38 16.37 -21.17
C17 6IY F . 28.66 15.38 -20.24
C18 6IY F . 27.53 16.08 -19.51
C19 6IY F . 26.85 15.12 -18.54
C2 6IY F . 24.50 16.83 -22.69
C20 6IY F . 25.76 15.86 -17.75
C21 6IY F . 24.55 14.96 -17.54
C22 6IY F . 23.45 15.72 -16.82
C23 6IY F . 22.10 15.06 -17.12
C24 6IY F . 21.01 15.41 -16.10
C25 6IY F . 20.22 14.15 -15.75
C26 6IY F . 19.11 14.41 -14.73
C27 6IY F . 18.37 13.11 -14.42
C28 6IY F . 19.19 12.16 -13.54
C3 6IY F . 25.45 17.99 -22.96
C4 6IY F . 26.56 17.58 -23.93
C5 6IY F . 27.43 18.82 -24.18
C6 6IY F . 28.22 18.73 -25.48
C7 6IY F . 29.48 17.92 -25.26
C8 6IY F . 31.74 18.28 -25.77
C9 6IY F . 32.84 17.55 -25.00
O1 6IY F . 30.67 18.57 -24.92
O2 6IY F . 35.20 17.33 -25.00
O3 6IY F . 36.18 15.40 -26.39
O4 6IY F . 37.31 17.34 -26.47
O5 6IY F . 37.42 16.05 -24.23
O6 6IY F . 32.43 16.23 -24.71
O7 6IY F . 33.23 14.87 -23.10
P 6IY F . 36.53 16.53 -25.54
N 6IY G . 47.42 1.17 -0.04
O 6IY G . 40.46 7.51 2.09
C1 6IY G . 34.33 7.78 4.05
C10 6IY G . 44.77 5.64 2.72
C11 6IY G . 47.78 2.98 1.60
C12 6IY G . 48.28 2.27 0.33
C13 6IY G . 42.26 4.23 1.16
C14 6IY G . 41.01 3.93 1.99
C15 6IY G . 39.97 3.27 1.10
C16 6IY G . 38.57 3.88 1.30
C17 6IY G . 37.91 3.45 2.59
C18 6IY G . 36.46 3.11 2.32
C19 6IY G . 35.79 2.73 3.64
C2 6IY G . 35.25 7.28 5.16
C20 6IY G . 34.44 2.08 3.38
C21 6IY G . 33.33 3.09 3.20
C22 6IY G . 32.39 2.99 4.39
C23 6IY G . 31.27 4.02 4.22
C24 6IY G . 30.06 3.69 5.09
C25 6IY G . 28.80 3.70 4.22
C26 6IY G . 27.55 3.38 5.03
C27 6IY G . 26.30 3.53 4.16
C28 6IY G . 26.20 2.45 3.10
C3 6IY G . 36.59 8.00 5.11
C4 6IY G . 37.44 7.57 3.90
C5 6IY G . 38.78 6.92 4.30
C6 6IY G . 39.93 7.93 4.34
C7 6IY G . 40.88 7.75 3.16
C8 6IY G . 43.15 7.52 2.40
C9 6IY G . 43.32 6.01 2.44
O1 6IY G . 42.25 7.91 3.40
O2 6IY G . 45.59 6.02 1.65
O3 6IY G . 45.33 4.69 -0.51
O4 6IY G . 47.43 5.34 -0.01
O5 6IY G . 46.47 3.43 1.42
O6 6IY G . 42.90 5.48 1.20
O7 6IY G . 42.70 3.39 0.45
P 6IY G . 46.21 4.87 0.64
CBT 6EU H . 20.52 23.54 4.65
OAH 6EU H . 19.50 22.94 3.84
CBQ 6EU H . 19.56 21.60 3.57
CBO 6EU H . 20.75 21.04 3.13
CBS 6EU H . 18.44 20.82 3.73
OAI 6EU H . 17.28 21.38 4.16
CBR 6EU H . 18.48 19.46 3.44
CBP 6EU H . 19.67 18.89 3.01
CBN 6EU H . 20.80 19.68 2.84
CBM 6EU H . 22.11 19.07 2.37
CBK 6EU H . 21.88 17.98 1.36
OAG 6EU H . 20.81 17.88 0.77
OAF 6EU H . 22.94 17.05 1.05
CBC 6EU H . 23.36 16.10 2.03
CAX 6EU H . 24.48 16.71 2.84
CAS 6EU H . 24.63 16.29 4.12
CAK 6EU H . 25.67 16.79 5.09
CAU 6EU H . 25.33 17.76 2.17
CAR 6EU H . 26.75 17.80 2.71
OAD 6EU H . 26.82 18.81 3.72
CAZ 6EU H . 27.76 18.11 1.65
OAE 6EU H . 27.60 18.91 0.74
CBA 6EU H . 28.96 17.33 1.87
CBF 6EU H . 30.28 17.56 1.19
CAW 6EU H . 28.69 16.38 2.76
CAO 6EU H . 27.25 16.46 3.22
CAJ 6EU H . 27.07 16.33 4.72
OAA 6EU H . 27.27 14.96 5.10
CAN 6EU H . 28.06 17.19 5.49
CAT 6EU H . 29.39 16.46 5.71
CAP 6EU H . 27.46 17.65 6.82
CAM 6EU H . 26.57 16.56 7.38
CAV 6EU H . 26.10 16.88 8.78
CBB 6EU H . 26.61 17.90 9.42
CBD 6EU H . 25.04 16.03 9.42
OAC 6EU H . 27.29 15.34 7.36
CAL 6EU H . 25.39 16.24 6.47
OAB 6EU H . 25.38 14.82 6.36
CAQ 6EU H . 26.76 14.51 6.35
CAY 6EU H . 27.03 13.02 6.60
CBE 6EU H . 26.79 12.25 5.33
CBG 6EU H . 27.81 12.08 4.41
CBI 6EU H . 27.59 11.35 3.24
CBL 6EU H . 26.35 10.79 3.00
CBJ 6EU H . 25.32 10.95 3.93
CBH 6EU H . 25.54 11.68 5.09
NA NA I . 26.68 -2.30 -12.64
CBT 6EU J . 6.01 -25.69 -17.17
OAH 6EU J . 6.12 -25.00 -15.93
CBQ 6EU J . 6.53 -23.70 -15.90
CBO 6EU J . 7.64 -23.31 -16.63
CBS 6EU J . 5.84 -22.78 -15.14
OAI 6EU J . 4.76 -23.16 -14.42
CBR 6EU J . 6.25 -21.46 -15.12
CBP 6EU J . 7.37 -21.06 -15.85
CBN 6EU J . 8.06 -21.99 -16.61
CBM 6EU J . 9.26 -21.58 -17.43
CBK 6EU J . 10.15 -20.66 -16.63
OAG 6EU J . 9.97 -20.49 -15.44
OAF 6EU J . 11.26 -19.95 -17.27
CBC 6EU J . 10.99 -18.99 -18.29
CAX 6EU J . 10.98 -19.70 -19.62
CAS 6EU J . 10.12 -19.24 -20.55
CAK 6EU J . 9.92 -19.79 -21.94
CAU 6EU J . 11.91 -20.87 -19.81
CAR 6EU J . 12.32 -21.09 -21.26
OAD 6EU J . 11.43 -22.03 -21.86
CAZ 6EU J . 13.72 -21.60 -21.40
OAE 6EU J . 14.24 -22.45 -20.69
CBA 6EU J . 14.38 -20.94 -22.51
CBF 6EU J . 15.69 -21.36 -23.12
CAW 6EU J . 13.63 -19.91 -22.90
CAO 6EU J . 12.39 -19.78 -22.04
CAJ 6EU J . 11.12 -19.55 -22.84
OAA 6EU J . 11.14 -18.20 -23.31
CAN 6EU J . 11.00 -20.48 -24.04
CAT 6EU J . 11.72 -19.92 -25.25
CAP 6EU J . 9.53 -20.77 -24.36
CAM 6EU J . 8.71 -19.52 -24.07
CAV 6EU J . 7.29 -19.67 -24.53
CBB 6EU J . 6.92 -20.74 -25.22
CBD 6EU J . 6.28 -18.60 -24.22
OAC 6EU J . 9.32 -18.41 -24.70
CAL 6EU J . 8.74 -19.11 -22.60
OAB 6EU J . 9.02 -17.72 -22.61
CAQ 6EU J . 9.91 -17.59 -23.71
CAY 6EU J . 10.09 -16.15 -24.15
CBE 6EU J . 11.08 -15.45 -23.24
CBG 6EU J . 12.43 -15.47 -23.53
CBI 6EU J . 13.34 -14.83 -22.69
CBL 6EU J . 12.89 -14.17 -21.55
CBJ 6EU J . 11.52 -14.15 -21.26
CBH 6EU J . 10.62 -14.80 -22.11
N 6IY K . 32.88 -8.34 -36.49
O 6IY K . 23.39 -14.21 -33.97
C1 6IY K . 17.10 -11.91 -30.59
C10 6IY K . 26.93 -11.28 -36.09
C11 6IY K . 30.65 -9.08 -37.07
C12 6IY K . 31.47 -8.01 -36.36
C13 6IY K . 26.29 -9.66 -32.90
C14 6IY K . 24.88 -9.06 -32.74
C15 6IY K . 24.10 -9.46 -31.49
C16 6IY K . 22.70 -8.85 -31.61
C17 6IY K . 22.09 -8.57 -30.24
C18 6IY K . 20.62 -8.18 -30.38
C19 6IY K . 20.13 -7.59 -29.05
C2 6IY K . 18.47 -12.43 -30.17
C20 6IY K . 18.64 -7.29 -29.09
C21 6IY K . 18.07 -7.42 -27.69
C22 6IY K . 16.60 -7.10 -27.68
C23 6IY K . 15.91 -7.92 -26.59
C24 6IY K . 14.50 -7.40 -26.26
C25 6IY K . 14.36 -7.31 -24.74
C26 6IY K . 12.96 -6.85 -24.32
C27 6IY K . 12.80 -6.90 -22.79
C28 6IY K . 13.67 -5.87 -22.09
C3 6IY K . 19.59 -11.88 -31.05
C4 6IY K . 19.90 -12.70 -32.29
C5 6IY K . 21.39 -12.60 -32.62
C6 6IY K . 21.61 -12.73 -34.12
C7 6IY K . 23.04 -13.17 -34.40
C8 6IY K . 25.22 -12.39 -34.61
C9 6IY K . 25.97 -11.10 -34.91
O1 6IY K . 23.93 -12.39 -35.15
O2 6IY K . 28.16 -11.81 -35.66
O3 6IY K . 30.62 -12.30 -36.13
O4 6IY K . 29.42 -11.62 -37.91
O5 6IY K . 29.96 -9.85 -36.12
O6 6IY K . 26.65 -10.77 -33.71
O7 6IY K . 27.18 -9.11 -32.32
P 6IY K . 29.53 -11.40 -36.47
CBT 6EU L . 22.87 -14.05 16.42
OAH 6EU L . 22.16 -12.87 16.05
CBQ 6EU L . 21.86 -12.66 14.73
CBO 6EU L . 22.84 -12.86 13.77
CBS 6EU L . 20.60 -12.24 14.36
OAI 6EU L . 19.65 -12.04 15.31
CBR 6EU L . 20.30 -12.03 13.02
CBP 6EU L . 21.28 -12.24 12.05
CBN 6EU L . 22.55 -12.65 12.43
CBM 6EU L . 23.63 -12.90 11.39
CBK 6EU L . 23.50 -11.98 10.21
OAG 6EU L . 22.85 -10.95 10.27
OAF 6EU L . 24.16 -12.31 8.96
CBC 6EU L . 23.65 -13.37 8.16
CAX 6EU L . 24.39 -14.62 8.55
CAS 6EU L . 23.78 -15.81 8.32
CAK 6EU L . 24.36 -17.16 8.65
CAU 6EU L . 25.76 -14.45 9.16
CAR 6EU L . 26.68 -15.62 8.85
OAD 6EU L . 26.65 -16.53 9.95
CAZ 6EU L . 28.10 -15.17 8.63
OAE 6EU L . 28.66 -14.28 9.26
CBA 6EU L . 28.71 -15.95 7.58
CBF 6EU L . 30.17 -16.01 7.26
CAW 6EU L . 27.74 -16.62 6.94
CAO 6EU L . 26.38 -16.31 7.52
CAJ 6EU L . 25.51 -17.53 7.73
OAA 6EU L . 25.01 -17.95 6.45
CAN 6EU L . 26.27 -18.69 8.36
CAT 6EU L . 26.98 -19.53 7.31
CAP 6EU L . 25.33 -19.56 9.21
CAM 6EU L . 23.95 -19.59 8.55
CAV 6EU L . 23.03 -20.57 9.24
CBB 6EU L . 23.49 -21.36 10.18
CBD 6EU L . 21.59 -20.62 8.85
OAC 6EU L . 24.11 -19.93 7.18
CAL 6EU L . 23.30 -18.23 8.47
OAB 6EU L . 22.84 -18.12 7.14
CAQ 6EU L . 23.86 -18.78 6.40
CAY 6EU L . 23.43 -19.12 4.97
CBE 6EU L . 23.60 -17.91 4.08
CBG 6EU L . 24.79 -17.68 3.41
CBI 6EU L . 24.93 -16.57 2.59
CBL 6EU L . 23.87 -15.69 2.43
CBJ 6EU L . 22.67 -15.92 3.09
CBH 6EU L . 22.54 -17.03 3.92
N 6IY M . 39.63 -22.87 -13.70
O 6IY M . 35.47 -24.14 -4.36
C1 6IY M . 28.38 -21.49 -2.83
C10 6IY M . 37.53 -24.52 -8.14
C11 6IY M . 41.00 -23.80 -11.88
C12 6IY M . 40.92 -23.46 -13.38
C13 6IY M . 35.55 -21.60 -9.11
C14 6IY M . 34.05 -21.95 -9.13
C15 6IY M . 33.23 -21.06 -8.22
C16 6IY M . 31.80 -21.57 -8.23
C17 6IY M . 30.80 -20.42 -8.23
C18 6IY M . 29.46 -20.94 -7.76
C19 6IY M . 28.46 -19.81 -7.87
C2 6IY M . 29.87 -21.46 -3.14
C20 6IY M . 27.08 -20.31 -7.48
C21 6IY M . 26.43 -19.28 -6.58
C22 6IY M . 25.02 -19.76 -6.28
C23 6IY M . 24.55 -19.07 -5.00
C24 6IY M . 23.03 -19.16 -4.85
C25 6IY M . 22.51 -17.76 -4.54
C26 6IY M . 20.99 -17.74 -4.33
C27 6IY M . 20.53 -16.31 -4.07
C28 6IY M . 20.56 -15.45 -5.32
C3 6IY M . 30.27 -22.79 -3.77
C4 6IY M . 31.71 -23.18 -3.48
C5 6IY M . 32.72 -22.47 -4.38
C6 6IY M . 33.47 -23.42 -5.34
C7 6IY M . 34.96 -23.36 -5.08
C8 6IY M . 36.87 -22.79 -6.40
C9 6IY M . 36.53 -23.45 -7.74
O1 6IY M . 35.71 -22.37 -5.73
O2 6IY M . 38.46 -23.89 -8.98
O3 6IY M . 40.09 -25.70 -9.76
O4 6IY M . 38.12 -25.56 -10.89
O5 6IY M . 39.75 -23.61 -11.28
O6 6IY M . 36.59 -22.48 -8.77
O7 6IY M . 35.86 -20.52 -9.48
P 6IY M . 39.12 -24.72 -10.23
#